data_4QOR
#
_entry.id   4QOR
#
_cell.length_a   91.660
_cell.length_b   109.080
_cell.length_c   103.030
_cell.angle_alpha   90.000
_cell.angle_beta   91.900
_cell.angle_gamma   90.000
#
_symmetry.space_group_name_H-M   'P 1 21 1'
#
loop_
_entity.id
_entity.type
_entity.pdbx_description
1 polymer Catalase
2 non-polymer 'PROTOPORPHYRIN IX CONTAINING FE'
3 non-polymer 2-CHLOROPHENOL
4 non-polymer 'CHLORIDE ION'
5 non-polymer 'SODIUM ION'
6 water water
#
_entity_poly.entity_id   1
_entity_poly.type   'polypeptide(L)'
_entity_poly.pdbx_seq_one_letter_code
;MTNSNHKNLTTNQGVPVGDNQNSRTAGHRGPSFLDDYHLIEKLAHFDRERIPERVVHARGAGAYGVFEVENSMEKHTRAA
FLSEEGKQTDVFVRFSTVIHPKGSPETLRDPRGFAVKFYTEEGNYDLVGNNLPIFFIRDALKFPDMVHSLKPDPVTNIQD
PDRYWDFMTLTPESTHMLTWLFSDEGIPANYAEMRGSGVHTFRWVNKYGETKYVKYHWRPSEGIRNLSMEEAAEIQANDF
QHATRDLYDRIEKGNYPAWDLYVQLMPLSDYDELDYDPCDPTKTWSEEDYPLQKVGRMTLNRNPENFFAETEQAAFTPSA
LVPGIEASEDKLLQGRLFSYPDTQRHRLGANYMRIPVNCPYAPVHNNQQDGFMTTTRPSGHINYEPNRYDDQPKENPHYK
ESEPVLHGDRMVRQKIEKPNDFKQAGEKYRSYSEEEKQALIKNLTADLKGVNEKTKLLAICNFYRADEDYGQRLADSLGV
DIRSYLQGSMK
;
_entity_poly.pdbx_strand_id   A,B,C,D
#
loop_
_chem_comp.id
_chem_comp.type
_chem_comp.name
_chem_comp.formula
2CH non-polymer 2-CHLOROPHENOL 'C6 H5 Cl O'
CL non-polymer 'CHLORIDE ION' 'Cl -1'
HEM non-polymer 'PROTOPORPHYRIN IX CONTAINING FE' 'C34 H32 Fe N4 O4'
NA non-polymer 'SODIUM ION' 'Na 1'
#
# COMPACT_ATOMS: atom_id res chain seq x y z
N HIS A 6 -3.30 28.36 25.16
CA HIS A 6 -1.98 28.29 24.45
C HIS A 6 -1.40 26.86 24.41
N LYS A 7 -1.00 26.41 23.22
CA LYS A 7 -0.53 25.05 23.06
C LYS A 7 0.84 25.04 22.36
N ASN A 8 1.69 24.09 22.71
CA ASN A 8 2.89 23.86 21.91
C ASN A 8 2.60 23.12 20.62
N LEU A 9 3.20 23.58 19.57
CA LEU A 9 3.48 22.77 18.41
C LEU A 9 4.49 21.67 18.80
N THR A 10 4.17 20.42 18.48
CA THR A 10 5.01 19.27 18.80
C THR A 10 5.29 18.42 17.60
N THR A 11 6.31 17.59 17.69
CA THR A 11 6.45 16.47 16.73
C THR A 11 5.42 15.41 17.11
N ASN A 12 5.34 14.39 16.29
CA ASN A 12 4.44 13.28 16.54
C ASN A 12 4.90 12.41 17.69
N GLN A 13 6.20 12.59 18.09
CA GLN A 13 6.71 12.04 19.32
C GLN A 13 6.35 12.79 20.58
N GLY A 14 5.69 13.90 20.43
CA GLY A 14 5.28 14.72 21.59
C GLY A 14 6.33 15.64 22.12
N VAL A 15 7.41 15.85 21.37
CA VAL A 15 8.44 16.82 21.75
C VAL A 15 8.03 18.21 21.22
N PRO A 16 7.97 19.22 22.09
CA PRO A 16 7.76 20.57 21.57
C PRO A 16 8.77 21.05 20.56
N VAL A 17 8.28 21.74 19.54
CA VAL A 17 9.10 22.16 18.43
C VAL A 17 9.69 23.55 18.78
N GLY A 18 11.02 23.65 18.78
CA GLY A 18 11.69 24.93 19.09
C GLY A 18 11.64 25.97 17.99
N ASP A 19 11.56 25.52 16.76
CA ASP A 19 11.59 26.41 15.60
C ASP A 19 10.87 25.73 14.45
N ASN A 20 9.66 26.23 14.14
CA ASN A 20 8.87 25.73 13.03
C ASN A 20 9.07 26.55 11.77
N GLN A 21 10.11 27.37 11.74
CA GLN A 21 10.39 28.23 10.56
C GLN A 21 11.62 27.84 9.80
N ASN A 22 12.69 27.52 10.52
CA ASN A 22 14.00 27.29 9.87
C ASN A 22 14.42 25.81 9.93
N SER A 23 14.87 25.33 8.79
CA SER A 23 15.59 24.11 8.68
C SER A 23 16.93 24.23 9.35
N ARG A 24 17.52 23.09 9.62
CA ARG A 24 18.81 23.03 10.33
C ARG A 24 19.94 22.93 9.33
N THR A 25 20.86 23.89 9.40
CA THR A 25 21.78 24.13 8.29
C THR A 25 23.20 24.33 8.78
N ALA A 26 24.14 24.28 7.87
CA ALA A 26 25.54 24.64 8.15
C ALA A 26 25.78 26.14 8.12
N GLY A 27 25.63 26.76 9.27
CA GLY A 27 25.48 28.22 9.32
C GLY A 27 24.19 28.74 8.73
N HIS A 28 24.05 30.06 8.75
CA HIS A 28 22.77 30.69 8.44
C HIS A 28 22.40 30.53 6.96
N ARG A 29 23.37 30.24 6.11
CA ARG A 29 23.03 30.08 4.70
C ARG A 29 23.51 28.79 4.02
N GLY A 30 23.85 27.76 4.79
CA GLY A 30 24.55 26.64 4.21
C GLY A 30 23.53 25.57 3.90
N PRO A 31 24.00 24.44 3.34
CA PRO A 31 23.12 23.35 3.05
C PRO A 31 22.52 22.71 4.30
N SER A 32 21.50 21.87 4.10
CA SER A 32 20.71 21.36 5.18
C SER A 32 21.25 20.02 5.70
N PHE A 33 21.06 19.81 6.99
CA PHE A 33 21.47 18.61 7.68
C PHE A 33 20.39 17.53 7.71
N LEU A 34 20.85 16.28 7.62
CA LEU A 34 19.97 15.13 7.74
C LEU A 34 19.34 15.00 9.11
N ASP A 35 20.08 15.38 10.15
CA ASP A 35 19.59 15.40 11.55
C ASP A 35 18.65 16.59 11.80
N ASP A 36 17.47 16.52 11.20
CA ASP A 36 16.43 17.49 11.42
C ASP A 36 15.15 16.70 11.42
N TYR A 37 14.86 16.09 12.56
CA TYR A 37 13.75 15.20 12.67
C TYR A 37 12.44 15.93 12.36
N HIS A 38 12.28 17.17 12.85
CA HIS A 38 11.02 17.87 12.66
C HIS A 38 10.75 18.11 11.19
N LEU A 39 11.78 18.52 10.46
CA LEU A 39 11.65 18.74 9.02
C LEU A 39 11.28 17.46 8.29
N ILE A 40 12.05 16.40 8.51
CA ILE A 40 11.82 15.15 7.78
C ILE A 40 10.43 14.59 8.15
N GLU A 41 10.06 14.58 9.43
CA GLU A 41 8.78 14.02 9.82
C GLU A 41 7.62 14.79 9.22
N LYS A 42 7.72 16.11 9.23
CA LYS A 42 6.71 16.98 8.71
C LYS A 42 6.60 16.87 7.20
N LEU A 43 7.73 16.89 6.50
CA LEU A 43 7.69 16.68 5.03
C LEU A 43 7.21 15.27 4.67
N ALA A 44 7.68 14.30 5.43
CA ALA A 44 7.31 12.90 5.10
C ALA A 44 5.80 12.68 5.27
N HIS A 45 5.21 13.31 6.26
CA HIS A 45 3.74 13.14 6.41
C HIS A 45 2.97 13.92 5.35
N PHE A 46 3.38 15.14 5.09
CA PHE A 46 2.84 15.91 3.97
C PHE A 46 2.86 15.11 2.66
N ASP A 47 4.01 14.51 2.39
CA ASP A 47 4.24 13.69 1.18
C ASP A 47 3.32 12.48 1.05
N ARG A 48 2.70 12.07 2.14
CA ARG A 48 1.78 10.91 2.23
C ARG A 48 0.31 11.24 2.58
N GLU A 49 -0.09 12.51 2.42
CA GLU A 49 -1.46 12.92 2.72
C GLU A 49 -2.52 12.25 1.85
N ARG A 50 -2.20 12.01 0.60
CA ARG A 50 -3.17 11.63 -0.38
C ARG A 50 -3.39 10.12 -0.42
N ILE A 51 -4.63 9.74 -0.61
CA ILE A 51 -5.00 8.39 -0.86
C ILE A 51 -5.72 8.32 -2.24
N PRO A 52 -5.88 7.12 -2.81
CA PRO A 52 -6.56 7.06 -4.09
C PRO A 52 -7.98 7.62 -3.98
N GLU A 53 -8.45 8.29 -5.02
CA GLU A 53 -9.83 8.79 -5.07
C GLU A 53 -10.70 7.61 -5.46
N ARG A 54 -12.02 7.75 -5.24
CA ARG A 54 -12.99 6.73 -5.66
C ARG A 54 -12.90 6.52 -7.13
N VAL A 55 -12.98 5.26 -7.55
CA VAL A 55 -12.81 4.94 -8.98
C VAL A 55 -13.90 5.60 -9.81
N VAL A 56 -15.09 5.71 -9.22
CA VAL A 56 -16.16 6.57 -9.71
C VAL A 56 -16.83 7.27 -8.55
N HIS A 57 -17.57 8.33 -8.87
CA HIS A 57 -18.11 9.28 -7.83
C HIS A 57 -17.04 9.96 -6.97
N ALA A 58 -15.90 10.24 -7.57
CA ALA A 58 -14.77 10.82 -6.86
C ALA A 58 -15.08 12.22 -6.32
N ARG A 59 -15.88 13.00 -7.07
CA ARG A 59 -16.27 14.34 -6.61
C ARG A 59 -17.53 14.26 -5.81
N GLY A 60 -17.50 14.81 -4.60
CA GLY A 60 -18.69 14.70 -3.73
C GLY A 60 -18.61 15.46 -2.43
N ALA A 61 -19.75 15.48 -1.73
CA ALA A 61 -19.89 16.22 -0.50
C ALA A 61 -20.77 15.46 0.49
N GLY A 62 -20.46 15.61 1.78
CA GLY A 62 -21.18 14.85 2.79
C GLY A 62 -21.77 15.64 3.95
N ALA A 63 -22.73 15.03 4.64
CA ALA A 63 -23.37 15.66 5.79
C ALA A 63 -24.03 14.62 6.63
N TYR A 64 -24.19 14.94 7.92
CA TYR A 64 -24.91 14.08 8.83
C TYR A 64 -26.34 14.56 8.99
N GLY A 65 -27.21 13.66 9.41
CA GLY A 65 -28.51 14.01 9.88
C GLY A 65 -29.30 12.92 10.58
N VAL A 66 -30.63 13.04 10.51
CA VAL A 66 -31.53 12.12 11.22
C VAL A 66 -32.60 11.63 10.25
N PHE A 67 -32.92 10.34 10.34
CA PHE A 67 -34.09 9.77 9.67
C PHE A 67 -35.14 9.41 10.70
N GLU A 68 -36.36 9.83 10.44
CA GLU A 68 -37.45 9.60 11.37
C GLU A 68 -38.61 8.89 10.67
N VAL A 69 -39.05 7.81 11.28
CA VAL A 69 -40.14 7.02 10.74
C VAL A 69 -41.45 7.77 10.98
N GLU A 70 -42.24 7.90 9.91
CA GLU A 70 -43.66 8.33 10.00
C GLU A 70 -44.62 7.14 10.09
N ASN A 71 -44.46 6.19 9.19
CA ASN A 71 -45.27 4.95 9.15
C ASN A 71 -44.42 3.69 9.32
N SER A 72 -44.68 2.96 10.39
CA SER A 72 -43.89 1.80 10.72
C SER A 72 -44.14 0.76 9.63
N MET A 73 -43.10 0.00 9.29
CA MET A 73 -43.16 -0.86 8.09
C MET A 73 -43.15 -2.34 8.48
N GLU A 74 -43.38 -2.63 9.75
CA GLU A 74 -43.26 -3.99 10.29
C GLU A 74 -44.12 -5.02 9.59
N LYS A 75 -45.20 -4.58 8.95
CA LYS A 75 -46.05 -5.47 8.14
C LYS A 75 -45.24 -6.08 7.01
N HIS A 76 -44.22 -5.37 6.51
CA HIS A 76 -43.49 -5.77 5.32
C HIS A 76 -42.02 -6.08 5.51
N THR A 77 -41.44 -5.53 6.57
CA THR A 77 -40.03 -5.76 6.88
C THR A 77 -39.78 -5.75 8.41
N ARG A 78 -38.96 -6.69 8.87
CA ARG A 78 -38.54 -6.72 10.25
C ARG A 78 -37.40 -5.70 10.56
N ALA A 79 -37.08 -4.81 9.61
CA ALA A 79 -35.93 -3.91 9.81
C ALA A 79 -36.13 -3.06 11.03
N ALA A 80 -35.19 -3.13 11.97
CA ALA A 80 -35.37 -2.51 13.29
C ALA A 80 -35.59 -1.00 13.17
N PHE A 81 -34.78 -0.35 12.34
CA PHE A 81 -34.87 1.09 12.21
C PHE A 81 -36.22 1.56 11.66
N LEU A 82 -37.00 0.65 11.08
CA LEU A 82 -38.30 1.04 10.51
C LEU A 82 -39.51 0.58 11.35
N SER A 83 -39.25 0.13 12.58
CA SER A 83 -40.23 -0.70 13.28
C SER A 83 -41.32 0.11 13.91
N GLU A 84 -41.12 1.39 14.11
CA GLU A 84 -42.21 2.15 14.67
C GLU A 84 -42.18 3.63 14.41
N GLU A 85 -43.38 4.18 14.49
CA GLU A 85 -43.63 5.59 14.33
C GLU A 85 -42.77 6.45 15.23
N GLY A 86 -42.14 7.49 14.66
CA GLY A 86 -41.32 8.40 15.46
C GLY A 86 -39.87 7.96 15.69
N LYS A 87 -39.53 6.73 15.34
CA LYS A 87 -38.21 6.20 15.60
C LYS A 87 -37.17 6.93 14.74
N GLN A 88 -36.12 7.42 15.39
CA GLN A 88 -35.11 8.21 14.77
C GLN A 88 -33.81 7.45 14.69
N THR A 89 -33.14 7.55 13.55
CA THR A 89 -31.86 6.91 13.31
C THR A 89 -30.91 7.95 12.75
N ASP A 90 -29.69 8.03 13.29
CA ASP A 90 -28.67 8.86 12.68
C ASP A 90 -28.26 8.39 11.29
N VAL A 91 -27.92 9.35 10.41
CA VAL A 91 -27.45 9.03 9.08
C VAL A 91 -26.20 9.82 8.78
N PHE A 92 -25.35 9.25 7.91
CA PHE A 92 -24.43 10.01 7.10
C PHE A 92 -24.69 9.85 5.64
N VAL A 93 -24.57 10.94 4.88
CA VAL A 93 -24.96 10.97 3.49
C VAL A 93 -23.85 11.59 2.69
N ARG A 94 -23.44 10.93 1.60
CA ARG A 94 -22.61 11.58 0.59
C ARG A 94 -23.33 11.68 -0.77
N PHE A 95 -23.30 12.89 -1.32
CA PHE A 95 -23.73 13.15 -2.68
C PHE A 95 -22.54 13.34 -3.55
N SER A 96 -22.70 13.10 -4.84
CA SER A 96 -21.54 13.08 -5.76
C SER A 96 -21.99 13.26 -7.19
N THR A 97 -21.06 13.62 -8.07
CA THR A 97 -21.09 13.26 -9.50
C THR A 97 -20.51 11.88 -9.75
N VAL A 98 -20.20 11.51 -11.00
CA VAL A 98 -19.82 10.14 -11.28
C VAL A 98 -18.46 10.00 -11.92
N ILE A 99 -18.28 10.62 -13.07
CA ILE A 99 -17.26 10.25 -14.01
C ILE A 99 -15.88 10.97 -13.73
N HIS A 100 -15.89 12.29 -13.55
CA HIS A 100 -14.66 13.03 -13.52
C HIS A 100 -14.03 13.02 -12.14
N PRO A 101 -12.73 13.41 -12.07
CA PRO A 101 -12.03 13.14 -10.79
C PRO A 101 -12.46 14.12 -9.69
N LYS A 102 -11.82 13.98 -8.52
N LYS A 102 -11.84 13.98 -8.52
CA LYS A 102 -11.87 14.96 -7.46
CA LYS A 102 -12.08 14.82 -7.35
C LYS A 102 -11.53 16.27 -8.12
C LYS A 102 -12.35 16.33 -7.47
N GLY A 103 -12.13 17.35 -7.67
N GLY A 103 -11.56 17.02 -8.27
CA GLY A 103 -11.75 18.61 -8.20
CA GLY A 103 -11.64 18.50 -8.32
C GLY A 103 -12.56 19.05 -9.41
C GLY A 103 -12.53 19.03 -9.43
N SER A 104 -13.27 18.13 -10.05
CA SER A 104 -13.97 18.40 -11.29
C SER A 104 -15.23 19.22 -11.04
N PRO A 105 -15.73 19.93 -12.06
CA PRO A 105 -16.89 20.79 -11.78
C PRO A 105 -18.18 20.02 -11.41
N GLU A 106 -19.03 20.64 -10.59
CA GLU A 106 -20.35 20.07 -10.28
C GLU A 106 -21.51 20.49 -11.24
N THR A 107 -21.12 21.03 -12.39
CA THR A 107 -22.00 21.57 -13.44
C THR A 107 -22.02 20.68 -14.70
N LEU A 108 -21.31 19.57 -14.63
CA LEU A 108 -21.30 18.62 -15.70
C LEU A 108 -22.54 17.72 -15.69
N ARG A 109 -22.88 17.20 -16.87
CA ARG A 109 -23.93 16.15 -16.97
C ARG A 109 -23.45 14.83 -16.35
N ASP A 110 -24.32 14.18 -15.59
CA ASP A 110 -23.99 12.93 -14.90
C ASP A 110 -25.19 12.63 -14.04
N PRO A 111 -25.48 11.34 -13.82
CA PRO A 111 -26.20 11.01 -12.57
C PRO A 111 -25.51 11.60 -11.36
N ARG A 112 -26.28 11.78 -10.30
CA ARG A 112 -25.73 12.11 -9.05
C ARG A 112 -25.90 10.98 -8.05
N GLY A 113 -24.84 10.71 -7.30
CA GLY A 113 -24.89 9.78 -6.23
C GLY A 113 -25.62 10.29 -5.03
N PHE A 114 -26.27 9.38 -4.31
CA PHE A 114 -27.16 9.71 -3.21
C PHE A 114 -27.06 8.54 -2.25
N ALA A 115 -25.99 8.54 -1.44
CA ALA A 115 -25.58 7.42 -0.62
C ALA A 115 -25.93 7.74 0.81
N VAL A 116 -26.73 6.90 1.44
CA VAL A 116 -27.17 7.09 2.80
C VAL A 116 -26.80 5.93 3.71
N LYS A 117 -26.11 6.27 4.80
CA LYS A 117 -25.67 5.30 5.78
C LYS A 117 -26.50 5.53 7.02
N PHE A 118 -27.25 4.49 7.39
CA PHE A 118 -28.14 4.50 8.54
C PHE A 118 -27.51 3.71 9.68
N TYR A 119 -27.26 4.39 10.80
CA TYR A 119 -26.58 3.74 11.92
C TYR A 119 -27.60 3.02 12.84
N THR A 120 -28.03 1.83 12.45
CA THR A 120 -29.18 1.19 13.11
C THR A 120 -28.71 0.35 14.31
N GLU A 121 -29.68 -0.01 15.16
CA GLU A 121 -29.35 -0.78 16.33
C GLU A 121 -28.99 -2.21 15.96
N GLU A 122 -29.29 -2.63 14.74
CA GLU A 122 -28.93 -4.00 14.28
C GLU A 122 -27.79 -3.96 13.23
N GLY A 123 -27.07 -2.85 13.20
CA GLY A 123 -25.96 -2.67 12.27
C GLY A 123 -26.20 -1.52 11.29
N ASN A 124 -25.14 -1.21 10.54
CA ASN A 124 -25.18 -0.16 9.59
C ASN A 124 -25.86 -0.63 8.32
N TYR A 125 -26.83 0.15 7.84
CA TYR A 125 -27.50 -0.13 6.60
C TYR A 125 -27.15 0.96 5.59
N ASP A 126 -26.60 0.59 4.45
CA ASP A 126 -26.20 1.56 3.44
C ASP A 126 -27.16 1.44 2.29
N LEU A 127 -27.82 2.53 1.95
CA LEU A 127 -28.64 2.57 0.75
C LEU A 127 -27.91 3.44 -0.24
N VAL A 128 -27.24 2.79 -1.18
CA VAL A 128 -26.32 3.43 -2.06
C VAL A 128 -27.03 3.77 -3.39
N GLY A 129 -27.64 4.95 -3.43
CA GLY A 129 -28.56 5.33 -4.51
C GLY A 129 -27.93 6.34 -5.46
N ASN A 130 -28.69 6.70 -6.49
CA ASN A 130 -28.43 7.81 -7.38
C ASN A 130 -29.68 8.65 -7.44
N ASN A 131 -29.63 9.83 -8.05
CA ASN A 131 -30.87 10.62 -8.26
C ASN A 131 -31.82 9.96 -9.23
N LEU A 132 -31.29 9.56 -10.38
CA LEU A 132 -32.12 8.92 -11.42
C LEU A 132 -32.45 7.46 -11.03
N PRO A 133 -33.66 6.99 -11.39
CA PRO A 133 -34.17 5.76 -10.78
C PRO A 133 -33.80 4.46 -11.53
N ILE A 134 -33.06 4.55 -12.63
CA ILE A 134 -32.70 3.37 -13.42
C ILE A 134 -31.22 3.43 -13.74
N PHE A 135 -30.72 2.47 -14.50
CA PHE A 135 -29.33 2.48 -14.87
C PHE A 135 -29.18 2.09 -16.32
N PHE A 136 -27.96 2.27 -16.81
CA PHE A 136 -27.61 2.14 -18.24
C PHE A 136 -27.49 0.67 -18.63
N ILE A 137 -27.18 -0.18 -17.66
CA ILE A 137 -26.86 -1.59 -17.90
C ILE A 137 -27.54 -2.39 -16.81
N ARG A 138 -27.61 -3.70 -16.98
CA ARG A 138 -28.33 -4.61 -16.08
C ARG A 138 -27.49 -5.79 -15.60
N ASP A 139 -26.20 -5.81 -15.96
CA ASP A 139 -25.27 -6.80 -15.50
C ASP A 139 -23.92 -6.17 -15.12
N ALA A 140 -23.47 -6.47 -13.91
CA ALA A 140 -22.23 -5.91 -13.41
C ALA A 140 -20.95 -6.20 -14.24
N LEU A 141 -20.97 -7.27 -15.04
CA LEU A 141 -19.84 -7.61 -15.85
C LEU A 141 -19.53 -6.49 -16.84
N LYS A 142 -20.52 -5.64 -17.16
CA LYS A 142 -20.32 -4.57 -18.13
C LYS A 142 -19.85 -3.29 -17.50
N PHE A 143 -19.78 -3.21 -16.16
CA PHE A 143 -19.58 -1.92 -15.55
C PHE A 143 -18.24 -1.31 -15.87
N PRO A 144 -17.16 -2.08 -15.79
CA PRO A 144 -15.87 -1.43 -16.21
C PRO A 144 -15.87 -0.90 -17.67
N ASP A 145 -16.57 -1.60 -18.55
CA ASP A 145 -16.64 -1.20 -19.96
C ASP A 145 -17.37 0.12 -20.08
N MET A 146 -18.52 0.22 -19.41
CA MET A 146 -19.33 1.40 -19.47
C MET A 146 -18.53 2.60 -18.94
N VAL A 147 -17.92 2.38 -17.78
CA VAL A 147 -17.13 3.42 -17.11
C VAL A 147 -15.95 3.86 -18.00
N HIS A 148 -15.21 2.88 -18.55
CA HIS A 148 -14.07 3.17 -19.38
C HIS A 148 -14.49 4.01 -20.62
N SER A 149 -15.68 3.74 -21.14
CA SER A 149 -16.19 4.45 -22.34
C SER A 149 -16.56 5.89 -22.01
N LEU A 150 -17.03 6.11 -20.78
CA LEU A 150 -17.44 7.44 -20.30
C LEU A 150 -16.31 8.26 -19.79
N LYS A 151 -15.33 7.59 -19.19
CA LYS A 151 -14.19 8.29 -18.61
C LYS A 151 -13.37 8.98 -19.70
N PRO A 152 -12.61 10.01 -19.30
CA PRO A 152 -11.68 10.59 -20.23
C PRO A 152 -10.91 9.51 -21.01
N ASP A 153 -10.76 9.76 -22.30
CA ASP A 153 -10.01 8.91 -23.19
C ASP A 153 -8.66 8.62 -22.58
N PRO A 154 -8.18 7.38 -22.66
CA PRO A 154 -6.96 7.05 -21.94
C PRO A 154 -5.69 7.58 -22.56
N VAL A 155 -5.78 8.12 -23.77
CA VAL A 155 -4.69 8.84 -24.41
C VAL A 155 -4.77 10.36 -24.18
N THR A 156 -5.93 10.97 -24.35
CA THR A 156 -6.04 12.41 -24.34
C THR A 156 -6.42 13.03 -22.99
N ASN A 157 -6.94 12.21 -22.06
CA ASN A 157 -7.48 12.69 -20.80
C ASN A 157 -8.66 13.63 -20.97
N ILE A 158 -9.42 13.42 -22.03
CA ILE A 158 -10.62 14.21 -22.25
C ILE A 158 -11.75 13.28 -22.61
N GLN A 159 -12.91 13.53 -22.01
CA GLN A 159 -14.04 12.70 -22.24
C GLN A 159 -14.45 12.88 -23.69
N ASP A 160 -14.84 11.79 -24.35
CA ASP A 160 -15.12 11.80 -25.79
C ASP A 160 -16.46 11.13 -26.07
N PRO A 161 -17.47 11.92 -26.51
CA PRO A 161 -18.79 11.33 -26.86
C PRO A 161 -18.72 10.18 -27.84
N ASP A 162 -17.77 10.23 -28.74
CA ASP A 162 -17.65 9.15 -29.69
C ASP A 162 -17.36 7.81 -29.02
N ARG A 163 -16.64 7.84 -27.91
CA ARG A 163 -16.38 6.63 -27.13
C ARG A 163 -17.63 6.12 -26.41
N TYR A 164 -18.24 6.96 -25.58
CA TYR A 164 -19.32 6.40 -24.79
C TYR A 164 -20.56 6.19 -25.62
N TRP A 165 -20.74 6.98 -26.69
CA TRP A 165 -21.83 6.64 -27.63
C TRP A 165 -21.62 5.34 -28.41
N ASP A 166 -20.39 4.94 -28.74
CA ASP A 166 -20.09 3.61 -29.31
C ASP A 166 -20.56 2.51 -28.37
N PHE A 167 -20.22 2.63 -27.10
CA PHE A 167 -20.65 1.64 -26.12
C PHE A 167 -22.15 1.67 -25.89
N MET A 168 -22.73 2.84 -25.66
CA MET A 168 -24.16 2.91 -25.36
C MET A 168 -25.05 2.40 -26.50
N THR A 169 -24.70 2.79 -27.73
CA THR A 169 -25.44 2.32 -28.91
C THR A 169 -25.43 0.82 -29.10
N LEU A 170 -24.29 0.20 -28.80
CA LEU A 170 -24.15 -1.25 -28.88
C LEU A 170 -24.69 -1.94 -27.62
N THR A 171 -25.26 -1.15 -26.73
CA THR A 171 -25.77 -1.62 -25.44
C THR A 171 -27.18 -1.00 -25.32
N PRO A 172 -28.13 -1.50 -26.13
CA PRO A 172 -29.43 -0.81 -26.24
C PRO A 172 -30.31 -0.85 -25.01
N GLU A 173 -30.00 -1.70 -24.04
CA GLU A 173 -30.64 -1.62 -22.73
C GLU A 173 -30.45 -0.24 -22.07
N SER A 174 -29.50 0.56 -22.60
CA SER A 174 -29.19 1.90 -22.07
C SER A 174 -30.18 2.97 -22.47
N THR A 175 -31.16 2.62 -23.28
CA THR A 175 -31.97 3.61 -24.01
C THR A 175 -32.85 4.36 -23.02
N HIS A 176 -33.41 3.65 -22.04
CA HIS A 176 -34.23 4.27 -21.02
C HIS A 176 -33.43 5.26 -20.20
N MET A 177 -32.27 4.83 -19.75
CA MET A 177 -31.44 5.69 -18.93
C MET A 177 -31.08 6.99 -19.65
N LEU A 178 -30.61 6.86 -20.88
CA LEU A 178 -30.23 8.04 -21.68
C LEU A 178 -31.38 9.02 -21.91
N THR A 179 -32.59 8.49 -22.03
CA THR A 179 -33.78 9.30 -22.13
C THR A 179 -34.06 10.14 -20.85
N TRP A 180 -33.60 9.67 -19.69
CA TRP A 180 -33.63 10.49 -18.48
C TRP A 180 -32.44 11.45 -18.41
N LEU A 181 -31.26 10.91 -18.65
CA LEU A 181 -29.99 11.65 -18.40
C LEU A 181 -29.82 12.86 -19.34
N PHE A 182 -30.42 12.79 -20.52
CA PHE A 182 -30.35 13.87 -21.45
C PHE A 182 -31.53 14.82 -21.38
N SER A 183 -32.44 14.61 -20.43
CA SER A 183 -33.31 15.70 -20.01
C SER A 183 -32.45 16.66 -19.23
N ASP A 184 -33.01 17.75 -18.75
CA ASP A 184 -32.22 18.64 -17.96
C ASP A 184 -31.93 18.10 -16.56
N GLU A 185 -32.56 17.00 -16.18
CA GLU A 185 -32.27 16.41 -14.90
C GLU A 185 -30.88 15.77 -14.94
N GLY A 186 -30.27 15.62 -16.12
CA GLY A 186 -28.87 15.28 -16.22
C GLY A 186 -27.92 16.25 -15.53
N ILE A 187 -28.38 17.46 -15.23
CA ILE A 187 -27.63 18.44 -14.44
C ILE A 187 -28.51 19.04 -13.35
N PRO A 188 -28.62 18.36 -12.20
CA PRO A 188 -29.34 18.94 -11.07
C PRO A 188 -28.79 20.31 -10.70
N ALA A 189 -29.63 21.19 -10.18
CA ALA A 189 -29.18 22.53 -9.85
C ALA A 189 -28.20 22.50 -8.69
N ASN A 190 -28.46 21.56 -7.78
CA ASN A 190 -27.54 21.33 -6.69
C ASN A 190 -27.90 19.97 -6.09
N TYR A 191 -27.33 19.61 -4.95
CA TYR A 191 -27.59 18.31 -4.35
C TYR A 191 -28.87 18.28 -3.52
N ALA A 192 -29.35 19.45 -3.07
CA ALA A 192 -30.56 19.56 -2.24
C ALA A 192 -31.86 19.47 -3.07
N GLU A 193 -31.85 20.08 -4.26
CA GLU A 193 -33.05 20.18 -5.12
C GLU A 193 -33.05 19.07 -6.15
N MET A 194 -33.12 17.85 -5.63
CA MET A 194 -32.67 16.67 -6.34
C MET A 194 -33.41 15.46 -5.85
N ARG A 195 -33.76 14.60 -6.79
CA ARG A 195 -34.39 13.31 -6.53
C ARG A 195 -33.39 12.32 -5.94
N GLY A 196 -33.89 11.30 -5.26
CA GLY A 196 -33.05 10.16 -4.86
C GLY A 196 -33.80 8.87 -5.13
N SER A 197 -33.05 7.83 -5.45
CA SER A 197 -33.61 6.54 -5.90
C SER A 197 -32.72 5.43 -5.42
N GLY A 198 -33.31 4.34 -4.91
CA GLY A 198 -32.56 3.13 -4.64
C GLY A 198 -32.14 2.43 -5.91
N VAL A 199 -32.89 2.65 -6.99
CA VAL A 199 -32.66 2.11 -8.34
C VAL A 199 -33.05 0.67 -8.42
N HIS A 200 -32.31 -0.20 -7.74
CA HIS A 200 -32.64 -1.64 -7.67
C HIS A 200 -33.92 -1.94 -6.92
N THR A 201 -34.55 -3.00 -7.34
CA THR A 201 -35.42 -3.75 -6.49
C THR A 201 -34.62 -4.45 -5.43
N PHE A 202 -35.11 -4.37 -4.18
CA PHE A 202 -34.61 -5.17 -3.08
C PHE A 202 -35.70 -6.11 -2.60
N ARG A 203 -35.37 -6.96 -1.65
CA ARG A 203 -36.35 -7.83 -0.97
C ARG A 203 -36.58 -7.34 0.47
N TRP A 204 -37.82 -7.13 0.84
CA TRP A 204 -38.17 -6.85 2.21
C TRP A 204 -38.81 -8.10 2.82
N VAL A 205 -38.37 -8.47 4.03
CA VAL A 205 -38.77 -9.73 4.66
C VAL A 205 -39.27 -9.41 6.05
N ASN A 206 -40.52 -9.83 6.33
CA ASN A 206 -41.15 -9.52 7.62
C ASN A 206 -40.89 -10.65 8.64
N LYS A 207 -41.42 -10.49 9.85
CA LYS A 207 -41.11 -11.44 10.93
C LYS A 207 -41.69 -12.83 10.71
N TYR A 208 -42.67 -12.95 9.82
CA TYR A 208 -43.22 -14.23 9.43
C TYR A 208 -42.44 -14.84 8.27
N GLY A 209 -41.43 -14.15 7.79
CA GLY A 209 -40.63 -14.68 6.67
C GLY A 209 -41.28 -14.42 5.33
N GLU A 210 -42.29 -13.58 5.27
CA GLU A 210 -42.90 -13.26 4.01
C GLU A 210 -42.07 -12.21 3.29
N THR A 211 -41.89 -12.37 2.00
CA THR A 211 -41.07 -11.47 1.19
C THR A 211 -41.88 -10.67 0.20
N LYS A 212 -41.56 -9.37 0.07
CA LYS A 212 -41.98 -8.54 -1.05
C LYS A 212 -40.81 -7.86 -1.71
N TYR A 213 -40.96 -7.60 -2.99
CA TYR A 213 -40.05 -6.72 -3.69
C TYR A 213 -40.32 -5.26 -3.27
N VAL A 214 -39.25 -4.46 -3.13
CA VAL A 214 -39.38 -3.04 -2.74
C VAL A 214 -38.50 -2.20 -3.62
N LYS A 215 -38.98 -1.00 -3.89
CA LYS A 215 -38.19 0.06 -4.46
C LYS A 215 -38.26 1.29 -3.57
N TYR A 216 -37.14 2.03 -3.50
CA TYR A 216 -37.04 3.24 -2.67
C TYR A 216 -36.95 4.55 -3.48
N HIS A 217 -37.58 5.60 -2.95
CA HIS A 217 -37.61 6.90 -3.58
C HIS A 217 -37.47 7.95 -2.54
N TRP A 218 -36.64 8.95 -2.84
CA TRP A 218 -36.44 10.05 -1.95
C TRP A 218 -36.97 11.27 -2.65
N ARG A 219 -37.88 12.02 -2.01
CA ARG A 219 -38.44 13.25 -2.58
C ARG A 219 -38.00 14.50 -1.81
N PRO A 220 -37.34 15.41 -2.50
CA PRO A 220 -36.74 16.54 -1.85
C PRO A 220 -37.79 17.52 -1.34
N SER A 221 -37.67 17.95 -0.08
CA SER A 221 -38.54 18.98 0.47
C SER A 221 -38.33 20.26 -0.30
N GLU A 222 -37.14 20.43 -0.84
CA GLU A 222 -36.82 21.65 -1.60
C GLU A 222 -37.33 21.60 -3.07
N GLY A 223 -37.91 20.48 -3.51
CA GLY A 223 -38.32 20.34 -4.91
C GLY A 223 -37.20 19.94 -5.80
N ILE A 224 -37.51 19.43 -6.99
CA ILE A 224 -36.53 19.08 -7.99
C ILE A 224 -36.29 20.30 -8.87
N ARG A 225 -35.04 20.71 -8.99
CA ARG A 225 -34.68 21.74 -9.98
C ARG A 225 -33.44 21.36 -10.76
N ASN A 226 -33.45 21.66 -12.05
CA ASN A 226 -32.43 21.27 -13.00
C ASN A 226 -31.84 22.50 -13.71
N LEU A 227 -30.71 22.30 -14.39
CA LEU A 227 -30.02 23.32 -15.16
C LEU A 227 -29.99 22.96 -16.62
N SER A 228 -30.34 23.92 -17.46
CA SER A 228 -30.13 23.81 -18.91
C SER A 228 -28.64 23.80 -19.17
N MET A 229 -28.24 23.40 -20.38
CA MET A 229 -26.86 23.48 -20.72
C MET A 229 -26.32 24.89 -20.51
N GLU A 230 -27.07 25.90 -20.90
CA GLU A 230 -26.56 27.28 -20.80
C GLU A 230 -26.56 27.78 -19.36
N GLU A 231 -27.52 27.37 -18.54
CA GLU A 231 -27.48 27.71 -17.11
C GLU A 231 -26.31 27.05 -16.39
N ALA A 232 -26.03 25.79 -16.72
CA ALA A 232 -24.82 25.10 -16.21
C ALA A 232 -23.53 25.84 -16.55
N ALA A 233 -23.39 26.24 -17.83
CA ALA A 233 -22.19 26.92 -18.31
C ALA A 233 -21.99 28.23 -17.56
N GLU A 234 -23.07 28.98 -17.38
CA GLU A 234 -23.03 30.22 -16.56
C GLU A 234 -22.48 29.99 -15.14
N ILE A 235 -22.94 28.92 -14.48
CA ILE A 235 -22.47 28.64 -13.12
C ILE A 235 -21.03 28.18 -13.18
N GLN A 236 -20.71 27.32 -14.16
CA GLN A 236 -19.38 26.76 -14.30
C GLN A 236 -18.31 27.85 -14.46
N ALA A 237 -18.65 28.91 -15.19
CA ALA A 237 -17.76 30.04 -15.35
C ALA A 237 -17.15 30.54 -14.06
N ASN A 238 -17.95 30.52 -12.99
CA ASN A 238 -17.68 31.21 -11.72
C ASN A 238 -17.50 30.31 -10.51
N ASP A 239 -17.91 29.06 -10.60
CA ASP A 239 -17.73 28.19 -9.48
C ASP A 239 -17.75 26.76 -9.98
N PHE A 240 -16.65 26.04 -9.76
CA PHE A 240 -16.59 24.62 -10.13
C PHE A 240 -16.94 23.69 -8.94
N GLN A 241 -17.39 24.24 -7.83
CA GLN A 241 -17.86 23.44 -6.70
C GLN A 241 -19.16 23.99 -6.10
N HIS A 242 -20.06 24.44 -6.94
CA HIS A 242 -21.24 25.17 -6.42
C HIS A 242 -22.16 24.29 -5.58
N ALA A 243 -22.22 23.01 -5.89
CA ALA A 243 -23.17 22.14 -5.19
C ALA A 243 -22.65 21.84 -3.82
N THR A 244 -21.32 21.65 -3.71
CA THR A 244 -20.66 21.37 -2.46
C THR A 244 -20.80 22.62 -1.55
N ARG A 245 -20.59 23.78 -2.13
CA ARG A 245 -20.79 25.03 -1.44
C ARG A 245 -22.24 25.19 -0.92
N ASP A 246 -23.19 24.96 -1.81
CA ASP A 246 -24.62 25.12 -1.51
C ASP A 246 -25.04 24.23 -0.32
N LEU A 247 -24.64 22.96 -0.36
CA LEU A 247 -24.97 22.03 0.73
C LEU A 247 -24.44 22.50 2.06
N TYR A 248 -23.15 22.82 2.10
CA TYR A 248 -22.50 23.22 3.32
C TYR A 248 -23.22 24.45 3.88
N ASP A 249 -23.49 25.40 3.00
CA ASP A 249 -23.99 26.73 3.41
CA ASP A 249 -23.99 26.73 3.40
C ASP A 249 -25.43 26.66 3.91
N ARG A 250 -26.27 25.88 3.23
CA ARG A 250 -27.59 25.55 3.74
C ARG A 250 -27.55 25.10 5.18
N ILE A 251 -26.72 24.10 5.43
CA ILE A 251 -26.64 23.49 6.74
C ILE A 251 -26.05 24.47 7.76
N GLU A 252 -25.02 25.21 7.34
CA GLU A 252 -24.41 26.20 8.22
C GLU A 252 -25.42 27.30 8.61
N LYS A 253 -26.34 27.65 7.70
CA LYS A 253 -27.34 28.68 7.95
C LYS A 253 -28.56 28.19 8.71
N GLY A 254 -28.69 26.87 8.87
CA GLY A 254 -29.81 26.32 9.59
C GLY A 254 -30.94 25.98 8.66
N ASN A 255 -30.70 26.10 7.36
CA ASN A 255 -31.70 25.81 6.37
C ASN A 255 -31.57 24.33 5.89
N TYR A 256 -31.94 23.40 6.76
CA TYR A 256 -31.59 22.00 6.60
C TYR A 256 -32.37 21.38 5.47
N PRO A 257 -31.69 20.81 4.47
CA PRO A 257 -32.47 20.12 3.42
C PRO A 257 -33.02 18.78 3.89
N ALA A 258 -34.14 18.36 3.31
CA ALA A 258 -34.79 17.13 3.76
C ALA A 258 -35.39 16.42 2.59
N TRP A 259 -35.64 15.12 2.77
CA TRP A 259 -36.23 14.28 1.72
C TRP A 259 -37.18 13.36 2.42
N ASP A 260 -38.35 13.16 1.82
CA ASP A 260 -39.24 12.14 2.28
C ASP A 260 -38.94 10.87 1.58
N LEU A 261 -38.90 9.80 2.35
CA LEU A 261 -38.74 8.45 1.86
C LEU A 261 -40.11 7.80 1.57
N TYR A 262 -40.28 7.38 0.32
CA TYR A 262 -41.36 6.54 -0.13
C TYR A 262 -40.86 5.18 -0.60
N VAL A 263 -41.68 4.15 -0.45
CA VAL A 263 -41.44 2.88 -1.15
C VAL A 263 -42.59 2.49 -2.05
N GLN A 264 -42.28 1.66 -3.03
CA GLN A 264 -43.29 0.85 -3.72
C GLN A 264 -43.06 -0.59 -3.35
N LEU A 265 -44.14 -1.35 -3.20
CA LEU A 265 -44.07 -2.74 -2.79
C LEU A 265 -44.77 -3.60 -3.86
N MET A 266 -44.14 -4.72 -4.24
CA MET A 266 -44.68 -5.61 -5.28
C MET A 266 -44.55 -7.05 -4.80
N PRO A 267 -45.65 -7.84 -4.91
CA PRO A 267 -45.58 -9.27 -4.64
C PRO A 267 -44.59 -9.95 -5.58
N LEU A 268 -43.79 -10.90 -5.07
CA LEU A 268 -42.90 -11.69 -5.96
C LEU A 268 -43.66 -12.35 -7.11
N SER A 269 -44.90 -12.74 -6.86
CA SER A 269 -45.70 -13.44 -7.84
C SER A 269 -46.06 -12.55 -9.05
N ASP A 270 -45.88 -11.23 -8.92
CA ASP A 270 -46.19 -10.34 -10.03
C ASP A 270 -45.17 -10.46 -11.14
N TYR A 271 -44.03 -11.11 -10.90
CA TYR A 271 -43.03 -11.33 -11.95
C TYR A 271 -43.69 -11.73 -13.24
N ASP A 272 -44.49 -12.77 -13.11
CA ASP A 272 -44.70 -13.62 -14.27
C ASP A 272 -45.72 -13.01 -15.22
N GLU A 273 -46.52 -12.08 -14.72
CA GLU A 273 -47.51 -11.38 -15.52
C GLU A 273 -47.10 -10.00 -16.06
N LEU A 274 -45.91 -9.47 -15.70
CA LEU A 274 -45.37 -8.19 -16.25
C LEU A 274 -44.69 -8.46 -17.58
N ASP A 275 -44.58 -7.45 -18.44
CA ASP A 275 -43.86 -7.58 -19.73
C ASP A 275 -42.36 -7.18 -19.67
N TYR A 276 -41.87 -7.01 -18.42
CA TYR A 276 -40.44 -6.72 -18.16
C TYR A 276 -40.13 -7.47 -16.88
N ASP A 277 -38.85 -7.70 -16.65
CA ASP A 277 -38.36 -8.28 -15.38
C ASP A 277 -38.36 -7.19 -14.29
N PRO A 278 -39.13 -7.38 -13.18
CA PRO A 278 -39.14 -6.35 -12.16
C PRO A 278 -37.79 -6.16 -11.46
N CYS A 279 -36.84 -7.07 -11.65
CA CYS A 279 -35.41 -6.90 -11.13
C CYS A 279 -34.41 -6.50 -12.25
N ASP A 280 -34.92 -6.00 -13.36
CA ASP A 280 -34.09 -5.34 -14.40
C ASP A 280 -33.96 -3.88 -14.01
N PRO A 281 -32.73 -3.44 -13.65
CA PRO A 281 -32.59 -2.07 -13.18
C PRO A 281 -32.61 -1.01 -14.30
N THR A 282 -32.85 -1.41 -15.55
CA THR A 282 -33.18 -0.47 -16.63
C THR A 282 -34.68 -0.15 -16.68
N LYS A 283 -35.44 -0.72 -15.73
CA LYS A 283 -36.88 -0.52 -15.61
C LYS A 283 -37.29 0.17 -14.31
N THR A 284 -38.28 1.05 -14.42
CA THR A 284 -39.08 1.49 -13.29
C THR A 284 -40.39 0.69 -13.19
N TRP A 285 -41.06 0.82 -12.02
CA TRP A 285 -42.41 0.26 -11.81
C TRP A 285 -43.42 1.40 -11.89
N SER A 286 -44.59 1.13 -12.49
CA SER A 286 -45.65 2.12 -12.54
C SER A 286 -46.03 2.58 -11.14
N GLU A 287 -46.13 3.88 -10.96
CA GLU A 287 -46.67 4.49 -9.70
C GLU A 287 -48.18 4.43 -9.61
N GLU A 288 -48.85 4.23 -10.76
CA GLU A 288 -50.32 3.95 -10.72
C GLU A 288 -50.53 2.53 -10.15
N ASP A 289 -49.86 1.52 -10.72
CA ASP A 289 -50.04 0.10 -10.30
C ASP A 289 -49.40 -0.22 -8.95
N TYR A 290 -48.35 0.51 -8.58
CA TYR A 290 -47.61 0.23 -7.36
C TYR A 290 -47.37 1.59 -6.75
N PRO A 291 -48.32 2.08 -5.95
CA PRO A 291 -48.27 3.46 -5.50
C PRO A 291 -47.19 3.70 -4.47
N LEU A 292 -46.74 4.95 -4.42
CA LEU A 292 -45.74 5.38 -3.47
C LEU A 292 -46.35 5.36 -2.12
N GLN A 293 -45.67 4.73 -1.18
CA GLN A 293 -46.12 4.67 0.20
C GLN A 293 -45.14 5.35 1.12
N LYS A 294 -45.58 6.32 1.91
CA LYS A 294 -44.66 7.15 2.66
C LYS A 294 -44.08 6.36 3.84
N VAL A 295 -42.78 6.52 4.09
CA VAL A 295 -42.16 5.85 5.21
C VAL A 295 -41.73 6.82 6.29
N GLY A 296 -41.05 7.88 5.88
CA GLY A 296 -40.59 8.87 6.82
C GLY A 296 -39.75 9.94 6.16
N ARG A 297 -38.98 10.64 6.98
CA ARG A 297 -38.28 11.82 6.52
C ARG A 297 -36.82 11.88 7.03
N MET A 298 -35.94 12.23 6.12
CA MET A 298 -34.50 12.37 6.42
C MET A 298 -34.15 13.86 6.36
N THR A 299 -33.61 14.37 7.44
CA THR A 299 -33.18 15.73 7.51
C THR A 299 -31.66 15.75 7.70
N LEU A 300 -30.98 16.51 6.84
CA LEU A 300 -29.54 16.77 7.02
C LEU A 300 -29.29 18.10 7.79
N ASN A 301 -28.61 17.99 8.94
CA ASN A 301 -28.44 19.12 9.83
C ASN A 301 -27.05 19.37 10.41
N ARG A 302 -26.01 18.68 9.92
CA ARG A 302 -24.68 18.82 10.50
C ARG A 302 -23.64 18.59 9.44
N ASN A 303 -22.78 19.59 9.23
CA ASN A 303 -21.60 19.40 8.42
C ASN A 303 -20.54 18.59 9.20
N PRO A 304 -19.73 17.78 8.47
CA PRO A 304 -18.59 17.10 9.11
C PRO A 304 -17.57 18.05 9.69
N GLU A 305 -16.83 17.57 10.66
CA GLU A 305 -15.71 18.36 11.20
C GLU A 305 -14.49 18.37 10.28
N ASN A 306 -14.28 17.29 9.51
CA ASN A 306 -13.08 17.19 8.67
C ASN A 306 -13.41 16.45 7.41
N PHE A 307 -13.20 17.13 6.30
CA PHE A 307 -13.66 16.61 5.03
C PHE A 307 -12.93 15.32 4.67
N PHE A 308 -11.61 15.28 4.73
CA PHE A 308 -10.88 14.05 4.42
C PHE A 308 -11.26 12.87 5.33
N ALA A 309 -11.21 13.10 6.65
CA ALA A 309 -11.43 12.03 7.56
C ALA A 309 -12.85 11.42 7.45
N GLU A 310 -13.83 12.26 7.12
CA GLU A 310 -15.26 11.85 7.20
C GLU A 310 -15.88 11.67 5.83
N THR A 311 -15.78 12.62 4.94
CA THR A 311 -16.43 12.50 3.62
C THR A 311 -15.52 11.74 2.64
N GLU A 312 -14.22 12.09 2.60
CA GLU A 312 -13.34 11.36 1.68
C GLU A 312 -13.15 9.89 2.03
N GLN A 313 -13.01 9.58 3.32
CA GLN A 313 -12.83 8.22 3.76
C GLN A 313 -14.14 7.44 3.96
N ALA A 314 -15.32 8.06 3.76
CA ALA A 314 -16.60 7.36 3.89
C ALA A 314 -16.69 6.21 2.94
N ALA A 315 -17.17 5.08 3.46
CA ALA A 315 -17.30 3.84 2.68
C ALA A 315 -18.76 3.36 2.78
N PHE A 316 -19.45 3.31 1.65
CA PHE A 316 -20.79 2.78 1.57
C PHE A 316 -20.72 1.49 0.73
N THR A 317 -21.59 0.50 1.05
CA THR A 317 -21.77 -0.65 0.16
C THR A 317 -23.23 -1.10 0.08
N PRO A 318 -23.71 -1.45 -1.12
CA PRO A 318 -25.10 -2.02 -1.17
C PRO A 318 -25.26 -3.33 -0.42
N SER A 319 -24.13 -4.02 -0.17
CA SER A 319 -24.13 -5.25 0.64
C SER A 319 -24.16 -4.98 2.13
N ALA A 320 -24.14 -3.73 2.58
CA ALA A 320 -24.35 -3.45 4.00
C ALA A 320 -25.86 -3.45 4.30
N LEU A 321 -26.38 -4.66 4.41
CA LEU A 321 -27.84 -4.88 4.54
C LEU A 321 -28.09 -5.24 5.98
N VAL A 322 -29.34 -5.09 6.45
CA VAL A 322 -29.70 -5.37 7.82
C VAL A 322 -30.89 -6.32 7.85
N PRO A 323 -31.11 -7.02 8.98
CA PRO A 323 -32.09 -8.05 8.97
C PRO A 323 -33.42 -7.46 8.57
N GLY A 324 -34.08 -8.14 7.64
CA GLY A 324 -35.37 -7.66 7.06
C GLY A 324 -35.24 -7.00 5.69
N ILE A 325 -33.99 -6.68 5.28
CA ILE A 325 -33.70 -6.00 4.00
C ILE A 325 -32.62 -6.74 3.29
N GLU A 326 -32.95 -7.27 2.12
CA GLU A 326 -32.08 -8.25 1.44
C GLU A 326 -31.92 -7.87 -0.03
N ALA A 327 -30.87 -8.40 -0.67
CA ALA A 327 -30.63 -8.16 -2.10
C ALA A 327 -31.74 -8.81 -2.90
N SER A 328 -32.05 -8.25 -4.06
CA SER A 328 -32.71 -9.03 -5.09
C SER A 328 -31.71 -9.69 -6.02
N GLU A 329 -32.26 -10.49 -6.91
CA GLU A 329 -31.52 -11.21 -7.92
C GLU A 329 -30.98 -10.30 -9.05
N ASP A 330 -31.28 -9.00 -9.00
CA ASP A 330 -30.78 -8.02 -9.96
C ASP A 330 -29.26 -8.19 -10.19
N LYS A 331 -28.83 -8.45 -11.43
CA LYS A 331 -27.47 -8.93 -11.70
C LYS A 331 -26.47 -7.76 -11.64
N LEU A 332 -27.01 -6.56 -11.79
CA LEU A 332 -26.24 -5.35 -11.56
C LEU A 332 -25.93 -5.21 -10.07
N LEU A 333 -26.97 -5.30 -9.26
CA LEU A 333 -26.82 -5.28 -7.82
C LEU A 333 -25.92 -6.37 -7.31
N GLN A 334 -26.03 -7.58 -7.86
CA GLN A 334 -25.22 -8.67 -7.38
C GLN A 334 -23.69 -8.37 -7.43
N GLY A 335 -23.22 -7.81 -8.51
CA GLY A 335 -21.82 -7.36 -8.62
C GLY A 335 -21.41 -6.23 -7.65
N ARG A 336 -22.29 -5.27 -7.44
CA ARG A 336 -22.07 -4.19 -6.48
C ARG A 336 -21.82 -4.73 -5.09
N LEU A 337 -22.47 -5.84 -4.76
CA LEU A 337 -22.33 -6.43 -3.39
C LEU A 337 -20.86 -6.72 -3.11
N PHE A 338 -20.15 -7.14 -4.15
CA PHE A 338 -18.72 -7.45 -4.05
C PHE A 338 -17.82 -6.18 -4.17
N SER A 339 -18.08 -5.37 -5.20
CA SER A 339 -17.17 -4.36 -5.70
C SER A 339 -16.91 -3.25 -4.67
N TYR A 340 -17.91 -2.89 -3.88
CA TYR A 340 -17.70 -1.74 -2.96
C TYR A 340 -16.68 -2.15 -1.86
N PRO A 341 -16.91 -3.29 -1.13
CA PRO A 341 -15.98 -3.53 -0.03
C PRO A 341 -14.62 -3.90 -0.59
N ASP A 342 -14.60 -4.42 -1.82
CA ASP A 342 -13.40 -4.75 -2.47
C ASP A 342 -12.56 -3.52 -2.78
N THR A 343 -13.18 -2.54 -3.43
CA THR A 343 -12.49 -1.27 -3.75
C THR A 343 -12.09 -0.53 -2.49
N GLN A 344 -12.89 -0.63 -1.43
CA GLN A 344 -12.64 0.06 -0.17
C GLN A 344 -11.41 -0.46 0.57
N ARG A 345 -11.23 -1.77 0.55
CA ARG A 345 -10.05 -2.39 1.11
C ARG A 345 -8.78 -1.88 0.49
N HIS A 346 -8.80 -1.63 -0.80
CA HIS A 346 -7.70 -0.99 -1.51
C HIS A 346 -7.64 0.51 -1.30
N ARG A 347 -8.76 1.22 -1.45
CA ARG A 347 -8.77 2.68 -1.29
C ARG A 347 -8.41 3.17 0.14
N LEU A 348 -8.80 2.40 1.15
CA LEU A 348 -8.84 2.87 2.53
C LEU A 348 -8.07 2.02 3.51
N GLY A 349 -7.81 0.76 3.13
CA GLY A 349 -7.16 -0.18 3.98
C GLY A 349 -8.05 -1.29 4.43
N ALA A 350 -7.40 -2.40 4.79
CA ALA A 350 -8.11 -3.58 5.25
C ALA A 350 -9.01 -3.27 6.41
N ASN A 351 -8.60 -2.33 7.26
CA ASN A 351 -9.38 -1.94 8.45
C ASN A 351 -10.24 -0.70 8.33
N TYR A 352 -10.79 -0.46 7.14
CA TYR A 352 -11.46 0.79 6.82
C TYR A 352 -12.73 0.89 7.65
N MET A 353 -13.25 -0.25 8.08
CA MET A 353 -14.48 -0.27 8.88
C MET A 353 -14.28 0.28 10.31
N ARG A 354 -13.03 0.55 10.69
CA ARG A 354 -12.72 1.18 11.95
C ARG A 354 -12.54 2.70 11.86
N ILE A 355 -12.51 3.24 10.64
CA ILE A 355 -12.51 4.67 10.46
C ILE A 355 -13.82 5.21 11.04
N PRO A 356 -13.78 6.23 11.93
CA PRO A 356 -14.96 6.60 12.71
C PRO A 356 -16.26 6.75 11.92
N VAL A 357 -16.29 7.47 10.79
CA VAL A 357 -17.51 7.59 10.03
C VAL A 357 -18.08 6.25 9.62
N ASN A 358 -17.23 5.25 9.40
CA ASN A 358 -17.73 3.92 8.92
C ASN A 358 -18.12 2.97 10.05
N CYS A 359 -17.82 3.35 11.28
CA CYS A 359 -18.10 2.46 12.42
C CYS A 359 -19.59 2.35 12.68
N PRO A 360 -20.07 1.14 12.98
CA PRO A 360 -21.46 0.98 13.47
C PRO A 360 -21.67 1.54 14.85
N TYR A 361 -22.91 1.89 15.19
CA TYR A 361 -23.32 2.11 16.56
C TYR A 361 -23.54 0.79 17.29
N ALA A 362 -24.04 -0.22 16.59
CA ALA A 362 -24.19 -1.57 17.15
C ALA A 362 -22.82 -2.19 17.46
N PRO A 363 -22.74 -3.00 18.52
CA PRO A 363 -21.45 -3.63 18.88
C PRO A 363 -20.89 -4.49 17.76
N VAL A 364 -19.56 -4.53 17.66
CA VAL A 364 -18.91 -5.40 16.75
C VAL A 364 -18.09 -6.40 17.58
N HIS A 365 -18.30 -7.70 17.35
CA HIS A 365 -17.47 -8.73 18.00
C HIS A 365 -17.29 -9.85 17.06
N ASN A 366 -16.07 -10.14 16.68
CA ASN A 366 -15.82 -11.25 15.80
C ASN A 366 -14.39 -11.68 15.91
N ASN A 367 -14.00 -12.63 15.10
CA ASN A 367 -12.69 -13.23 15.30
C ASN A 367 -11.64 -12.78 14.26
N GLN A 368 -11.95 -11.70 13.55
CA GLN A 368 -11.01 -11.17 12.58
C GLN A 368 -9.85 -10.56 13.39
N GLN A 369 -8.71 -10.41 12.78
CA GLN A 369 -7.59 -9.72 13.44
C GLN A 369 -6.60 -9.08 12.49
N ASP A 370 -5.78 -8.19 13.08
CA ASP A 370 -4.56 -7.70 12.49
C ASP A 370 -4.89 -6.78 11.27
N GLY A 371 -4.04 -6.77 10.28
CA GLY A 371 -4.26 -5.89 9.13
C GLY A 371 -3.52 -4.59 9.37
N PHE A 372 -3.15 -3.91 8.28
N PHE A 372 -3.19 -3.91 8.29
CA PHE A 372 -2.51 -2.62 8.35
CA PHE A 372 -2.73 -2.56 8.31
C PHE A 372 -3.29 -1.66 9.28
C PHE A 372 -3.35 -1.67 9.32
N MET A 373 -2.55 -0.96 10.10
CA MET A 373 -3.05 0.10 10.97
C MET A 373 -4.11 -0.46 11.90
N THR A 374 -3.68 -1.40 12.72
CA THR A 374 -4.50 -1.92 13.84
C THR A 374 -4.42 -0.97 15.02
N THR A 375 -5.50 -0.25 15.29
CA THR A 375 -5.48 0.84 16.27
C THR A 375 -6.41 0.57 17.43
N THR A 376 -7.07 -0.60 17.45
CA THR A 376 -8.22 -0.81 18.31
C THR A 376 -7.89 -1.49 19.64
N ARG A 377 -6.61 -1.64 20.00
CA ARG A 377 -6.28 -2.30 21.26
C ARG A 377 -6.95 -3.66 21.48
N PRO A 378 -6.70 -4.60 20.57
CA PRO A 378 -7.28 -5.91 20.77
C PRO A 378 -6.67 -6.66 22.01
N SER A 379 -7.40 -7.64 22.52
CA SER A 379 -6.96 -8.47 23.63
C SER A 379 -7.62 -9.83 23.57
N GLY A 380 -7.12 -10.78 24.38
CA GLY A 380 -7.75 -12.14 24.49
C GLY A 380 -7.01 -13.19 23.64
N HIS A 381 -7.18 -14.46 24.01
CA HIS A 381 -6.41 -15.57 23.42
C HIS A 381 -7.25 -16.28 22.31
N ILE A 382 -8.54 -15.98 22.26
CA ILE A 382 -9.46 -16.79 21.45
C ILE A 382 -9.89 -16.01 20.25
N ASN A 383 -9.46 -16.47 19.07
CA ASN A 383 -9.79 -15.75 17.82
C ASN A 383 -10.32 -16.71 16.77
N TYR A 384 -11.00 -17.74 17.26
CA TYR A 384 -11.45 -18.88 16.41
C TYR A 384 -12.82 -19.35 17.04
N GLU A 385 -13.70 -19.82 16.18
CA GLU A 385 -14.99 -20.37 16.53
C GLU A 385 -15.23 -21.51 15.57
N PRO A 386 -15.75 -22.62 16.07
CA PRO A 386 -16.16 -22.93 17.45
C PRO A 386 -15.05 -23.00 18.52
N ASN A 387 -15.45 -22.69 19.74
CA ASN A 387 -14.56 -22.79 20.84
C ASN A 387 -15.35 -23.20 22.07
N ARG A 388 -14.63 -23.53 23.13
CA ARG A 388 -15.29 -24.09 24.31
C ARG A 388 -15.78 -23.05 25.30
N TYR A 389 -15.72 -21.76 24.96
CA TYR A 389 -15.95 -20.69 25.92
C TYR A 389 -17.31 -20.04 25.66
N ASP A 390 -18.19 -20.14 26.64
CA ASP A 390 -19.60 -19.72 26.47
C ASP A 390 -19.79 -18.20 26.37
N ASP A 391 -18.84 -17.45 26.92
CA ASP A 391 -18.80 -16.00 26.92
C ASP A 391 -18.17 -15.38 25.64
N GLN A 392 -17.58 -16.19 24.77
CA GLN A 392 -17.05 -15.70 23.52
C GLN A 392 -18.21 -15.55 22.54
N PRO A 393 -18.04 -14.71 21.51
CA PRO A 393 -19.13 -14.48 20.58
C PRO A 393 -19.58 -15.75 19.82
N LYS A 394 -20.90 -15.93 19.72
CA LYS A 394 -21.51 -17.04 19.06
C LYS A 394 -22.46 -16.51 17.99
N GLU A 395 -22.63 -17.30 16.95
CA GLU A 395 -23.71 -17.11 16.04
C GLU A 395 -25.08 -17.04 16.77
N ASN A 396 -26.03 -16.40 16.11
CA ASN A 396 -27.34 -16.22 16.64
C ASN A 396 -28.37 -16.49 15.53
N PRO A 397 -29.00 -17.67 15.57
CA PRO A 397 -29.77 -18.04 14.41
C PRO A 397 -31.04 -17.20 14.21
N HIS A 398 -31.47 -16.48 15.26
CA HIS A 398 -32.53 -15.48 15.07
C HIS A 398 -32.19 -14.52 13.93
N TYR A 399 -30.91 -14.37 13.58
CA TYR A 399 -30.57 -13.39 12.58
C TYR A 399 -30.25 -13.98 11.22
N LYS A 400 -30.73 -15.17 10.92
CA LYS A 400 -30.51 -15.72 9.59
C LYS A 400 -31.26 -14.88 8.55
N GLU A 401 -30.72 -14.84 7.36
CA GLU A 401 -31.43 -14.26 6.23
C GLU A 401 -32.43 -15.28 5.64
N SER A 402 -33.34 -14.79 4.80
CA SER A 402 -34.29 -15.63 4.06
C SER A 402 -33.61 -16.59 3.11
N GLU A 403 -34.39 -17.52 2.55
CA GLU A 403 -33.89 -18.51 1.63
C GLU A 403 -34.59 -18.38 0.29
N PRO A 404 -34.21 -17.38 -0.53
CA PRO A 404 -34.96 -17.10 -1.76
C PRO A 404 -35.05 -18.33 -2.68
N VAL A 405 -36.21 -18.47 -3.32
CA VAL A 405 -36.43 -19.56 -4.24
C VAL A 405 -35.64 -19.31 -5.50
N LEU A 406 -35.02 -20.38 -6.00
CA LEU A 406 -34.30 -20.35 -7.29
C LEU A 406 -35.17 -20.93 -8.41
N HIS A 407 -35.23 -20.23 -9.53
CA HIS A 407 -36.02 -20.70 -10.64
C HIS A 407 -35.14 -21.42 -11.67
N GLY A 408 -33.86 -21.10 -11.74
CA GLY A 408 -32.96 -21.81 -12.65
C GLY A 408 -32.53 -23.19 -12.18
N ASP A 409 -32.28 -24.07 -13.12
CA ASP A 409 -31.76 -25.39 -12.77
C ASP A 409 -30.26 -25.62 -13.12
N ARG A 410 -29.60 -24.58 -13.67
CA ARG A 410 -28.19 -24.72 -14.05
CA ARG A 410 -28.23 -24.68 -14.19
C ARG A 410 -27.45 -23.38 -13.92
N MET A 411 -26.13 -23.49 -13.77
CA MET A 411 -25.25 -22.34 -13.82
C MET A 411 -25.10 -21.91 -15.25
N VAL A 412 -25.53 -20.69 -15.53
CA VAL A 412 -25.56 -20.17 -16.89
CA VAL A 412 -25.56 -20.17 -16.90
C VAL A 412 -25.02 -18.75 -16.96
N ARG A 413 -24.53 -18.39 -18.13
CA ARG A 413 -24.37 -16.98 -18.53
C ARG A 413 -25.30 -16.67 -19.69
N GLN A 414 -26.35 -15.95 -19.37
CA GLN A 414 -27.44 -15.78 -20.28
C GLN A 414 -28.26 -14.55 -19.87
N LYS A 415 -28.58 -13.70 -20.82
CA LYS A 415 -29.40 -12.52 -20.54
C LYS A 415 -30.75 -12.91 -19.95
N ILE A 416 -31.31 -12.03 -19.13
CA ILE A 416 -32.69 -12.18 -18.67
C ILE A 416 -33.67 -12.27 -19.86
N GLU A 417 -34.75 -13.00 -19.60
CA GLU A 417 -35.94 -12.94 -20.44
C GLU A 417 -36.62 -11.57 -20.31
N LYS A 418 -37.46 -11.27 -21.27
CA LYS A 418 -38.13 -10.00 -21.36
C LYS A 418 -37.24 -8.74 -21.19
N PRO A 419 -36.18 -8.64 -21.96
CA PRO A 419 -35.34 -7.45 -21.75
C PRO A 419 -36.08 -6.19 -22.10
N ASN A 420 -36.91 -6.24 -23.15
CA ASN A 420 -37.80 -5.14 -23.46
C ASN A 420 -37.12 -3.78 -23.43
N ASP A 421 -36.12 -3.60 -24.29
CA ASP A 421 -35.14 -2.51 -24.13
C ASP A 421 -35.70 -1.13 -24.44
N PHE A 422 -36.83 -1.05 -25.16
CA PHE A 422 -37.25 0.24 -25.75
C PHE A 422 -38.56 0.81 -25.24
N LYS A 423 -39.36 -0.02 -24.60
CA LYS A 423 -40.74 0.34 -24.32
C LYS A 423 -40.83 1.47 -23.32
N GLN A 424 -40.15 1.31 -22.18
CA GLN A 424 -40.28 2.29 -21.09
C GLN A 424 -39.62 3.59 -21.53
N ALA A 425 -38.59 3.50 -22.35
CA ALA A 425 -37.94 4.72 -22.90
C ALA A 425 -38.96 5.54 -23.69
N GLY A 426 -39.77 4.84 -24.49
CA GLY A 426 -40.83 5.51 -25.19
C GLY A 426 -41.82 6.11 -24.22
N GLU A 427 -42.18 5.37 -23.17
CA GLU A 427 -43.19 5.86 -22.26
C GLU A 427 -42.67 7.13 -21.59
N LYS A 428 -41.39 7.11 -21.23
CA LYS A 428 -40.81 8.27 -20.56
C LYS A 428 -40.79 9.49 -21.50
N TYR A 429 -40.37 9.28 -22.75
CA TYR A 429 -40.38 10.35 -23.77
C TYR A 429 -41.76 11.00 -23.85
N ARG A 430 -42.78 10.17 -23.93
CA ARG A 430 -44.15 10.69 -24.12
C ARG A 430 -44.65 11.41 -22.89
N SER A 431 -44.10 11.06 -21.73
CA SER A 431 -44.49 11.71 -20.47
C SER A 431 -43.91 13.11 -20.32
N TYR A 432 -42.90 13.43 -21.11
CA TYR A 432 -42.31 14.76 -21.08
C TYR A 432 -43.27 15.81 -21.67
N SER A 433 -43.32 16.99 -21.06
CA SER A 433 -43.85 18.22 -21.69
C SER A 433 -43.13 18.50 -22.98
N GLU A 434 -43.72 19.34 -23.82
CA GLU A 434 -43.10 19.70 -25.07
C GLU A 434 -41.75 20.40 -24.83
N GLU A 435 -41.71 21.26 -23.81
CA GLU A 435 -40.50 22.00 -23.45
C GLU A 435 -39.44 20.98 -23.13
N GLU A 436 -39.79 19.99 -22.30
CA GLU A 436 -38.83 18.97 -21.85
C GLU A 436 -38.35 18.13 -23.03
N LYS A 437 -39.27 17.79 -23.92
CA LYS A 437 -38.90 17.07 -25.13
C LYS A 437 -37.93 17.86 -25.99
N GLN A 438 -38.15 19.16 -26.08
CA GLN A 438 -37.22 20.01 -26.84
C GLN A 438 -35.84 20.03 -26.18
N ALA A 439 -35.83 20.09 -24.86
CA ALA A 439 -34.56 20.16 -24.15
C ALA A 439 -33.80 18.86 -24.39
N LEU A 440 -34.51 17.75 -24.30
CA LEU A 440 -33.96 16.42 -24.53
C LEU A 440 -33.27 16.33 -25.88
N ILE A 441 -34.01 16.72 -26.92
CA ILE A 441 -33.50 16.62 -28.27
C ILE A 441 -32.30 17.55 -28.45
N LYS A 442 -32.40 18.77 -27.93
CA LYS A 442 -31.31 19.75 -27.94
C LYS A 442 -30.06 19.20 -27.25
N ASN A 443 -30.25 18.62 -26.05
CA ASN A 443 -29.12 18.06 -25.28
C ASN A 443 -28.49 16.87 -25.98
N LEU A 444 -29.34 16.01 -26.55
CA LEU A 444 -28.82 14.85 -27.30
C LEU A 444 -28.04 15.29 -28.54
N THR A 445 -28.55 16.31 -29.21
CA THR A 445 -27.99 16.75 -30.50
C THR A 445 -26.61 17.31 -30.28
N ALA A 446 -26.47 18.15 -29.26
CA ALA A 446 -25.15 18.69 -28.91
C ALA A 446 -24.13 17.62 -28.55
N ASP A 447 -24.59 16.52 -27.94
CA ASP A 447 -23.71 15.41 -27.60
C ASP A 447 -23.33 14.53 -28.78
N LEU A 448 -24.27 14.36 -29.71
CA LEU A 448 -24.12 13.38 -30.81
C LEU A 448 -23.52 13.97 -32.08
N LYS A 449 -23.57 15.29 -32.22
CA LYS A 449 -23.34 15.89 -33.54
C LYS A 449 -21.96 15.57 -34.07
N GLY A 450 -20.98 15.35 -33.19
CA GLY A 450 -19.61 15.07 -33.62
C GLY A 450 -19.23 13.61 -33.67
N VAL A 451 -20.14 12.69 -33.39
CA VAL A 451 -19.73 11.29 -33.25
C VAL A 451 -19.77 10.60 -34.60
N ASN A 452 -19.01 9.52 -34.74
CA ASN A 452 -18.96 8.67 -35.94
C ASN A 452 -20.38 8.46 -36.54
N GLU A 453 -20.51 8.60 -37.86
CA GLU A 453 -21.81 8.58 -38.51
C GLU A 453 -22.57 7.30 -38.28
N LYS A 454 -21.88 6.19 -38.33
CA LYS A 454 -22.52 4.88 -38.11
C LYS A 454 -23.09 4.74 -36.67
N THR A 455 -22.29 5.12 -35.68
CA THR A 455 -22.72 5.17 -34.29
C THR A 455 -23.90 6.14 -34.12
N LYS A 456 -23.83 7.29 -34.76
CA LYS A 456 -24.85 8.31 -34.71
C LYS A 456 -26.17 7.79 -35.25
N LEU A 457 -26.08 7.04 -36.33
CA LEU A 457 -27.30 6.43 -36.88
C LEU A 457 -27.92 5.40 -35.91
N LEU A 458 -27.06 4.56 -35.33
CA LEU A 458 -27.53 3.51 -34.42
C LEU A 458 -28.21 4.11 -33.20
N ALA A 459 -27.69 5.21 -32.68
CA ALA A 459 -28.33 5.95 -31.60
C ALA A 459 -29.74 6.41 -31.99
N ILE A 460 -29.82 7.03 -33.17
CA ILE A 460 -31.13 7.46 -33.71
C ILE A 460 -32.09 6.30 -33.80
N CYS A 461 -31.64 5.20 -34.39
CA CYS A 461 -32.45 4.00 -34.48
CA CYS A 461 -32.45 3.98 -34.48
C CYS A 461 -32.94 3.51 -33.11
N ASN A 462 -32.07 3.55 -32.08
CA ASN A 462 -32.48 3.06 -30.79
C ASN A 462 -33.59 3.94 -30.27
N PHE A 463 -33.43 5.26 -30.41
CA PHE A 463 -34.43 6.16 -29.83
C PHE A 463 -35.72 6.15 -30.69
N TYR A 464 -35.55 5.87 -31.98
CA TYR A 464 -36.71 5.61 -32.87
C TYR A 464 -37.56 4.38 -32.42
N ARG A 465 -36.88 3.28 -32.08
CA ARG A 465 -37.57 2.13 -31.51
C ARG A 465 -38.27 2.45 -30.20
N ALA A 466 -37.73 3.37 -29.41
CA ALA A 466 -38.42 3.81 -28.21
C ALA A 466 -39.67 4.54 -28.59
N ASP A 467 -39.53 5.53 -29.47
CA ASP A 467 -40.68 6.28 -29.94
C ASP A 467 -40.36 6.96 -31.29
N GLU A 468 -41.25 6.84 -32.28
CA GLU A 468 -40.89 7.18 -33.67
C GLU A 468 -40.73 8.69 -33.83
N ASP A 469 -41.54 9.46 -33.11
CA ASP A 469 -41.39 10.91 -33.01
C ASP A 469 -40.04 11.29 -32.36
N TYR A 470 -39.76 10.69 -31.18
CA TYR A 470 -38.46 10.83 -30.52
C TYR A 470 -37.36 10.67 -31.53
N GLY A 471 -37.34 9.53 -32.21
CA GLY A 471 -36.29 9.23 -33.17
C GLY A 471 -36.21 10.18 -34.36
N GLN A 472 -37.37 10.48 -34.95
CA GLN A 472 -37.38 11.34 -36.14
C GLN A 472 -36.92 12.77 -35.77
N ARG A 473 -37.42 13.30 -34.66
CA ARG A 473 -37.03 14.62 -34.20
C ARG A 473 -35.52 14.70 -34.02
N LEU A 474 -34.94 13.63 -33.47
CA LEU A 474 -33.50 13.63 -33.22
C LEU A 474 -32.76 13.60 -34.56
N ALA A 475 -33.22 12.74 -35.46
CA ALA A 475 -32.61 12.64 -36.80
C ALA A 475 -32.65 13.98 -37.57
N ASP A 476 -33.81 14.63 -37.56
CA ASP A 476 -33.98 15.97 -38.17
C ASP A 476 -32.96 16.95 -37.62
N SER A 477 -32.87 16.98 -36.28
CA SER A 477 -32.03 17.94 -35.55
C SER A 477 -30.55 17.67 -35.84
N LEU A 478 -30.19 16.39 -35.95
CA LEU A 478 -28.85 16.04 -36.42
C LEU A 478 -28.62 16.13 -37.94
N GLY A 479 -29.67 16.35 -38.74
CA GLY A 479 -29.50 16.45 -40.17
C GLY A 479 -29.19 15.09 -40.75
N VAL A 480 -29.70 14.03 -40.12
CA VAL A 480 -29.54 12.66 -40.62
C VAL A 480 -30.84 12.23 -41.29
N ASP A 481 -30.69 11.83 -42.55
CA ASP A 481 -31.82 11.37 -43.35
C ASP A 481 -32.00 9.90 -43.08
N ILE A 482 -33.16 9.53 -42.55
CA ILE A 482 -33.41 8.11 -42.18
C ILE A 482 -34.47 7.45 -43.07
N ARG A 483 -34.81 8.11 -44.17
CA ARG A 483 -35.76 7.54 -45.13
C ARG A 483 -35.50 6.07 -45.55
N SER A 484 -34.29 5.72 -45.93
CA SER A 484 -34.04 4.37 -46.46
C SER A 484 -34.35 3.27 -45.41
N TYR A 485 -34.45 3.62 -44.12
CA TYR A 485 -34.98 2.75 -43.07
C TYR A 485 -36.30 3.35 -42.58
N HIS B 6 33.63 -5.17 -16.70
CA HIS B 6 33.65 -4.03 -15.71
C HIS B 6 32.52 -3.03 -15.91
N LYS B 7 31.83 -2.70 -14.82
CA LYS B 7 30.62 -1.89 -14.88
C LYS B 7 30.65 -0.83 -13.79
N ASN B 8 30.01 0.31 -14.02
CA ASN B 8 29.75 1.23 -12.95
C ASN B 8 28.61 0.82 -12.06
N LEU B 9 28.83 0.98 -10.77
CA LEU B 9 27.72 1.17 -9.82
C LEU B 9 27.04 2.50 -10.13
N THR B 10 25.71 2.50 -10.23
CA THR B 10 24.91 3.70 -10.52
C THR B 10 23.77 3.91 -9.51
N THR B 11 23.24 5.12 -9.49
CA THR B 11 21.91 5.34 -8.94
C THR B 11 20.84 4.80 -9.86
N ASN B 12 19.60 4.83 -9.38
CA ASN B 12 18.46 4.33 -10.18
C ASN B 12 18.16 5.30 -11.32
N GLN B 13 18.71 6.53 -11.23
CA GLN B 13 18.69 7.51 -12.30
C GLN B 13 19.74 7.25 -13.37
N GLY B 14 20.62 6.29 -13.14
CA GLY B 14 21.65 5.92 -14.16
C GLY B 14 22.92 6.77 -14.10
N VAL B 15 23.07 7.52 -13.00
CA VAL B 15 24.26 8.29 -12.74
C VAL B 15 25.31 7.41 -12.04
N PRO B 16 26.49 7.24 -12.63
CA PRO B 16 27.56 6.56 -11.86
C PRO B 16 27.89 7.13 -10.47
N VAL B 17 28.11 6.24 -9.50
CA VAL B 17 28.32 6.58 -8.11
C VAL B 17 29.84 6.81 -7.88
N GLY B 18 30.21 8.00 -7.47
CA GLY B 18 31.62 8.34 -7.23
C GLY B 18 32.22 7.68 -5.97
N ASP B 19 31.36 7.41 -4.98
CA ASP B 19 31.81 6.90 -3.67
C ASP B 19 30.65 6.13 -3.05
N ASN B 20 30.75 4.82 -3.01
CA ASN B 20 29.76 3.96 -2.39
C ASN B 20 30.17 3.56 -0.97
N GLN B 21 31.14 4.28 -0.40
CA GLN B 21 31.64 3.97 0.95
C GLN B 21 31.27 5.00 1.99
N ASN B 22 31.39 6.28 1.63
CA ASN B 22 31.22 7.38 2.59
C ASN B 22 29.99 8.23 2.28
N SER B 23 29.23 8.47 3.34
CA SER B 23 28.19 9.48 3.35
C SER B 23 28.80 10.85 3.14
N ARG B 24 27.94 11.80 2.74
CA ARG B 24 28.37 13.19 2.54
C ARG B 24 28.17 13.98 3.80
N THR B 25 29.28 14.55 4.29
CA THR B 25 29.33 15.05 5.67
C THR B 25 29.98 16.43 5.72
N ALA B 26 29.84 17.10 6.86
CA ALA B 26 30.54 18.34 7.14
C ALA B 26 31.97 18.04 7.61
N GLY B 27 32.90 17.99 6.66
CA GLY B 27 34.24 17.42 6.90
C GLY B 27 34.21 15.94 7.20
N HIS B 28 35.39 15.40 7.41
CA HIS B 28 35.59 13.95 7.46
C HIS B 28 34.97 13.36 8.72
N ARG B 29 34.63 14.16 9.72
CA ARG B 29 34.00 13.58 10.86
C ARG B 29 32.67 14.20 11.32
N GLY B 30 32.01 14.97 10.47
CA GLY B 30 30.96 15.87 10.96
C GLY B 30 29.68 15.17 10.63
N PRO B 31 28.57 15.81 10.98
CA PRO B 31 27.26 15.22 10.72
C PRO B 31 26.92 15.20 9.20
N SER B 32 25.87 14.46 8.84
CA SER B 32 25.57 14.13 7.45
C SER B 32 24.61 15.12 6.84
N PHE B 33 24.76 15.31 5.53
CA PHE B 33 23.99 16.27 4.78
C PHE B 33 22.80 15.62 4.12
N LEU B 34 21.72 16.39 4.05
CA LEU B 34 20.51 15.95 3.37
C LEU B 34 20.69 15.77 1.88
N ASP B 35 21.51 16.62 1.26
CA ASP B 35 21.86 16.50 -0.13
C ASP B 35 22.86 15.35 -0.37
N ASP B 36 22.35 14.12 -0.26
CA ASP B 36 23.13 12.93 -0.54
C ASP B 36 22.17 11.96 -1.18
N TYR B 37 21.96 12.15 -2.48
CA TYR B 37 20.91 11.46 -3.15
C TYR B 37 21.23 9.95 -3.12
N HIS B 38 22.49 9.58 -3.32
CA HIS B 38 22.82 8.16 -3.37
C HIS B 38 22.50 7.46 -2.04
N LEU B 39 22.81 8.12 -0.94
CA LEU B 39 22.55 7.57 0.40
C LEU B 39 21.03 7.41 0.61
N ILE B 40 20.28 8.47 0.36
CA ILE B 40 18.84 8.45 0.61
C ILE B 40 18.20 7.45 -0.30
N GLU B 41 18.55 7.43 -1.57
CA GLU B 41 17.95 6.49 -2.47
C GLU B 41 18.23 5.04 -2.10
N LYS B 42 19.46 4.76 -1.71
CA LYS B 42 19.87 3.41 -1.36
C LYS B 42 19.25 2.95 -0.06
N LEU B 43 19.22 3.82 0.95
CA LEU B 43 18.55 3.49 2.22
C LEU B 43 17.03 3.39 2.04
N ALA B 44 16.46 4.30 1.24
CA ALA B 44 15.00 4.29 1.03
C ALA B 44 14.58 2.98 0.35
N HIS B 45 15.37 2.51 -0.60
CA HIS B 45 14.96 1.26 -1.26
C HIS B 45 15.15 0.06 -0.38
N PHE B 46 16.28 0.03 0.34
CA PHE B 46 16.49 -0.98 1.38
C PHE B 46 15.32 -1.07 2.38
N ASP B 47 14.89 0.10 2.85
CA ASP B 47 13.78 0.29 3.78
C ASP B 47 12.42 -0.27 3.28
N ARG B 48 12.31 -0.47 1.95
CA ARG B 48 11.09 -0.95 1.29
C ARG B 48 11.24 -2.32 0.62
N GLU B 49 12.30 -3.05 0.95
CA GLU B 49 12.50 -4.37 0.33
C GLU B 49 11.36 -5.35 0.62
N ARG B 50 10.80 -5.32 1.82
CA ARG B 50 9.93 -6.40 2.27
C ARG B 50 8.49 -6.17 1.82
N ILE B 51 7.82 -7.25 1.45
CA ILE B 51 6.38 -7.27 1.25
C ILE B 51 5.74 -8.28 2.23
N PRO B 52 4.42 -8.24 2.43
CA PRO B 52 3.82 -9.14 3.37
C PRO B 52 4.06 -10.59 2.94
N GLU B 53 4.25 -11.49 3.89
CA GLU B 53 4.40 -12.92 3.60
C GLU B 53 3.01 -13.47 3.34
N ARG B 54 2.95 -14.69 2.77
CA ARG B 54 1.70 -15.37 2.58
C ARG B 54 1.05 -15.60 3.92
N VAL B 55 -0.25 -15.41 3.97
CA VAL B 55 -0.99 -15.53 5.24
C VAL B 55 -0.93 -16.94 5.79
N VAL B 56 -0.88 -17.92 4.88
CA VAL B 56 -0.42 -19.27 5.19
C VAL B 56 0.52 -19.77 4.14
N HIS B 57 1.23 -20.86 4.43
CA HIS B 57 2.30 -21.39 3.54
C HIS B 57 3.44 -20.39 3.28
N ALA B 58 3.75 -19.60 4.29
CA ALA B 58 4.74 -18.53 4.13
C ALA B 58 6.13 -19.06 3.90
N ARG B 59 6.47 -20.19 4.54
CA ARG B 59 7.77 -20.86 4.32
C ARG B 59 7.71 -21.85 3.16
N GLY B 60 8.59 -21.68 2.20
CA GLY B 60 8.52 -22.52 0.98
C GLY B 60 9.68 -22.33 0.03
N ALA B 61 9.70 -23.20 -0.99
CA ALA B 61 10.74 -23.19 -1.98
C ALA B 61 10.20 -23.54 -3.35
N GLY B 62 10.83 -22.97 -4.38
CA GLY B 62 10.35 -23.13 -5.75
C GLY B 62 11.35 -23.66 -6.74
N ALA B 63 10.82 -24.17 -7.85
CA ALA B 63 11.66 -24.66 -8.94
C ALA B 63 10.82 -24.72 -10.21
N TYR B 64 11.48 -24.67 -11.33
CA TYR B 64 10.85 -24.85 -12.64
C TYR B 64 11.05 -26.27 -13.12
N GLY B 65 10.17 -26.71 -14.02
CA GLY B 65 10.43 -27.95 -14.79
C GLY B 65 9.53 -28.14 -15.98
N VAL B 66 9.30 -29.42 -16.32
CA VAL B 66 8.48 -29.78 -17.49
C VAL B 66 7.53 -30.88 -17.12
N PHE B 67 6.31 -30.78 -17.61
CA PHE B 67 5.34 -31.85 -17.51
C PHE B 67 5.19 -32.47 -18.91
N GLU B 68 5.27 -33.79 -18.98
CA GLU B 68 5.09 -34.46 -20.27
C GLU B 68 3.97 -35.47 -20.20
N VAL B 69 3.05 -35.40 -21.15
CA VAL B 69 1.91 -36.33 -21.24
C VAL B 69 2.40 -37.68 -21.69
N GLU B 70 2.01 -38.73 -20.96
CA GLU B 70 2.14 -40.11 -21.41
C GLU B 70 0.90 -40.62 -22.08
N ASN B 71 -0.25 -40.44 -21.43
CA ASN B 71 -1.55 -40.84 -21.98
C ASN B 71 -2.49 -39.66 -22.19
N SER B 72 -2.84 -39.40 -23.42
CA SER B 72 -3.65 -38.23 -23.72
C SER B 72 -5.06 -38.41 -23.07
N MET B 73 -5.68 -37.33 -22.61
CA MET B 73 -6.90 -37.43 -21.78
C MET B 73 -8.09 -36.85 -22.48
N GLU B 74 -7.97 -36.64 -23.79
CA GLU B 74 -9.06 -35.98 -24.59
C GLU B 74 -10.45 -36.64 -24.53
N LYS B 75 -10.49 -37.95 -24.25
CA LYS B 75 -11.77 -38.67 -23.99
C LYS B 75 -12.53 -38.03 -22.84
N HIS B 76 -11.82 -37.49 -21.85
CA HIS B 76 -12.44 -37.02 -20.61
C HIS B 76 -12.35 -35.49 -20.36
N THR B 77 -11.35 -34.85 -20.97
CA THR B 77 -11.18 -33.43 -20.86
C THR B 77 -10.64 -32.84 -22.18
N ARG B 78 -11.19 -31.70 -22.56
CA ARG B 78 -10.65 -30.93 -23.69
C ARG B 78 -9.37 -30.15 -23.34
N ALA B 79 -8.79 -30.32 -22.13
CA ALA B 79 -7.68 -29.49 -21.72
C ALA B 79 -6.51 -29.63 -22.72
N ALA B 80 -6.06 -28.49 -23.25
CA ALA B 80 -5.10 -28.49 -24.35
C ALA B 80 -3.79 -29.17 -23.96
N PHE B 81 -3.29 -28.81 -22.78
CA PHE B 81 -2.02 -29.39 -22.32
C PHE B 81 -2.05 -30.93 -22.18
N LEU B 82 -3.23 -31.52 -22.16
CA LEU B 82 -3.32 -32.98 -21.95
C LEU B 82 -3.74 -33.69 -23.21
N SER B 83 -3.69 -33.00 -24.35
CA SER B 83 -4.38 -33.48 -25.55
C SER B 83 -3.60 -34.56 -26.32
N GLU B 84 -2.28 -34.66 -26.16
CA GLU B 84 -1.47 -35.53 -27.04
C GLU B 84 -0.36 -36.18 -26.24
N GLU B 85 -0.12 -37.47 -26.50
CA GLU B 85 1.04 -38.21 -26.03
C GLU B 85 2.32 -37.43 -26.37
N GLY B 86 3.21 -37.29 -25.38
CA GLY B 86 4.48 -36.59 -25.60
C GLY B 86 4.45 -35.06 -25.43
N LYS B 87 3.28 -34.48 -25.28
CA LYS B 87 3.14 -33.04 -25.20
C LYS B 87 3.76 -32.54 -23.91
N GLN B 88 4.66 -31.58 -24.03
CA GLN B 88 5.38 -31.00 -22.90
C GLN B 88 4.86 -29.62 -22.57
N THR B 89 4.69 -29.35 -21.28
CA THR B 89 4.27 -28.03 -20.80
C THR B 89 5.19 -27.57 -19.69
N ASP B 90 5.72 -26.35 -19.79
CA ASP B 90 6.56 -25.81 -18.70
C ASP B 90 5.76 -25.67 -17.42
N VAL B 91 6.41 -25.90 -16.27
CA VAL B 91 5.76 -25.69 -14.99
C VAL B 91 6.66 -24.86 -14.08
N PHE B 92 6.02 -24.11 -13.17
CA PHE B 92 6.66 -23.63 -11.95
C PHE B 92 5.96 -24.20 -10.73
N VAL B 93 6.73 -24.63 -9.76
CA VAL B 93 6.21 -25.36 -8.59
C VAL B 93 6.73 -24.71 -7.34
N ARG B 94 5.85 -24.42 -6.40
CA ARG B 94 6.31 -24.07 -5.04
C ARG B 94 5.79 -25.10 -4.01
N PHE B 95 6.70 -25.55 -3.17
CA PHE B 95 6.40 -26.37 -1.99
C PHE B 95 6.56 -25.58 -0.75
N SER B 96 5.91 -26.00 0.31
CA SER B 96 5.80 -25.14 1.48
C SER B 96 5.36 -25.97 2.69
N THR B 97 5.60 -25.41 3.87
CA THR B 97 4.84 -25.73 5.08
C THR B 97 3.57 -24.88 5.14
N VAL B 98 2.88 -24.81 6.29
CA VAL B 98 1.57 -24.12 6.35
C VAL B 98 1.50 -22.97 7.36
N ILE B 99 1.75 -23.28 8.62
CA ILE B 99 1.35 -22.44 9.70
C ILE B 99 2.37 -21.34 10.06
N HIS B 100 3.64 -21.69 10.23
CA HIS B 100 4.59 -20.75 10.79
C HIS B 100 5.09 -19.80 9.73
N PRO B 101 5.68 -18.66 10.16
CA PRO B 101 6.08 -17.66 9.19
C PRO B 101 7.30 -18.04 8.34
N LYS B 102 7.69 -17.13 7.46
N LYS B 102 7.70 -17.10 7.49
CA LYS B 102 8.78 -17.29 6.51
CA LYS B 102 8.95 -17.15 6.78
C LYS B 102 10.09 -17.98 6.89
C LYS B 102 10.04 -17.37 7.81
N GLY B 103 10.63 -17.67 8.06
N GLY B 103 11.04 -18.14 7.44
CA GLY B 103 11.95 -18.21 8.49
CA GLY B 103 12.11 -18.33 8.38
C GLY B 103 11.88 -19.47 9.35
C GLY B 103 11.92 -19.51 9.32
N SER B 104 10.72 -20.06 9.41
CA SER B 104 10.38 -21.10 10.37
C SER B 104 10.94 -22.46 9.92
N PRO B 105 11.21 -23.38 10.86
CA PRO B 105 11.88 -24.63 10.46
C PRO B 105 11.02 -25.51 9.54
N GLU B 106 11.67 -26.25 8.67
CA GLU B 106 10.95 -27.21 7.78
C GLU B 106 10.81 -28.63 8.38
N THR B 107 11.05 -28.73 9.69
CA THR B 107 11.01 -29.97 10.45
C THR B 107 9.72 -30.07 11.33
N LEU B 108 8.84 -29.09 11.22
CA LEU B 108 7.62 -29.05 11.98
C LEU B 108 6.56 -29.91 11.33
N ARG B 109 5.65 -30.40 12.15
CA ARG B 109 4.45 -31.10 11.67
C ARG B 109 3.51 -30.11 10.97
N ASP B 110 2.97 -30.52 9.83
CA ASP B 110 2.17 -29.66 8.97
C ASP B 110 1.91 -30.45 7.68
N PRO B 111 0.74 -30.25 7.05
CA PRO B 111 0.69 -30.53 5.62
C PRO B 111 1.74 -29.80 4.92
N ARG B 112 2.11 -30.30 3.76
CA ARG B 112 2.96 -29.56 2.90
C ARG B 112 2.19 -29.11 1.64
N GLY B 113 2.40 -27.86 1.25
CA GLY B 113 1.87 -27.38 0.00
C GLY B 113 2.60 -27.90 -1.22
N PHE B 114 1.88 -28.03 -2.32
CA PHE B 114 2.35 -28.65 -3.53
C PHE B 114 1.63 -27.97 -4.66
N ALA B 115 2.13 -26.80 -5.06
CA ALA B 115 1.44 -25.89 -5.96
C ALA B 115 2.12 -25.92 -7.32
N VAL B 116 1.39 -26.28 -8.36
CA VAL B 116 1.92 -26.40 -9.69
C VAL B 116 1.25 -25.50 -10.67
N LYS B 117 2.04 -24.67 -11.34
CA LYS B 117 1.58 -23.74 -12.34
C LYS B 117 2.03 -24.26 -13.69
N PHE B 118 1.05 -24.56 -14.53
CA PHE B 118 1.28 -25.11 -15.85
C PHE B 118 1.05 -23.99 -16.87
N TYR B 119 2.10 -23.67 -17.61
CA TYR B 119 2.02 -22.58 -18.62
C TYR B 119 1.43 -23.06 -19.98
N THR B 120 0.10 -23.22 -20.05
CA THR B 120 -0.49 -23.94 -21.19
C THR B 120 -0.80 -22.98 -22.33
N GLU B 121 -1.04 -23.57 -23.50
CA GLU B 121 -1.28 -22.75 -24.66
C GLU B 121 -2.65 -22.07 -24.56
N GLU B 122 -3.51 -22.51 -23.64
CA GLU B 122 -4.85 -21.90 -23.46
C GLU B 122 -4.96 -21.16 -22.14
N GLY B 123 -3.79 -20.82 -21.59
CA GLY B 123 -3.71 -20.07 -20.33
C GLY B 123 -2.94 -20.84 -19.27
N ASN B 124 -2.68 -20.15 -18.18
CA ASN B 124 -2.05 -20.77 -17.05
C ASN B 124 -3.04 -21.58 -16.25
N TYR B 125 -2.68 -22.83 -15.94
CA TYR B 125 -3.49 -23.67 -15.08
C TYR B 125 -2.75 -23.92 -13.76
N ASP B 126 -3.36 -23.58 -12.64
CA ASP B 126 -2.75 -23.76 -11.31
C ASP B 126 -3.42 -24.90 -10.59
N LEU B 127 -2.66 -25.90 -10.24
CA LEU B 127 -3.20 -26.98 -9.45
C LEU B 127 -2.58 -26.84 -8.09
N VAL B 128 -3.34 -26.27 -7.17
CA VAL B 128 -2.84 -25.81 -5.90
C VAL B 128 -3.11 -26.89 -4.87
N GLY B 129 -2.16 -27.81 -4.72
CA GLY B 129 -2.39 -29.05 -3.96
C GLY B 129 -1.67 -29.00 -2.62
N ASN B 130 -1.86 -30.05 -1.84
CA ASN B 130 -1.06 -30.37 -0.64
C ASN B 130 -0.53 -31.80 -0.81
N ASN B 131 0.37 -32.27 0.05
CA ASN B 131 0.78 -33.66 0.01
C ASN B 131 -0.35 -34.59 0.41
N LEU B 132 -0.98 -34.30 1.54
CA LEU B 132 -2.08 -35.13 2.03
C LEU B 132 -3.37 -34.91 1.19
N PRO B 133 -4.18 -35.98 0.98
CA PRO B 133 -5.20 -35.94 -0.04
C PRO B 133 -6.59 -35.42 0.45
N ILE B 134 -6.72 -35.08 1.73
CA ILE B 134 -7.98 -34.60 2.29
CA ILE B 134 -7.96 -34.60 2.31
C ILE B 134 -7.70 -33.33 3.11
N PHE B 135 -8.73 -32.81 3.72
CA PHE B 135 -8.55 -31.57 4.48
C PHE B 135 -9.34 -31.69 5.79
N PHE B 136 -9.12 -30.72 6.68
CA PHE B 136 -9.66 -30.70 8.03
C PHE B 136 -11.12 -30.26 8.03
N ILE B 137 -11.52 -29.48 7.03
CA ILE B 137 -12.83 -28.82 7.01
C ILE B 137 -13.35 -28.94 5.60
N ARG B 138 -14.64 -28.67 5.42
CA ARG B 138 -15.32 -28.84 4.16
C ARG B 138 -16.06 -27.60 3.69
N ASP B 139 -15.89 -26.49 4.42
CA ASP B 139 -16.46 -25.20 4.05
C ASP B 139 -15.50 -24.04 4.30
N ALA B 140 -15.33 -23.16 3.31
CA ALA B 140 -14.36 -22.09 3.40
C ALA B 140 -14.64 -21.07 4.50
N LEU B 141 -15.89 -21.00 4.98
CA LEU B 141 -16.25 -20.08 6.01
C LEU B 141 -15.51 -20.39 7.27
N LYS B 142 -15.05 -21.63 7.41
CA LYS B 142 -14.36 -22.04 8.67
C LYS B 142 -12.83 -21.83 8.56
N PHE B 143 -12.31 -21.46 7.38
CA PHE B 143 -10.87 -21.44 7.24
C PHE B 143 -10.14 -20.47 8.14
N PRO B 144 -10.62 -19.23 8.25
CA PRO B 144 -9.90 -18.33 9.22
C PRO B 144 -9.93 -18.81 10.69
N ASP B 145 -10.98 -19.51 11.06
CA ASP B 145 -11.08 -20.09 12.41
C ASP B 145 -10.04 -21.16 12.63
N MET B 146 -9.96 -22.07 11.66
CA MET B 146 -9.05 -23.15 11.73
C MET B 146 -7.60 -22.61 11.84
N VAL B 147 -7.29 -21.69 10.93
CA VAL B 147 -5.95 -21.12 10.83
C VAL B 147 -5.61 -20.36 12.09
N HIS B 148 -6.53 -19.54 12.58
CA HIS B 148 -6.33 -18.81 13.83
C HIS B 148 -6.06 -19.76 15.04
N SER B 149 -6.72 -20.92 15.05
CA SER B 149 -6.56 -21.89 16.12
C SER B 149 -5.21 -22.57 16.06
N LEU B 150 -4.71 -22.77 14.87
CA LEU B 150 -3.40 -23.41 14.62
C LEU B 150 -2.21 -22.47 14.73
N LYS B 151 -2.43 -21.23 14.32
CA LYS B 151 -1.36 -20.22 14.36
C LYS B 151 -0.89 -19.94 15.82
N PRO B 152 0.33 -19.43 15.97
CA PRO B 152 0.74 -18.97 17.28
C PRO B 152 -0.31 -18.11 17.96
N ASP B 153 -0.50 -18.39 19.24
CA ASP B 153 -1.43 -17.72 20.08
C ASP B 153 -1.24 -16.23 19.92
N PRO B 154 -2.33 -15.44 19.82
CA PRO B 154 -2.13 -14.03 19.46
C PRO B 154 -1.59 -13.17 20.57
N VAL B 155 -1.48 -13.74 21.77
CA VAL B 155 -0.80 -13.08 22.91
C VAL B 155 0.65 -13.53 23.08
N THR B 156 0.89 -14.84 23.03
CA THR B 156 2.20 -15.38 23.33
C THR B 156 3.16 -15.48 22.15
N ASN B 157 2.61 -15.46 20.93
CA ASN B 157 3.35 -15.83 19.72
C ASN B 157 3.91 -17.25 19.66
N ILE B 158 3.24 -18.18 20.34
CA ILE B 158 3.64 -19.56 20.33
C ILE B 158 2.39 -20.42 20.04
N GLN B 159 2.57 -21.41 19.18
CA GLN B 159 1.51 -22.31 18.86
C GLN B 159 1.13 -23.14 20.08
N ASP B 160 -0.17 -23.35 20.28
CA ASP B 160 -0.69 -23.99 21.47
C ASP B 160 -1.67 -25.11 21.08
N PRO B 161 -1.30 -26.38 21.35
CA PRO B 161 -2.23 -27.53 21.09
C PRO B 161 -3.62 -27.40 21.73
N ASP B 162 -3.69 -26.73 22.87
CA ASP B 162 -4.97 -26.51 23.52
C ASP B 162 -5.95 -25.65 22.66
N ARG B 163 -5.41 -24.73 21.88
CA ARG B 163 -6.17 -23.91 20.95
C ARG B 163 -6.62 -24.66 19.72
N TYR B 164 -5.71 -25.30 19.01
CA TYR B 164 -6.18 -25.99 17.80
C TYR B 164 -6.96 -27.24 18.11
N TRP B 165 -6.64 -27.93 19.21
CA TRP B 165 -7.45 -29.09 19.60
C TRP B 165 -8.84 -28.72 19.99
N ASP B 166 -9.04 -27.56 20.60
CA ASP B 166 -10.38 -27.05 20.93
C ASP B 166 -11.19 -26.92 19.65
N PHE B 167 -10.58 -26.27 18.65
CA PHE B 167 -11.24 -26.12 17.39
C PHE B 167 -11.49 -27.48 16.71
N MET B 168 -10.45 -28.29 16.59
CA MET B 168 -10.58 -29.56 15.83
C MET B 168 -11.60 -30.51 16.46
N THR B 169 -11.56 -30.64 17.79
CA THR B 169 -12.54 -31.49 18.49
C THR B 169 -13.99 -31.06 18.29
N LEU B 170 -14.23 -29.75 18.26
CA LEU B 170 -15.57 -29.23 17.99
C LEU B 170 -15.89 -29.19 16.51
N THR B 171 -14.97 -29.70 15.67
CA THR B 171 -15.10 -29.72 14.23
C THR B 171 -14.79 -31.17 13.79
N PRO B 172 -15.70 -32.11 14.09
CA PRO B 172 -15.38 -33.52 13.96
C PRO B 172 -15.19 -34.00 12.54
N GLU B 173 -15.62 -33.23 11.56
CA GLU B 173 -15.23 -33.53 10.18
C GLU B 173 -13.69 -33.61 10.02
N SER B 174 -12.95 -33.07 10.99
CA SER B 174 -11.46 -33.06 10.94
C SER B 174 -10.81 -34.40 11.25
N THR B 175 -11.61 -35.42 11.59
CA THR B 175 -11.10 -36.65 12.23
C THR B 175 -10.26 -37.45 11.21
N HIS B 176 -10.70 -37.52 9.96
CA HIS B 176 -9.95 -38.18 8.91
C HIS B 176 -8.62 -37.49 8.65
N MET B 177 -8.63 -36.18 8.46
CA MET B 177 -7.36 -35.45 8.24
C MET B 177 -6.36 -35.71 9.36
N LEU B 178 -6.81 -35.55 10.61
CA LEU B 178 -5.89 -35.74 11.76
C LEU B 178 -5.27 -37.14 11.77
N THR B 179 -6.06 -38.13 11.33
CA THR B 179 -5.60 -39.52 11.27
C THR B 179 -4.47 -39.72 10.29
N TRP B 180 -4.37 -38.86 9.27
CA TRP B 180 -3.23 -38.80 8.35
C TRP B 180 -2.10 -37.93 8.86
N LEU B 181 -2.43 -36.74 9.36
CA LEU B 181 -1.43 -35.76 9.77
C LEU B 181 -0.61 -36.21 10.98
N PHE B 182 -1.20 -37.01 11.85
CA PHE B 182 -0.46 -37.51 13.02
C PHE B 182 0.14 -38.89 12.84
N SER B 183 0.08 -39.42 11.62
CA SER B 183 1.06 -40.41 11.20
C SER B 183 2.38 -39.70 11.01
N ASP B 184 3.43 -40.42 10.70
CA ASP B 184 4.73 -39.71 10.47
C ASP B 184 4.75 -38.94 9.13
N GLU B 185 3.74 -39.11 8.29
CA GLU B 185 3.67 -38.32 7.07
C GLU B 185 3.36 -36.84 7.39
N GLY B 186 2.97 -36.56 8.63
CA GLY B 186 2.88 -35.20 9.11
C GLY B 186 4.19 -34.41 9.02
N ILE B 187 5.32 -35.12 8.93
CA ILE B 187 6.64 -34.48 8.72
C ILE B 187 7.36 -35.21 7.60
N PRO B 188 7.09 -34.82 6.33
CA PRO B 188 7.83 -35.36 5.22
C PRO B 188 9.32 -35.15 5.38
N ALA B 189 10.13 -36.08 4.88
CA ALA B 189 11.63 -35.97 5.08
C ALA B 189 12.19 -34.74 4.35
N ASN B 190 11.55 -34.44 3.22
CA ASN B 190 11.89 -33.28 2.46
C ASN B 190 10.75 -33.11 1.43
N TYR B 191 10.91 -32.18 0.49
CA TYR B 191 9.83 -31.86 -0.46
C TYR B 191 9.82 -32.84 -1.66
N ALA B 192 10.92 -33.54 -1.90
CA ALA B 192 11.06 -34.47 -3.04
C ALA B 192 10.44 -35.83 -2.74
N GLU B 193 10.61 -36.31 -1.52
CA GLU B 193 10.20 -37.65 -1.12
C GLU B 193 8.83 -37.60 -0.47
N MET B 194 7.85 -37.17 -1.28
CA MET B 194 6.64 -36.61 -0.80
C MET B 194 5.52 -36.83 -1.81
N ARG B 195 4.36 -37.15 -1.30
CA ARG B 195 3.13 -37.28 -2.03
C ARG B 195 2.62 -35.92 -2.49
N GLY B 196 1.79 -35.91 -3.53
CA GLY B 196 1.06 -34.71 -3.90
C GLY B 196 -0.36 -35.08 -4.23
N SER B 197 -1.28 -34.16 -3.95
CA SER B 197 -2.73 -34.41 -4.08
C SER B 197 -3.43 -33.15 -4.51
N GLY B 198 -4.42 -33.27 -5.41
CA GLY B 198 -5.26 -32.10 -5.71
C GLY B 198 -6.21 -31.79 -4.56
N VAL B 199 -6.54 -32.85 -3.78
CA VAL B 199 -7.47 -32.84 -2.63
C VAL B 199 -8.91 -32.81 -3.08
N HIS B 200 -9.32 -31.70 -3.68
CA HIS B 200 -10.68 -31.54 -4.19
C HIS B 200 -10.94 -32.45 -5.35
N THR B 201 -12.18 -32.87 -5.44
CA THR B 201 -12.79 -33.19 -6.70
C THR B 201 -12.96 -31.98 -7.58
N PHE B 202 -12.57 -32.14 -8.84
CA PHE B 202 -12.82 -31.16 -9.89
C PHE B 202 -13.73 -31.78 -10.93
N ARG B 203 -14.12 -30.97 -11.91
CA ARG B 203 -14.92 -31.44 -13.03
C ARG B 203 -14.02 -31.40 -14.27
N TRP B 204 -13.95 -32.54 -14.95
CA TRP B 204 -13.36 -32.55 -16.26
C TRP B 204 -14.44 -32.62 -17.36
N VAL B 205 -14.31 -31.80 -18.40
CA VAL B 205 -15.37 -31.62 -19.42
C VAL B 205 -14.70 -31.80 -20.78
N ASN B 206 -15.23 -32.74 -21.55
CA ASN B 206 -14.64 -33.08 -22.84
C ASN B 206 -15.27 -32.26 -23.95
N LYS B 207 -14.83 -32.47 -25.18
CA LYS B 207 -15.28 -31.63 -26.29
C LYS B 207 -16.77 -31.78 -26.60
N TYR B 208 -17.39 -32.88 -26.12
CA TYR B 208 -18.82 -33.13 -26.29
C TYR B 208 -19.60 -32.57 -25.14
N GLY B 209 -18.93 -31.95 -24.20
CA GLY B 209 -19.60 -31.34 -23.06
C GLY B 209 -19.95 -32.36 -22.00
N GLU B 210 -19.39 -33.55 -22.08
CA GLU B 210 -19.65 -34.55 -21.07
C GLU B 210 -18.77 -34.28 -19.90
N THR B 211 -19.32 -34.44 -18.69
CA THR B 211 -18.59 -34.13 -17.46
C THR B 211 -18.34 -35.38 -16.65
N LYS B 212 -17.12 -35.51 -16.12
CA LYS B 212 -16.79 -36.43 -15.03
C LYS B 212 -16.15 -35.70 -13.87
N TYR B 213 -16.36 -36.24 -12.68
CA TYR B 213 -15.57 -35.86 -11.50
C TYR B 213 -14.15 -36.43 -11.61
N VAL B 214 -13.15 -35.66 -11.18
CA VAL B 214 -11.75 -36.11 -11.25
C VAL B 214 -11.04 -35.77 -9.95
N LYS B 215 -10.11 -36.63 -9.59
CA LYS B 215 -9.17 -36.36 -8.52
C LYS B 215 -7.76 -36.57 -9.05
N TYR B 216 -6.85 -35.73 -8.58
CA TYR B 216 -5.43 -35.78 -8.96
C TYR B 216 -4.49 -36.29 -7.87
N HIS B 217 -3.47 -37.05 -8.31
CA HIS B 217 -2.48 -37.60 -7.39
C HIS B 217 -1.10 -37.51 -8.01
N TRP B 218 -0.12 -37.10 -7.23
CA TRP B 218 1.25 -37.02 -7.70
C TRP B 218 2.02 -38.07 -6.90
N ARG B 219 2.69 -38.98 -7.60
CA ARG B 219 3.51 -40.02 -6.96
C ARG B 219 5.00 -39.77 -7.19
N PRO B 220 5.77 -39.53 -6.11
CA PRO B 220 7.17 -39.20 -6.23
C PRO B 220 8.03 -40.34 -6.79
N SER B 221 8.88 -40.02 -7.78
CA SER B 221 9.86 -40.99 -8.29
C SER B 221 10.84 -41.37 -7.20
N GLU B 222 11.03 -40.46 -6.25
CA GLU B 222 11.91 -40.69 -5.15
C GLU B 222 11.28 -41.46 -4.00
N GLY B 223 9.97 -41.78 -4.08
CA GLY B 223 9.33 -42.52 -3.03
C GLY B 223 8.92 -41.59 -1.92
N ILE B 224 8.03 -42.04 -1.05
CA ILE B 224 7.55 -41.27 0.07
C ILE B 224 8.42 -41.60 1.27
N ARG B 225 9.02 -40.59 1.89
CA ARG B 225 9.71 -40.84 3.19
C ARG B 225 9.39 -39.77 4.22
N ASN B 226 9.24 -40.20 5.48
CA ASN B 226 8.78 -39.38 6.56
C ASN B 226 9.82 -39.36 7.70
N LEU B 227 9.64 -38.42 8.63
CA LEU B 227 10.43 -38.31 9.82
C LEU B 227 9.60 -38.56 11.06
N SER B 228 10.14 -39.34 11.98
CA SER B 228 9.60 -39.46 13.32
C SER B 228 9.79 -38.16 14.04
N MET B 229 9.09 -37.95 15.15
CA MET B 229 9.34 -36.78 15.98
CA MET B 229 9.34 -36.78 15.98
C MET B 229 10.83 -36.67 16.34
N GLU B 230 11.45 -37.77 16.70
CA GLU B 230 12.84 -37.71 17.15
C GLU B 230 13.82 -37.49 15.96
N GLU B 231 13.53 -38.03 14.79
CA GLU B 231 14.34 -37.72 13.61
C GLU B 231 14.23 -36.25 13.16
N ALA B 232 13.00 -35.70 13.21
CA ALA B 232 12.77 -34.27 12.94
C ALA B 232 13.57 -33.35 13.87
N ALA B 233 13.54 -33.66 15.17
CA ALA B 233 14.30 -32.89 16.15
C ALA B 233 15.81 -32.91 15.84
N GLU B 234 16.35 -34.08 15.51
CA GLU B 234 17.74 -34.24 15.14
C GLU B 234 18.13 -33.37 13.96
N ILE B 235 17.28 -33.31 12.94
CA ILE B 235 17.57 -32.42 11.81
C ILE B 235 17.49 -30.98 12.31
N GLN B 236 16.45 -30.68 13.10
CA GLN B 236 16.14 -29.27 13.45
C GLN B 236 17.31 -28.66 14.19
N ALA B 237 17.97 -29.48 15.02
CA ALA B 237 19.16 -29.06 15.78
C ALA B 237 20.18 -28.32 14.92
N ASN B 238 20.33 -28.77 13.69
CA ASN B 238 21.38 -28.35 12.77
C ASN B 238 20.95 -27.60 11.52
N ASP B 239 19.69 -27.67 11.12
CA ASP B 239 19.29 -26.97 9.93
C ASP B 239 17.80 -26.66 10.01
N PHE B 240 17.46 -25.37 10.02
CA PHE B 240 16.02 -24.98 10.03
C PHE B 240 15.46 -24.74 8.60
N GLN B 241 16.27 -25.03 7.58
CA GLN B 241 15.75 -24.96 6.18
C GLN B 241 16.19 -26.17 5.35
N HIS B 242 16.18 -27.36 5.94
CA HIS B 242 16.77 -28.53 5.28
C HIS B 242 16.03 -28.92 3.99
N ALA B 243 14.71 -28.67 3.92
CA ALA B 243 13.98 -29.11 2.72
C ALA B 243 14.28 -28.18 1.57
N THR B 244 14.36 -26.88 1.86
CA THR B 244 14.69 -25.87 0.90
C THR B 244 16.10 -26.14 0.34
N ARG B 245 17.01 -26.46 1.22
CA ARG B 245 18.38 -26.83 0.85
C ARG B 245 18.39 -28.06 -0.06
N ASP B 246 17.70 -29.08 0.39
CA ASP B 246 17.64 -30.37 -0.31
C ASP B 246 17.12 -30.25 -1.77
N LEU B 247 16.01 -29.53 -1.92
CA LEU B 247 15.45 -29.28 -3.27
C LEU B 247 16.43 -28.57 -4.22
N TYR B 248 17.00 -27.47 -3.75
CA TYR B 248 17.94 -26.70 -4.53
C TYR B 248 19.11 -27.58 -4.94
N ASP B 249 19.66 -28.32 -3.97
CA ASP B 249 20.90 -29.11 -4.14
C ASP B 249 20.71 -30.27 -5.09
N ARG B 250 19.58 -30.97 -4.95
CA ARG B 250 19.19 -31.99 -5.95
C ARG B 250 19.29 -31.43 -7.35
N ILE B 251 18.63 -30.31 -7.55
CA ILE B 251 18.51 -29.74 -8.88
C ILE B 251 19.87 -29.27 -9.36
N GLU B 252 20.61 -28.64 -8.46
CA GLU B 252 21.94 -28.14 -8.82
C GLU B 252 22.85 -29.27 -9.25
N LYS B 253 22.71 -30.46 -8.66
CA LYS B 253 23.63 -31.55 -9.04
C LYS B 253 23.10 -32.42 -10.15
N GLY B 254 21.93 -32.09 -10.68
CA GLY B 254 21.36 -32.80 -11.85
C GLY B 254 20.51 -33.97 -11.44
N ASN B 255 20.23 -34.13 -10.15
CA ASN B 255 19.43 -35.21 -9.65
C ASN B 255 17.96 -34.81 -9.55
N TYR B 256 17.31 -34.69 -10.70
CA TYR B 256 16.08 -33.98 -10.77
C TYR B 256 14.97 -34.79 -10.13
N PRO B 257 14.28 -34.23 -9.13
CA PRO B 257 13.11 -34.97 -8.67
C PRO B 257 11.93 -34.97 -9.63
N ALA B 258 11.10 -36.02 -9.58
CA ALA B 258 9.98 -36.16 -10.50
C ALA B 258 8.81 -36.80 -9.82
N TRP B 259 7.64 -36.58 -10.41
CA TRP B 259 6.40 -37.14 -9.91
C TRP B 259 5.57 -37.55 -11.08
N ASP B 260 4.94 -38.74 -10.98
CA ASP B 260 3.96 -39.16 -11.96
C ASP B 260 2.57 -38.74 -11.56
N LEU B 261 1.86 -38.17 -12.51
CA LEU B 261 0.52 -37.71 -12.34
C LEU B 261 -0.46 -38.83 -12.65
N TYR B 262 -1.28 -39.18 -11.68
CA TYR B 262 -2.43 -40.08 -11.86
C TYR B 262 -3.73 -39.34 -11.61
N VAL B 263 -4.81 -39.77 -12.28
CA VAL B 263 -6.16 -39.38 -11.90
C VAL B 263 -7.06 -40.54 -11.56
N GLN B 264 -8.06 -40.24 -10.76
CA GLN B 264 -9.27 -41.09 -10.68
C GLN B 264 -10.43 -40.34 -11.33
N LEU B 265 -11.31 -41.07 -12.02
CA LEU B 265 -12.46 -40.48 -12.69
C LEU B 265 -13.74 -41.14 -12.17
N MET B 266 -14.76 -40.35 -11.92
CA MET B 266 -16.02 -40.81 -11.36
C MET B 266 -17.19 -40.14 -12.10
N PRO B 267 -18.18 -40.94 -12.55
CA PRO B 267 -19.42 -40.40 -13.09
C PRO B 267 -20.15 -39.56 -12.07
N LEU B 268 -20.68 -38.42 -12.48
CA LEU B 268 -21.54 -37.62 -11.61
C LEU B 268 -22.68 -38.46 -10.99
N SER B 269 -23.17 -39.43 -11.77
CA SER B 269 -24.32 -40.24 -11.35
C SER B 269 -23.99 -41.18 -10.18
N ASP B 270 -22.71 -41.33 -9.83
CA ASP B 270 -22.31 -42.13 -8.66
C ASP B 270 -22.59 -41.48 -7.34
N TYR B 271 -22.92 -40.19 -7.33
CA TYR B 271 -23.28 -39.51 -6.07
C TYR B 271 -24.18 -40.37 -5.19
N ASP B 272 -25.23 -40.96 -5.79
CA ASP B 272 -26.23 -41.69 -4.99
C ASP B 272 -25.75 -43.07 -4.60
N GLU B 273 -24.77 -43.56 -5.34
CA GLU B 273 -24.20 -44.88 -5.10
C GLU B 273 -23.28 -44.90 -3.88
N LEU B 274 -22.94 -43.73 -3.32
CA LEU B 274 -22.01 -43.64 -2.18
C LEU B 274 -22.62 -43.26 -0.82
N ASP B 275 -21.95 -43.65 0.24
CA ASP B 275 -22.37 -43.21 1.60
C ASP B 275 -21.66 -41.93 2.12
N TYR B 276 -21.01 -41.22 1.20
CA TYR B 276 -20.39 -39.94 1.48
C TYR B 276 -20.58 -39.11 0.22
N ASP B 277 -20.46 -37.80 0.39
CA ASP B 277 -20.50 -36.87 -0.72
C ASP B 277 -19.15 -36.89 -1.45
N PRO B 278 -19.14 -37.29 -2.72
CA PRO B 278 -17.85 -37.30 -3.44
C PRO B 278 -17.15 -35.94 -3.56
N CYS B 279 -17.86 -34.83 -3.29
CA CYS B 279 -17.22 -33.46 -3.26
C CYS B 279 -16.96 -32.93 -1.84
N ASP B 280 -17.01 -33.81 -0.86
CA ASP B 280 -16.61 -33.52 0.50
C ASP B 280 -15.12 -33.75 0.54
N PRO B 281 -14.34 -32.67 0.75
CA PRO B 281 -12.89 -32.81 0.71
C PRO B 281 -12.28 -33.42 2.00
N THR B 282 -13.10 -33.81 2.96
CA THR B 282 -12.66 -34.68 4.06
C THR B 282 -12.67 -36.17 3.69
N LYS B 283 -13.02 -36.46 2.45
CA LYS B 283 -13.13 -37.82 1.92
C LYS B 283 -12.18 -38.07 0.75
N THR B 284 -11.63 -39.29 0.73
CA THR B 284 -11.04 -39.88 -0.46
C THR B 284 -12.02 -40.80 -1.19
N TRP B 285 -11.67 -41.14 -2.43
CA TRP B 285 -12.32 -42.15 -3.23
C TRP B 285 -11.50 -43.43 -3.23
N SER B 286 -12.19 -44.58 -3.14
CA SER B 286 -11.53 -45.88 -3.16
C SER B 286 -10.71 -46.02 -4.45
N GLU B 287 -9.45 -46.47 -4.33
CA GLU B 287 -8.63 -46.80 -5.50
C GLU B 287 -9.00 -48.14 -6.12
N GLU B 288 -9.67 -48.99 -5.36
CA GLU B 288 -10.23 -50.23 -5.90
C GLU B 288 -11.37 -49.87 -6.85
N ASP B 289 -12.33 -49.09 -6.36
CA ASP B 289 -13.53 -48.74 -7.14
C ASP B 289 -13.25 -47.71 -8.24
N TYR B 290 -12.25 -46.85 -8.02
CA TYR B 290 -11.97 -45.79 -8.95
C TYR B 290 -10.47 -45.80 -9.11
N PRO B 291 -9.96 -46.65 -10.02
CA PRO B 291 -8.50 -46.88 -10.07
C PRO B 291 -7.73 -45.71 -10.57
N LEU B 292 -6.48 -45.66 -10.14
CA LEU B 292 -5.55 -44.64 -10.58
C LEU B 292 -5.25 -44.84 -12.06
N GLN B 293 -5.37 -43.78 -12.82
CA GLN B 293 -5.03 -43.82 -14.24
C GLN B 293 -3.88 -42.85 -14.56
N LYS B 294 -2.82 -43.37 -15.17
CA LYS B 294 -1.60 -42.56 -15.36
C LYS B 294 -1.78 -41.53 -16.45
N VAL B 295 -1.29 -40.30 -16.21
CA VAL B 295 -1.45 -39.25 -17.19
C VAL B 295 -0.10 -38.87 -17.76
N GLY B 296 0.87 -38.66 -16.88
CA GLY B 296 2.19 -38.26 -17.36
C GLY B 296 3.13 -37.96 -16.21
N ARG B 297 4.23 -37.28 -16.52
CA ARG B 297 5.32 -37.10 -15.55
C ARG B 297 5.80 -35.65 -15.52
N MET B 298 6.01 -35.14 -14.30
CA MET B 298 6.55 -33.82 -14.06
C MET B 298 7.96 -33.96 -13.52
N THR B 299 8.90 -33.28 -14.18
CA THR B 299 10.29 -33.29 -13.75
C THR B 299 10.70 -31.85 -13.43
N LEU B 300 11.25 -31.65 -12.25
CA LEU B 300 11.81 -30.35 -11.83
C LEU B 300 13.32 -30.30 -12.07
N ASN B 301 13.75 -29.37 -12.91
CA ASN B 301 15.11 -29.37 -13.40
C ASN B 301 15.84 -28.00 -13.42
N ARG B 302 15.27 -26.95 -12.82
CA ARG B 302 15.84 -25.64 -12.91
C ARG B 302 15.48 -24.83 -11.63
N ASN B 303 16.49 -24.40 -10.91
CA ASN B 303 16.31 -23.44 -9.81
C ASN B 303 16.05 -22.05 -10.36
N PRO B 304 15.31 -21.24 -9.60
CA PRO B 304 15.07 -19.89 -10.01
C PRO B 304 16.33 -19.08 -10.01
N GLU B 305 16.32 -17.99 -10.73
CA GLU B 305 17.44 -17.02 -10.66
C GLU B 305 17.42 -16.11 -9.44
N ASN B 306 16.21 -15.80 -8.94
CA ASN B 306 16.06 -14.87 -7.79
C ASN B 306 14.91 -15.31 -6.94
N PHE B 307 15.21 -15.63 -5.67
CA PHE B 307 14.21 -16.21 -4.83
C PHE B 307 13.04 -15.24 -4.61
N PHE B 308 13.31 -13.99 -4.25
CA PHE B 308 12.22 -13.05 -4.04
C PHE B 308 11.35 -12.83 -5.29
N ALA B 309 12.01 -12.52 -6.41
CA ALA B 309 11.27 -12.16 -7.62
C ALA B 309 10.41 -13.29 -8.14
N GLU B 310 10.87 -14.51 -7.97
CA GLU B 310 10.23 -15.65 -8.55
C GLU B 310 9.46 -16.52 -7.54
N THR B 311 10.08 -16.93 -6.45
CA THR B 311 9.42 -17.84 -5.50
C THR B 311 8.57 -17.03 -4.55
N GLU B 312 9.12 -15.97 -3.98
CA GLU B 312 8.32 -15.20 -3.01
C GLU B 312 7.11 -14.51 -3.65
N GLN B 313 7.30 -13.96 -4.83
CA GLN B 313 6.22 -13.29 -5.56
C GLN B 313 5.33 -14.20 -6.39
N ALA B 314 5.61 -15.50 -6.46
CA ALA B 314 4.73 -16.43 -7.16
C ALA B 314 3.32 -16.43 -6.58
N ALA B 315 2.34 -16.44 -7.49
CA ALA B 315 0.91 -16.40 -7.15
C ALA B 315 0.19 -17.58 -7.83
N PHE B 316 -0.42 -18.47 -7.03
CA PHE B 316 -1.19 -19.55 -7.56
C PHE B 316 -2.64 -19.33 -7.11
N THR B 317 -3.61 -19.80 -7.92
CA THR B 317 -4.99 -19.86 -7.47
C THR B 317 -5.77 -21.08 -8.02
N PRO B 318 -6.59 -21.75 -7.18
CA PRO B 318 -7.38 -22.88 -7.72
C PRO B 318 -8.36 -22.44 -8.77
N SER B 319 -8.70 -21.14 -8.78
CA SER B 319 -9.51 -20.53 -9.83
C SER B 319 -8.76 -20.25 -11.15
N ALA B 320 -7.46 -20.53 -11.24
CA ALA B 320 -6.77 -20.41 -12.54
C ALA B 320 -6.99 -21.74 -13.33
N LEU B 321 -8.20 -21.83 -13.85
CA LEU B 321 -8.67 -23.05 -14.51
C LEU B 321 -8.57 -22.81 -16.01
N VAL B 322 -8.53 -23.88 -16.80
CA VAL B 322 -8.37 -23.78 -18.24
C VAL B 322 -9.51 -24.56 -18.89
N PRO B 323 -9.85 -24.22 -20.14
CA PRO B 323 -11.00 -24.88 -20.75
C PRO B 323 -10.85 -26.40 -20.66
N GLY B 324 -11.93 -27.04 -20.18
CA GLY B 324 -11.96 -28.50 -19.95
C GLY B 324 -11.76 -28.93 -18.49
N ILE B 325 -11.35 -27.99 -17.65
CA ILE B 325 -11.07 -28.25 -16.24
C ILE B 325 -11.76 -27.21 -15.45
N GLU B 326 -12.70 -27.63 -14.59
CA GLU B 326 -13.61 -26.71 -13.92
C GLU B 326 -13.66 -27.02 -12.44
N ALA B 327 -14.16 -26.08 -11.66
CA ALA B 327 -14.39 -26.34 -10.22
C ALA B 327 -15.47 -27.38 -10.03
N SER B 328 -15.40 -28.15 -8.96
CA SER B 328 -16.62 -28.77 -8.43
C SER B 328 -17.33 -27.88 -7.42
N GLU B 329 -18.49 -28.37 -6.97
CA GLU B 329 -19.33 -27.75 -6.01
C GLU B 329 -18.76 -27.83 -4.60
N ASP B 330 -17.64 -28.50 -4.42
CA ASP B 330 -16.96 -28.57 -3.11
C ASP B 330 -16.92 -27.14 -2.49
N LYS B 331 -17.50 -26.97 -1.30
CA LYS B 331 -17.68 -25.64 -0.70
C LYS B 331 -16.35 -25.06 -0.23
N LEU B 332 -15.42 -25.93 0.10
CA LEU B 332 -14.07 -25.50 0.51
C LEU B 332 -13.42 -24.90 -0.70
N LEU B 333 -13.46 -25.64 -1.80
CA LEU B 333 -12.89 -25.14 -3.05
C LEU B 333 -13.54 -23.85 -3.47
N GLN B 334 -14.86 -23.76 -3.36
CA GLN B 334 -15.54 -22.57 -3.81
C GLN B 334 -14.97 -21.28 -3.19
N GLY B 335 -14.73 -21.30 -1.90
CA GLY B 335 -14.06 -20.15 -1.22
C GLY B 335 -12.65 -19.87 -1.65
N ARG B 336 -11.87 -20.91 -1.90
CA ARG B 336 -10.50 -20.77 -2.44
C ARG B 336 -10.50 -20.03 -3.78
N LEU B 337 -11.53 -20.23 -4.60
CA LEU B 337 -11.59 -19.55 -5.91
C LEU B 337 -11.48 -18.05 -5.74
N PHE B 338 -12.09 -17.52 -4.67
CA PHE B 338 -12.01 -16.11 -4.33
C PHE B 338 -10.74 -15.68 -3.60
N SER B 339 -10.40 -16.42 -2.56
CA SER B 339 -9.42 -15.98 -1.56
C SER B 339 -8.03 -15.80 -2.13
N TYR B 340 -7.61 -16.64 -3.09
CA TYR B 340 -6.22 -16.57 -3.54
C TYR B 340 -5.94 -15.27 -4.34
N PRO B 341 -6.73 -15.00 -5.40
CA PRO B 341 -6.47 -13.73 -6.08
C PRO B 341 -6.75 -12.50 -5.19
N ASP B 342 -7.69 -12.62 -4.23
CA ASP B 342 -7.98 -11.55 -3.30
C ASP B 342 -6.75 -11.22 -2.46
N THR B 343 -6.18 -12.26 -1.83
CA THR B 343 -4.95 -12.08 -1.02
C THR B 343 -3.75 -11.62 -1.85
N GLN B 344 -3.64 -12.08 -3.08
CA GLN B 344 -2.57 -11.74 -3.96
C GLN B 344 -2.57 -10.27 -4.40
N ARG B 345 -3.74 -9.72 -4.66
CA ARG B 345 -3.86 -8.30 -4.95
C ARG B 345 -3.34 -7.45 -3.84
N HIS B 346 -3.59 -7.85 -2.59
CA HIS B 346 -3.00 -7.15 -1.44
C HIS B 346 -1.52 -7.49 -1.29
N ARG B 347 -1.15 -8.78 -1.33
CA ARG B 347 0.23 -9.17 -1.01
C ARG B 347 1.21 -8.62 -2.07
N LEU B 348 0.77 -8.53 -3.32
CA LEU B 348 1.71 -8.35 -4.47
C LEU B 348 1.40 -7.14 -5.34
N GLY B 349 0.15 -6.65 -5.28
CA GLY B 349 -0.28 -5.49 -6.01
C GLY B 349 -1.35 -5.88 -7.02
N ALA B 350 -2.13 -4.88 -7.38
CA ALA B 350 -3.22 -5.08 -8.34
C ALA B 350 -2.71 -5.67 -9.64
N ASN B 351 -1.49 -5.36 -10.01
CA ASN B 351 -0.88 -5.92 -11.24
C ASN B 351 0.03 -7.12 -11.11
N TYR B 352 -0.24 -8.00 -10.14
CA TYR B 352 0.65 -9.09 -9.78
C TYR B 352 0.77 -10.10 -10.93
N MET B 353 -0.26 -10.12 -11.81
CA MET B 353 -0.28 -11.04 -12.95
C MET B 353 0.76 -10.66 -14.00
N ARG B 354 1.40 -9.49 -13.84
CA ARG B 354 2.45 -9.03 -14.74
C ARG B 354 3.85 -9.35 -14.19
N ILE B 355 3.94 -9.83 -12.96
CA ILE B 355 5.21 -10.30 -12.43
C ILE B 355 5.66 -11.53 -13.25
N PRO B 356 6.90 -11.56 -13.78
CA PRO B 356 7.25 -12.54 -14.80
C PRO B 356 6.84 -13.97 -14.48
N VAL B 357 7.10 -14.48 -13.27
CA VAL B 357 6.70 -15.86 -12.95
C VAL B 357 5.22 -16.10 -13.11
N ASN B 358 4.41 -15.07 -12.93
CA ASN B 358 2.96 -15.21 -12.99
C ASN B 358 2.34 -15.01 -14.37
N CYS B 359 3.15 -14.51 -15.28
CA CYS B 359 2.69 -14.24 -16.64
C CYS B 359 2.39 -15.56 -17.38
N PRO B 360 1.22 -15.64 -18.05
CA PRO B 360 0.96 -16.70 -19.01
C PRO B 360 1.92 -16.71 -20.19
N TYR B 361 2.12 -17.89 -20.79
CA TYR B 361 2.71 -17.97 -22.17
C TYR B 361 1.69 -17.61 -23.25
N ALA B 362 0.41 -17.95 -23.03
CA ALA B 362 -0.66 -17.55 -23.92
C ALA B 362 -0.86 -16.06 -23.95
N PRO B 363 -1.36 -15.53 -25.08
CA PRO B 363 -1.52 -14.08 -25.17
C PRO B 363 -2.53 -13.57 -24.16
N VAL B 364 -2.31 -12.35 -23.66
CA VAL B 364 -3.26 -11.69 -22.87
C VAL B 364 -3.70 -10.44 -23.62
N HIS B 365 -5.01 -10.27 -23.81
CA HIS B 365 -5.56 -9.01 -24.37
C HIS B 365 -6.89 -8.75 -23.70
N ASN B 366 -7.03 -7.63 -23.01
CA ASN B 366 -8.32 -7.26 -22.45
C ASN B 366 -8.42 -5.78 -22.18
N ASN B 367 -9.49 -5.35 -21.52
CA ASN B 367 -9.72 -3.93 -21.44
C ASN B 367 -9.44 -3.36 -20.06
N GLN B 368 -8.75 -4.14 -19.24
CA GLN B 368 -8.35 -3.71 -17.91
C GLN B 368 -7.26 -2.66 -18.07
N GLN B 369 -7.13 -1.78 -17.09
CA GLN B 369 -6.09 -0.78 -17.18
C GLN B 369 -5.60 -0.30 -15.81
N ASP B 370 -4.42 0.31 -15.84
CA ASP B 370 -3.91 1.17 -14.77
C ASP B 370 -3.60 0.25 -13.55
N GLY B 371 -3.66 0.85 -12.36
CA GLY B 371 -3.27 0.12 -11.16
C GLY B 371 -1.83 0.49 -10.84
N PHE B 372 -1.51 0.39 -9.55
CA PHE B 372 -0.16 0.60 -9.08
CA PHE B 372 -0.18 0.56 -9.06
C PHE B 372 0.85 -0.17 -9.96
N MET B 373 1.92 0.53 -10.33
CA MET B 373 3.06 -0.05 -10.97
C MET B 373 2.70 -0.63 -12.32
N THR B 374 2.12 0.21 -13.15
CA THR B 374 1.83 -0.14 -14.53
C THR B 374 3.13 -0.05 -15.33
N THR B 375 3.63 -1.21 -15.73
CA THR B 375 4.99 -1.28 -16.31
C THR B 375 4.94 -1.74 -17.76
N THR B 376 3.75 -1.96 -18.30
CA THR B 376 3.56 -2.72 -19.55
C THR B 376 3.43 -1.90 -20.83
N ARG B 377 3.71 -0.60 -20.79
CA ARG B 377 3.53 0.22 -21.98
C ARG B 377 2.19 0.11 -22.72
N PRO B 378 1.08 0.45 -22.06
CA PRO B 378 -0.23 0.33 -22.74
C PRO B 378 -0.43 1.41 -23.80
N SER B 379 -1.26 1.14 -24.81
CA SER B 379 -1.52 2.07 -25.91
C SER B 379 -2.91 1.85 -26.42
N GLY B 380 -3.41 2.81 -27.20
CA GLY B 380 -4.70 2.65 -27.83
C GLY B 380 -5.76 3.46 -27.12
N HIS B 381 -6.86 3.73 -27.85
CA HIS B 381 -7.95 4.55 -27.33
C HIS B 381 -9.10 3.75 -26.79
N ILE B 382 -9.13 2.47 -27.11
CA ILE B 382 -10.31 1.64 -26.88
C ILE B 382 -10.13 0.65 -25.72
N ASN B 383 -10.83 0.89 -24.61
CA ASN B 383 -10.64 0.13 -23.40
C ASN B 383 -11.98 -0.35 -22.85
N TYR B 384 -12.94 -0.56 -23.78
CA TYR B 384 -14.31 -0.87 -23.45
C TYR B 384 -14.76 -1.84 -24.56
N GLU B 385 -15.67 -2.74 -24.20
CA GLU B 385 -16.35 -3.64 -25.11
C GLU B 385 -17.80 -3.78 -24.57
N PRO B 386 -18.80 -3.77 -25.47
CA PRO B 386 -18.73 -3.74 -26.92
C PRO B 386 -18.18 -2.46 -27.53
N ASN B 387 -17.54 -2.59 -28.70
CA ASN B 387 -17.09 -1.46 -29.44
C ASN B 387 -17.22 -1.73 -30.94
N ARG B 388 -17.00 -0.71 -31.76
CA ARG B 388 -17.32 -0.86 -33.18
C ARG B 388 -16.16 -1.42 -33.99
N TYR B 389 -15.06 -1.83 -33.36
CA TYR B 389 -13.80 -2.09 -34.07
C TYR B 389 -13.52 -3.56 -34.11
N ASP B 390 -13.45 -4.10 -35.31
CA ASP B 390 -13.41 -5.56 -35.51
C ASP B 390 -12.09 -6.20 -35.06
N ASP B 391 -11.05 -5.39 -35.07
CA ASP B 391 -9.69 -5.80 -34.72
C ASP B 391 -9.45 -5.75 -33.20
N GLN B 392 -10.35 -5.16 -32.42
CA GLN B 392 -10.22 -5.13 -30.97
C GLN B 392 -10.65 -6.50 -30.40
N PRO B 393 -10.15 -6.85 -29.20
CA PRO B 393 -10.45 -8.17 -28.64
C PRO B 393 -11.95 -8.40 -28.43
N LYS B 394 -12.42 -9.56 -28.86
CA LYS B 394 -13.79 -10.00 -28.72
C LYS B 394 -13.85 -11.30 -27.93
N GLU B 395 -14.95 -11.48 -27.21
CA GLU B 395 -15.28 -12.77 -26.65
C GLU B 395 -15.27 -13.88 -27.74
N ASN B 396 -15.09 -15.11 -27.28
CA ASN B 396 -15.01 -16.26 -28.17
C ASN B 396 -15.85 -17.38 -27.57
N PRO B 397 -17.08 -17.54 -28.07
CA PRO B 397 -17.96 -18.51 -27.43
C PRO B 397 -17.49 -19.95 -27.50
N HIS B 398 -16.57 -20.28 -28.41
CA HIS B 398 -15.92 -21.59 -28.32
C HIS B 398 -15.35 -21.89 -26.90
N TYR B 399 -15.07 -20.86 -26.11
CA TYR B 399 -14.42 -21.06 -24.84
C TYR B 399 -15.37 -20.89 -23.66
N LYS B 400 -16.66 -21.14 -23.85
CA LYS B 400 -17.58 -21.15 -22.72
C LYS B 400 -17.33 -22.32 -21.81
N GLU B 401 -17.58 -22.12 -20.54
CA GLU B 401 -17.54 -23.21 -19.57
C GLU B 401 -18.88 -23.97 -19.61
N SER B 402 -18.89 -25.15 -19.00
CA SER B 402 -20.10 -25.95 -18.85
C SER B 402 -21.15 -25.25 -18.02
N GLU B 403 -22.36 -25.83 -18.00
CA GLU B 403 -23.45 -25.32 -17.22
C GLU B 403 -23.91 -26.35 -16.20
N PRO B 404 -23.22 -26.49 -15.07
CA PRO B 404 -23.52 -27.57 -14.13
C PRO B 404 -24.97 -27.52 -13.64
N VAL B 405 -25.56 -28.67 -13.47
CA VAL B 405 -26.91 -28.75 -12.97
C VAL B 405 -26.95 -28.45 -11.49
N LEU B 406 -27.94 -27.67 -11.10
CA LEU B 406 -28.19 -27.33 -9.68
C LEU B 406 -29.31 -28.23 -9.14
N HIS B 407 -29.08 -28.83 -8.00
CA HIS B 407 -30.07 -29.69 -7.42
C HIS B 407 -30.89 -28.95 -6.36
N GLY B 408 -30.34 -27.90 -5.76
CA GLY B 408 -31.14 -27.08 -4.83
C GLY B 408 -32.13 -26.15 -5.51
N ASP B 409 -33.23 -25.88 -4.83
CA ASP B 409 -34.19 -24.87 -5.30
C ASP B 409 -34.23 -23.56 -4.45
N ARG B 410 -33.32 -23.44 -3.46
CA ARG B 410 -33.31 -22.30 -2.56
C ARG B 410 -31.86 -21.90 -2.25
N MET B 411 -31.63 -20.62 -1.97
CA MET B 411 -30.34 -20.18 -1.40
C MET B 411 -30.36 -20.53 0.09
N VAL B 412 -29.40 -21.36 0.52
CA VAL B 412 -29.38 -21.90 1.88
C VAL B 412 -27.98 -21.84 2.48
N ARG B 413 -27.94 -21.78 3.79
CA ARG B 413 -26.78 -22.17 4.56
C ARG B 413 -27.09 -23.41 5.35
N GLN B 414 -26.52 -24.51 4.90
CA GLN B 414 -26.87 -25.79 5.42
C GLN B 414 -25.76 -26.78 5.10
N LYS B 415 -25.33 -27.56 6.08
CA LYS B 415 -24.32 -28.60 5.85
C LYS B 415 -24.76 -29.61 4.81
N ILE B 416 -23.81 -30.16 4.09
CA ILE B 416 -24.09 -31.28 3.18
C ILE B 416 -24.76 -32.44 3.90
N GLU B 417 -25.59 -33.15 3.15
CA GLU B 417 -26.04 -34.48 3.55
C GLU B 417 -24.87 -35.48 3.55
N LYS B 418 -25.07 -36.58 4.25
CA LYS B 418 -24.08 -37.63 4.49
C LYS B 418 -22.68 -37.08 4.82
N PRO B 419 -22.60 -36.19 5.83
CA PRO B 419 -21.26 -35.79 6.24
C PRO B 419 -20.40 -36.98 6.61
N ASN B 420 -20.97 -37.99 7.27
CA ASN B 420 -20.22 -39.21 7.54
C ASN B 420 -18.77 -38.94 8.07
N ASP B 421 -18.69 -38.29 9.20
CA ASP B 421 -17.42 -37.70 9.68
C ASP B 421 -16.36 -38.75 10.12
N PHE B 422 -16.76 -39.98 10.44
CA PHE B 422 -15.87 -40.87 11.21
C PHE B 422 -15.43 -42.11 10.44
N LYS B 423 -16.14 -42.44 9.36
CA LYS B 423 -16.02 -43.78 8.77
C LYS B 423 -14.67 -43.96 8.10
N GLN B 424 -14.30 -43.00 7.25
CA GLN B 424 -13.08 -43.13 6.48
C GLN B 424 -11.88 -43.02 7.39
N ALA B 425 -12.02 -42.24 8.46
CA ALA B 425 -10.98 -42.19 9.48
C ALA B 425 -10.70 -43.59 10.06
N GLY B 426 -11.74 -44.29 10.39
CA GLY B 426 -11.60 -45.66 10.83
C GLY B 426 -10.98 -46.55 9.77
N GLU B 427 -11.40 -46.39 8.52
CA GLU B 427 -10.81 -47.19 7.46
C GLU B 427 -9.33 -46.91 7.37
N LYS B 428 -8.93 -45.64 7.48
CA LYS B 428 -7.53 -45.31 7.32
C LYS B 428 -6.70 -45.88 8.48
N TYR B 429 -7.21 -45.73 9.69
CA TYR B 429 -6.58 -46.33 10.88
C TYR B 429 -6.31 -47.82 10.67
N ARG B 430 -7.33 -48.54 10.20
CA ARG B 430 -7.20 -49.99 10.04
C ARG B 430 -6.25 -50.36 8.93
N SER B 431 -6.06 -49.45 7.97
CA SER B 431 -5.13 -49.67 6.88
C SER B 431 -3.66 -49.57 7.31
N TYR B 432 -3.41 -48.91 8.43
CA TYR B 432 -2.04 -48.74 8.93
C TYR B 432 -1.49 -50.08 9.40
N SER B 433 -0.20 -50.32 9.16
CA SER B 433 0.57 -51.34 9.86
C SER B 433 0.53 -51.09 11.37
N GLU B 434 0.92 -52.08 12.17
CA GLU B 434 1.03 -51.90 13.59
C GLU B 434 2.03 -50.82 13.96
N GLU B 435 3.17 -50.80 13.27
CA GLU B 435 4.23 -49.81 13.53
C GLU B 435 3.64 -48.43 13.32
N GLU B 436 2.95 -48.26 12.19
CA GLU B 436 2.34 -46.96 11.85
C GLU B 436 1.27 -46.57 12.86
N LYS B 437 0.47 -47.56 13.28
CA LYS B 437 -0.52 -47.31 14.34
C LYS B 437 0.14 -46.84 15.61
N GLN B 438 1.25 -47.46 15.96
CA GLN B 438 1.97 -47.04 17.18
C GLN B 438 2.49 -45.62 17.02
N ALA B 439 3.01 -45.29 15.86
CA ALA B 439 3.52 -43.93 15.62
C ALA B 439 2.41 -42.90 15.73
N LEU B 440 1.28 -43.22 15.12
CA LEU B 440 0.06 -42.40 15.20
C LEU B 440 -0.30 -42.10 16.67
N ILE B 441 -0.44 -43.16 17.46
CA ILE B 441 -0.87 -43.00 18.84
C ILE B 441 0.15 -42.19 19.60
N LYS B 442 1.42 -42.52 19.41
CA LYS B 442 2.55 -41.82 20.05
C LYS B 442 2.53 -40.32 19.72
N ASN B 443 2.38 -40.01 18.43
CA ASN B 443 2.35 -38.63 17.99
C ASN B 443 1.11 -37.92 18.56
N LEU B 444 -0.05 -38.57 18.56
CA LEU B 444 -1.27 -37.95 19.11
C LEU B 444 -1.16 -37.68 20.60
N THR B 445 -0.56 -38.65 21.30
CA THR B 445 -0.43 -38.59 22.75
C THR B 445 0.47 -37.43 23.15
N ALA B 446 1.62 -37.28 22.49
CA ALA B 446 2.50 -36.10 22.75
C ALA B 446 1.78 -34.77 22.54
N ASP B 447 0.90 -34.71 21.57
CA ASP B 447 0.20 -33.46 21.25
C ASP B 447 -0.92 -33.17 22.22
N LEU B 448 -1.62 -34.23 22.67
CA LEU B 448 -2.85 -34.08 23.45
C LEU B 448 -2.61 -34.09 24.95
N LYS B 449 -1.45 -34.57 25.39
CA LYS B 449 -1.26 -34.82 26.84
C LYS B 449 -1.45 -33.58 27.70
N GLY B 450 -1.15 -32.40 27.17
CA GLY B 450 -1.29 -31.16 27.95
C GLY B 450 -2.56 -30.38 27.74
N VAL B 451 -3.49 -30.85 26.92
CA VAL B 451 -4.62 -30.01 26.57
C VAL B 451 -5.72 -30.18 27.63
N ASN B 452 -6.62 -29.21 27.69
CA ASN B 452 -7.81 -29.21 28.57
C ASN B 452 -8.47 -30.58 28.62
N GLU B 453 -8.80 -31.07 29.83
CA GLU B 453 -9.30 -32.46 29.98
C GLU B 453 -10.56 -32.73 29.19
N LYS B 454 -11.47 -31.80 29.21
CA LYS B 454 -12.72 -31.92 28.46
C LYS B 454 -12.44 -32.08 26.93
N THR B 455 -11.58 -31.21 26.42
CA THR B 455 -11.17 -31.23 25.00
C THR B 455 -10.46 -32.52 24.70
N LYS B 456 -9.64 -32.98 25.65
CA LYS B 456 -8.92 -34.23 25.50
C LYS B 456 -9.88 -35.42 25.36
N LEU B 457 -10.92 -35.42 26.18
CA LEU B 457 -11.91 -36.52 26.14
C LEU B 457 -12.68 -36.52 24.80
N LEU B 458 -13.07 -35.34 24.33
CA LEU B 458 -13.82 -35.19 23.07
C LEU B 458 -12.97 -35.66 21.91
N ALA B 459 -11.67 -35.40 21.95
CA ALA B 459 -10.77 -35.93 20.92
C ALA B 459 -10.82 -37.46 20.91
N ILE B 460 -10.69 -38.03 22.09
CA ILE B 460 -10.69 -39.49 22.24
C ILE B 460 -11.99 -40.05 21.69
N CYS B 461 -13.11 -39.45 22.11
CA CYS B 461 -14.43 -39.84 21.63
C CYS B 461 -14.53 -39.78 20.10
N ASN B 462 -13.97 -38.75 19.47
CA ASN B 462 -14.01 -38.66 18.02
C ASN B 462 -13.22 -39.77 17.39
N PHE B 463 -12.01 -40.06 17.91
CA PHE B 463 -11.22 -41.12 17.30
C PHE B 463 -11.81 -42.53 17.64
N TYR B 464 -12.44 -42.65 18.81
CA TYR B 464 -13.24 -43.85 19.14
C TYR B 464 -14.37 -44.11 18.11
N ARG B 465 -15.13 -43.08 17.78
CA ARG B 465 -16.16 -43.20 16.75
C ARG B 465 -15.58 -43.61 15.42
N ALA B 466 -14.38 -43.20 15.12
CA ALA B 466 -13.71 -43.69 13.93
C ALA B 466 -13.44 -45.18 14.04
N ASP B 467 -12.79 -45.56 15.12
CA ASP B 467 -12.49 -46.99 15.34
C ASP B 467 -12.29 -47.22 16.84
N GLU B 468 -12.93 -48.25 17.41
CA GLU B 468 -12.97 -48.40 18.85
C GLU B 468 -11.58 -48.72 19.42
N ASP B 469 -10.80 -49.49 18.69
CA ASP B 469 -9.40 -49.78 19.03
C ASP B 469 -8.54 -48.49 19.01
N TYR B 470 -8.66 -47.74 17.90
CA TYR B 470 -8.02 -46.41 17.77
C TYR B 470 -8.26 -45.62 19.04
N GLY B 471 -9.53 -45.44 19.37
CA GLY B 471 -9.93 -44.64 20.50
C GLY B 471 -9.36 -45.19 21.80
N GLN B 472 -9.50 -46.50 22.00
CA GLN B 472 -9.18 -47.09 23.29
C GLN B 472 -7.65 -47.01 23.51
N ARG B 473 -6.89 -47.30 22.46
CA ARG B 473 -5.43 -47.20 22.51
C ARG B 473 -4.98 -45.79 22.88
N LEU B 474 -5.63 -44.80 22.31
CA LEU B 474 -5.29 -43.40 22.57
C LEU B 474 -5.63 -43.05 24.00
N ALA B 475 -6.79 -43.50 24.46
CA ALA B 475 -7.21 -43.25 25.83
C ALA B 475 -6.21 -43.89 26.84
N ASP B 476 -5.84 -45.14 26.59
CA ASP B 476 -4.89 -45.89 27.43
C ASP B 476 -3.59 -45.10 27.55
N SER B 477 -3.10 -44.67 26.38
CA SER B 477 -1.78 -43.97 26.27
C SER B 477 -1.85 -42.61 26.99
N LEU B 478 -2.98 -41.94 26.91
CA LEU B 478 -3.18 -40.71 27.69
C LEU B 478 -3.59 -40.93 29.12
N GLY B 479 -3.86 -42.18 29.52
CA GLY B 479 -4.24 -42.46 30.90
C GLY B 479 -5.67 -42.00 31.20
N VAL B 480 -6.51 -41.94 30.19
CA VAL B 480 -7.90 -41.48 30.36
C VAL B 480 -8.78 -42.72 30.39
N ASP B 481 -9.51 -42.88 31.47
CA ASP B 481 -10.37 -44.05 31.65
C ASP B 481 -11.69 -43.72 31.02
N ILE B 482 -12.09 -44.49 30.03
CA ILE B 482 -13.31 -44.19 29.30
C ILE B 482 -14.37 -45.26 29.56
N ARG B 483 -14.10 -46.15 30.54
CA ARG B 483 -15.06 -47.20 30.88
C ARG B 483 -16.46 -46.67 31.15
N SER B 484 -16.59 -45.60 31.93
CA SER B 484 -17.92 -45.10 32.25
C SER B 484 -18.79 -44.76 31.01
N TYR B 485 -18.17 -44.49 29.86
CA TYR B 485 -18.85 -44.33 28.57
C TYR B 485 -18.61 -45.48 27.60
N HIS C 6 -22.48 -13.24 27.50
CA HIS C 6 -22.84 -13.80 26.14
C HIS C 6 -22.94 -12.71 25.07
N LYS C 7 -22.27 -12.90 23.95
CA LYS C 7 -22.16 -11.87 22.92
C LYS C 7 -22.49 -12.48 21.58
N ASN C 8 -23.10 -11.67 20.69
CA ASN C 8 -23.20 -12.05 19.30
C ASN C 8 -21.88 -11.91 18.56
N LEU C 9 -21.58 -12.93 17.78
CA LEU C 9 -20.72 -12.78 16.62
CA LEU C 9 -20.73 -12.77 16.62
C LEU C 9 -21.41 -11.84 15.60
N THR C 10 -20.67 -10.82 15.13
CA THR C 10 -21.18 -9.86 14.16
C THR C 10 -20.28 -9.70 12.96
N THR C 11 -20.83 -9.17 11.89
CA THR C 11 -19.98 -8.62 10.83
C THR C 11 -19.35 -7.30 11.31
N ASN C 12 -18.47 -6.75 10.48
CA ASN C 12 -17.86 -5.47 10.79
C ASN C 12 -18.85 -4.31 10.67
N GLN C 13 -19.99 -4.59 10.03
CA GLN C 13 -21.09 -3.65 10.03
C GLN C 13 -21.90 -3.64 11.32
N GLY C 14 -21.59 -4.56 12.24
CA GLY C 14 -22.38 -4.72 13.47
C GLY C 14 -23.68 -5.53 13.36
N VAL C 15 -23.89 -6.21 12.24
CA VAL C 15 -25.01 -7.12 12.08
C VAL C 15 -24.69 -8.51 12.66
N PRO C 16 -25.55 -9.01 13.58
CA PRO C 16 -25.27 -10.34 14.12
C PRO C 16 -25.26 -11.41 13.03
N VAL C 17 -24.37 -12.40 13.19
CA VAL C 17 -24.16 -13.46 12.19
C VAL C 17 -25.03 -14.67 12.51
N GLY C 18 -25.92 -15.01 11.58
CA GLY C 18 -26.87 -16.09 11.78
C GLY C 18 -26.24 -17.49 11.70
N ASP C 19 -25.20 -17.60 10.88
CA ASP C 19 -24.55 -18.90 10.68
C ASP C 19 -23.10 -18.63 10.38
N ASN C 20 -22.22 -18.99 11.32
CA ASN C 20 -20.79 -18.86 11.13
C ASN C 20 -20.14 -20.16 10.70
N GLN C 21 -20.98 -21.13 10.23
CA GLN C 21 -20.48 -22.47 9.81
C GLN C 21 -20.58 -22.73 8.31
N ASN C 22 -21.68 -22.30 7.68
CA ASN C 22 -21.97 -22.66 6.33
C ASN C 22 -22.00 -21.47 5.42
N SER C 23 -21.32 -21.62 4.31
CA SER C 23 -21.46 -20.70 3.17
C SER C 23 -22.84 -20.78 2.60
N ARG C 24 -23.18 -19.79 1.77
CA ARG C 24 -24.49 -19.70 1.17
C ARG C 24 -24.42 -20.29 -0.22
N THR C 25 -25.25 -21.29 -0.45
CA THR C 25 -25.09 -22.17 -1.58
C THR C 25 -26.41 -22.44 -2.25
N ALA C 26 -26.33 -22.98 -3.45
CA ALA C 26 -27.51 -23.48 -4.17
C ALA C 26 -27.92 -24.85 -3.66
N GLY C 27 -28.83 -24.86 -2.68
CA GLY C 27 -29.08 -26.06 -1.91
C GLY C 27 -27.92 -26.50 -1.04
N HIS C 28 -28.12 -27.62 -0.34
CA HIS C 28 -27.21 -28.03 0.71
C HIS C 28 -25.86 -28.47 0.15
N ARG C 29 -25.79 -28.78 -1.15
CA ARG C 29 -24.51 -29.19 -1.70
C ARG C 29 -24.02 -28.45 -2.93
N GLY C 30 -24.60 -27.31 -3.25
CA GLY C 30 -24.41 -26.74 -4.61
C GLY C 30 -23.32 -25.69 -4.48
N PRO C 31 -23.01 -24.99 -5.60
CA PRO C 31 -21.93 -24.01 -5.61
C PRO C 31 -22.36 -22.76 -4.82
N SER C 32 -21.38 -21.90 -4.54
CA SER C 32 -21.57 -20.83 -3.58
C SER C 32 -22.03 -19.56 -4.26
N PHE C 33 -22.82 -18.78 -3.53
CA PHE C 33 -23.34 -17.57 -4.04
C PHE C 33 -22.43 -16.38 -3.71
N LEU C 34 -22.41 -15.43 -4.63
CA LEU C 34 -21.67 -14.17 -4.41
C LEU C 34 -22.27 -13.31 -3.29
N ASP C 35 -23.62 -13.36 -3.16
CA ASP C 35 -24.31 -12.67 -2.10
C ASP C 35 -24.14 -13.43 -0.76
N ASP C 36 -22.92 -13.38 -0.22
CA ASP C 36 -22.62 -13.93 1.13
C ASP C 36 -21.67 -12.93 1.78
N TYR C 37 -22.22 -11.88 2.31
CA TYR C 37 -21.39 -10.75 2.81
C TYR C 37 -20.46 -11.22 3.97
N HIS C 38 -20.99 -12.05 4.87
CA HIS C 38 -20.18 -12.53 5.96
C HIS C 38 -18.98 -13.31 5.46
N LEU C 39 -19.17 -14.21 4.49
CA LEU C 39 -18.08 -15.01 3.99
C LEU C 39 -17.01 -14.13 3.35
N ILE C 40 -17.44 -13.26 2.45
CA ILE C 40 -16.51 -12.43 1.72
C ILE C 40 -15.78 -11.50 2.68
N GLU C 41 -16.50 -10.86 3.59
CA GLU C 41 -15.87 -9.94 4.52
C GLU C 41 -14.85 -10.66 5.40
N LYS C 42 -15.22 -11.86 5.88
CA LYS C 42 -14.37 -12.64 6.77
C LYS C 42 -13.12 -13.17 6.01
N LEU C 43 -13.28 -13.68 4.79
CA LEU C 43 -12.16 -14.07 3.98
C LEU C 43 -11.27 -12.90 3.55
N ALA C 44 -11.91 -11.80 3.17
CA ALA C 44 -11.16 -10.64 2.72
C ALA C 44 -10.29 -10.08 3.83
N HIS C 45 -10.79 -10.10 5.06
CA HIS C 45 -9.93 -9.62 6.11
C HIS C 45 -8.80 -10.58 6.45
N PHE C 46 -9.11 -11.88 6.56
CA PHE C 46 -8.10 -12.90 6.71
C PHE C 46 -7.01 -12.70 5.70
N ASP C 47 -7.43 -12.46 4.46
CA ASP C 47 -6.52 -12.31 3.31
C ASP C 47 -5.57 -11.11 3.40
N ARG C 48 -5.92 -10.15 4.26
CA ARG C 48 -5.16 -8.95 4.51
C ARG C 48 -4.53 -8.82 5.92
N GLU C 49 -4.45 -9.91 6.68
CA GLU C 49 -3.91 -9.86 8.03
C GLU C 49 -2.42 -9.43 8.07
N ARG C 50 -1.62 -9.86 7.11
CA ARG C 50 -0.17 -9.72 7.19
C ARG C 50 0.32 -8.39 6.66
N ILE C 51 1.33 -7.83 7.33
CA ILE C 51 2.00 -6.65 6.91
C ILE C 51 3.51 -7.03 6.75
N PRO C 52 4.31 -6.19 6.08
CA PRO C 52 5.71 -6.57 5.89
C PRO C 52 6.42 -6.68 7.20
N GLU C 53 7.32 -7.64 7.32
CA GLU C 53 8.10 -7.80 8.54
C GLU C 53 9.18 -6.68 8.49
N ARG C 54 9.83 -6.45 9.64
CA ARG C 54 10.98 -5.56 9.69
C ARG C 54 12.12 -6.04 8.75
N VAL C 55 12.76 -5.12 8.05
CA VAL C 55 13.79 -5.49 7.04
C VAL C 55 15.00 -6.15 7.70
N VAL C 56 15.27 -5.73 8.95
CA VAL C 56 16.05 -6.49 9.90
C VAL C 56 15.43 -6.53 11.27
N HIS C 57 15.94 -7.43 12.12
CA HIS C 57 15.37 -7.68 13.46
C HIS C 57 13.86 -8.10 13.39
N ALA C 58 13.52 -8.85 12.33
CA ALA C 58 12.12 -9.31 12.12
C ALA C 58 11.63 -10.24 13.24
N ARG C 59 12.54 -11.03 13.79
CA ARG C 59 12.19 -11.97 14.90
C ARG C 59 12.42 -11.31 16.24
N GLY C 60 11.38 -11.24 17.04
CA GLY C 60 11.50 -10.52 18.30
C GLY C 60 10.32 -10.69 19.24
N ALA C 61 10.48 -10.10 20.43
CA ALA C 61 9.51 -10.18 21.49
C ALA C 61 9.53 -8.92 22.36
N GLY C 62 8.34 -8.56 22.86
CA GLY C 62 8.18 -7.32 23.57
C GLY C 62 7.60 -7.43 24.96
N ALA C 63 7.81 -6.40 25.76
CA ALA C 63 7.21 -6.34 27.10
C ALA C 63 7.25 -4.90 27.60
N TYR C 64 6.35 -4.58 28.54
CA TYR C 64 6.29 -3.24 29.15
C TYR C 64 6.90 -3.28 30.47
N GLY C 65 7.30 -2.12 30.96
CA GLY C 65 7.75 -2.02 32.33
C GLY C 65 7.96 -0.62 32.81
N VAL C 66 8.84 -0.44 33.79
CA VAL C 66 9.09 0.87 34.36
C VAL C 66 10.59 1.09 34.44
N PHE C 67 11.02 2.32 34.18
CA PHE C 67 12.37 2.79 34.49
C PHE C 67 12.34 3.78 35.68
N GLU C 68 13.20 3.55 36.63
CA GLU C 68 13.27 4.42 37.84
C GLU C 68 14.65 4.98 38.01
N VAL C 69 14.73 6.30 38.11
CA VAL C 69 16.01 6.98 38.32
C VAL C 69 16.51 6.71 39.75
N GLU C 70 17.76 6.28 39.86
CA GLU C 70 18.49 6.23 41.15
C GLU C 70 19.28 7.52 41.39
N ASN C 71 20.06 7.94 40.39
CA ASN C 71 20.87 9.15 40.47
C ASN C 71 20.47 10.15 39.40
N SER C 72 20.01 11.34 39.83
CA SER C 72 19.61 12.35 38.83
C SER C 72 20.80 12.67 37.98
N MET C 73 20.54 12.94 36.72
CA MET C 73 21.63 13.25 35.81
C MET C 73 21.62 14.71 35.38
N GLU C 74 20.92 15.58 36.11
CA GLU C 74 20.81 17.07 35.76
C GLU C 74 22.12 17.88 35.62
N LYS C 75 23.18 17.42 36.25
CA LYS C 75 24.51 17.97 35.99
C LYS C 75 24.93 17.88 34.54
N HIS C 76 24.51 16.80 33.87
CA HIS C 76 24.98 16.49 32.54
C HIS C 76 23.94 16.57 31.43
N THR C 77 22.67 16.41 31.76
CA THR C 77 21.57 16.45 30.80
C THR C 77 20.32 17.00 31.44
N ARG C 78 19.64 17.86 30.70
CA ARG C 78 18.35 18.39 31.11
CA ARG C 78 18.35 18.40 31.11
C ARG C 78 17.19 17.44 30.84
N ALA C 79 17.49 16.19 30.44
CA ALA C 79 16.41 15.26 30.08
C ALA C 79 15.43 15.10 31.24
N ALA C 80 14.14 15.35 30.95
CA ALA C 80 13.15 15.37 32.01
C ALA C 80 13.08 14.07 32.76
N PHE C 81 13.02 12.94 32.00
CA PHE C 81 12.91 11.61 32.61
C PHE C 81 14.09 11.25 33.53
N LEU C 82 15.20 11.98 33.43
CA LEU C 82 16.36 11.68 34.28
C LEU C 82 16.61 12.75 35.40
N SER C 83 15.65 13.63 35.64
CA SER C 83 15.91 14.85 36.37
C SER C 83 15.96 14.63 37.89
N GLU C 84 15.34 13.59 38.41
CA GLU C 84 15.12 13.47 39.87
C GLU C 84 15.25 12.02 40.29
N GLU C 85 15.91 11.81 41.41
CA GLU C 85 15.89 10.53 42.14
C GLU C 85 14.47 10.02 42.32
N GLY C 86 14.25 8.75 42.02
CA GLY C 86 12.93 8.14 42.22
C GLY C 86 11.95 8.31 41.07
N LYS C 87 12.28 9.14 40.11
CA LYS C 87 11.37 9.40 39.00
C LYS C 87 11.19 8.16 38.11
N GLN C 88 9.92 7.78 37.91
CA GLN C 88 9.56 6.60 37.18
C GLN C 88 8.98 6.97 35.83
N THR C 89 9.38 6.21 34.80
CA THR C 89 8.89 6.44 33.46
C THR C 89 8.48 5.08 32.90
N ASP C 90 7.29 5.00 32.34
CA ASP C 90 6.90 3.74 31.65
C ASP C 90 7.79 3.46 30.46
N VAL C 91 7.98 2.16 30.15
CA VAL C 91 8.74 1.81 28.95
C VAL C 91 7.98 0.76 28.19
N PHE C 92 8.16 0.73 26.87
CA PHE C 92 8.01 -0.50 26.11
C PHE C 92 9.35 -0.96 25.50
N VAL C 93 9.65 -2.27 25.52
CA VAL C 93 10.93 -2.81 25.11
C VAL C 93 10.68 -3.94 24.11
N ARG C 94 11.36 -3.92 22.98
CA ARG C 94 11.43 -5.09 22.13
C ARG C 94 12.86 -5.59 22.04
N PHE C 95 12.99 -6.91 22.19
CA PHE C 95 14.24 -7.64 21.95
C PHE C 95 14.11 -8.47 20.69
N SER C 96 15.24 -8.79 20.08
CA SER C 96 15.21 -9.39 18.72
C SER C 96 16.50 -10.03 18.33
N THR C 97 16.46 -10.91 17.33
CA THR C 97 17.61 -11.26 16.57
C THR C 97 17.75 -10.23 15.42
N VAL C 98 18.55 -10.53 14.40
CA VAL C 98 18.81 -9.49 13.35
C VAL C 98 18.48 -9.93 11.93
N ILE C 99 19.11 -11.01 11.51
CA ILE C 99 19.18 -11.34 10.08
C ILE C 99 17.93 -12.12 9.55
N HIS C 100 17.52 -13.21 10.21
CA HIS C 100 16.59 -14.12 9.58
C HIS C 100 15.16 -13.62 9.75
N PRO C 101 14.19 -14.18 8.99
CA PRO C 101 12.81 -13.63 9.05
C PRO C 101 12.05 -13.92 10.36
N LYS C 102 10.82 -13.44 10.42
N LYS C 102 10.83 -13.42 10.43
CA LYS C 102 9.86 -13.83 11.43
CA LYS C 102 9.93 -13.56 11.57
C LYS C 102 9.87 -15.34 11.39
C LYS C 102 9.86 -14.84 12.33
N GLY C 103 9.68 -15.94 12.52
N GLY C 103 9.82 -15.97 11.63
CA GLY C 103 9.55 -17.37 12.49
CA GLY C 103 9.60 -17.29 12.27
C GLY C 103 10.87 -18.09 12.62
C GLY C 103 10.87 -18.06 12.56
N SER C 104 12.00 -17.39 12.45
CA SER C 104 13.31 -18.02 12.44
C SER C 104 13.74 -18.38 13.89
N PRO C 105 14.71 -19.29 14.04
CA PRO C 105 15.08 -19.67 15.42
C PRO C 105 15.77 -18.56 16.25
N GLU C 106 15.56 -18.57 17.56
CA GLU C 106 16.28 -17.67 18.47
C GLU C 106 17.64 -18.23 19.01
N THR C 107 18.13 -19.31 18.38
CA THR C 107 19.37 -20.04 18.73
C THR C 107 20.52 -19.73 17.77
N LEU C 108 20.29 -18.87 16.81
CA LEU C 108 21.29 -18.52 15.82
C LEU C 108 22.24 -17.45 16.36
N ARG C 109 23.47 -17.41 15.79
CA ARG C 109 24.43 -16.36 16.05
C ARG C 109 24.01 -15.06 15.44
N ASP C 110 24.09 -13.98 16.21
CA ASP C 110 23.58 -12.68 15.79
C ASP C 110 23.76 -11.75 16.98
N PRO C 111 23.96 -10.44 16.76
CA PRO C 111 23.62 -9.47 17.78
C PRO C 111 22.17 -9.61 18.15
N ARG C 112 21.82 -9.21 19.36
CA ARG C 112 20.44 -9.11 19.71
C ARG C 112 20.06 -7.65 19.89
N GLY C 113 18.88 -7.29 19.36
CA GLY C 113 18.34 -6.00 19.56
C GLY C 113 17.86 -5.78 20.98
N PHE C 114 17.88 -4.52 21.39
CA PHE C 114 17.56 -4.14 22.76
C PHE C 114 17.02 -2.71 22.66
N ALA C 115 15.75 -2.59 22.27
CA ALA C 115 15.12 -1.35 21.89
C ALA C 115 14.19 -0.92 23.00
N VAL C 116 14.45 0.24 23.59
CA VAL C 116 13.64 0.74 24.68
C VAL C 116 12.97 2.04 24.33
N LYS C 117 11.64 2.07 24.49
CA LYS C 117 10.87 3.29 24.30
C LYS C 117 10.48 3.79 25.68
N PHE C 118 10.91 5.01 25.99
CA PHE C 118 10.57 5.70 27.25
C PHE C 118 9.48 6.74 27.01
N TYR C 119 8.34 6.57 27.67
CA TYR C 119 7.23 7.44 27.48
C TYR C 119 7.28 8.73 28.38
N THR C 120 8.11 9.69 27.99
CA THR C 120 8.49 10.80 28.94
C THR C 120 7.53 11.93 28.89
N GLU C 121 7.63 12.83 29.87
CA GLU C 121 6.74 14.00 29.89
C GLU C 121 7.02 14.94 28.77
N GLU C 122 8.20 14.85 28.18
CA GLU C 122 8.62 15.77 27.11
C GLU C 122 8.70 15.06 25.76
N GLY C 123 8.05 13.90 25.69
CA GLY C 123 7.96 13.15 24.42
C GLY C 123 8.53 11.74 24.61
N ASN C 124 8.35 10.94 23.58
CA ASN C 124 8.88 9.58 23.60
C ASN C 124 10.37 9.63 23.25
N TYR C 125 11.16 8.93 24.02
CA TYR C 125 12.58 8.77 23.79
C TYR C 125 12.86 7.34 23.49
N ASP C 126 13.39 7.05 22.31
CA ASP C 126 13.72 5.69 21.93
C ASP C 126 15.25 5.52 22.06
N LEU C 127 15.69 4.55 22.85
CA LEU C 127 17.08 4.14 22.84
C LEU C 127 17.18 2.78 22.15
N VAL C 128 17.61 2.80 20.90
CA VAL C 128 17.50 1.63 20.03
C VAL C 128 18.86 0.91 19.98
N GLY C 129 19.07 0.04 20.97
CA GLY C 129 20.34 -0.57 21.26
C GLY C 129 20.43 -2.00 20.73
N ASN C 130 21.64 -2.57 20.85
CA ASN C 130 21.90 -3.99 20.68
C ASN C 130 22.58 -4.47 21.97
N ASN C 131 22.72 -5.78 22.15
CA ASN C 131 23.45 -6.29 23.31
C ASN C 131 24.95 -5.92 23.23
N LEU C 132 25.55 -6.16 22.06
CA LEU C 132 26.96 -5.86 21.88
C LEU C 132 27.23 -4.38 21.71
N PRO C 133 28.37 -3.89 22.19
CA PRO C 133 28.51 -2.42 22.39
C PRO C 133 29.06 -1.64 21.18
N ILE C 134 29.41 -2.38 20.12
CA ILE C 134 30.02 -1.80 18.93
CA ILE C 134 30.02 -1.79 18.93
C ILE C 134 29.34 -2.30 17.70
N PHE C 135 29.74 -1.85 16.55
CA PHE C 135 29.12 -2.33 15.32
C PHE C 135 30.16 -2.66 14.29
N PHE C 136 29.71 -3.30 13.21
CA PHE C 136 30.57 -3.82 12.16
C PHE C 136 31.14 -2.72 11.23
N ILE C 137 30.37 -1.65 11.10
CA ILE C 137 30.63 -0.61 10.08
C ILE C 137 30.41 0.72 10.81
N ARG C 138 30.86 1.81 10.20
CA ARG C 138 30.88 3.14 10.83
C ARG C 138 30.24 4.20 9.94
N ASP C 139 29.66 3.77 8.81
CA ASP C 139 28.91 4.64 7.91
C ASP C 139 27.66 3.96 7.38
N ALA C 140 26.55 4.65 7.53
CA ALA C 140 25.29 4.11 7.09
C ALA C 140 25.19 3.72 5.62
N LEU C 141 26.03 4.30 4.75
CA LEU C 141 25.94 4.02 3.34
C LEU C 141 26.22 2.58 3.13
N LYS C 142 26.92 1.94 4.06
CA LYS C 142 27.30 0.55 3.86
C LYS C 142 26.30 -0.41 4.42
N PHE C 143 25.28 0.07 5.07
CA PHE C 143 24.40 -0.84 5.79
C PHE C 143 23.69 -1.80 4.88
N PRO C 144 23.13 -1.33 3.76
CA PRO C 144 22.44 -2.34 2.93
C PRO C 144 23.39 -3.39 2.40
N ASP C 145 24.63 -3.02 2.14
CA ASP C 145 25.64 -3.98 1.69
C ASP C 145 25.92 -5.05 2.72
N MET C 146 26.13 -4.60 3.96
CA MET C 146 26.40 -5.49 5.06
C MET C 146 25.25 -6.48 5.26
N VAL C 147 24.03 -5.91 5.28
CA VAL C 147 22.83 -6.71 5.48
C VAL C 147 22.64 -7.71 4.37
N HIS C 148 22.81 -7.27 3.13
CA HIS C 148 22.70 -8.14 1.98
C HIS C 148 23.67 -9.30 2.02
N SER C 149 24.87 -9.04 2.49
CA SER C 149 25.91 -10.06 2.59
C SER C 149 25.62 -11.10 3.65
N LEU C 150 25.02 -10.66 4.74
CA LEU C 150 24.63 -11.52 5.85
C LEU C 150 23.32 -12.28 5.61
N LYS C 151 22.38 -11.65 4.91
CA LYS C 151 21.09 -12.26 4.66
C LYS C 151 21.24 -13.55 3.82
N PRO C 152 20.27 -14.44 3.89
CA PRO C 152 20.25 -15.55 2.96
C PRO C 152 20.53 -15.12 1.52
N ASP C 153 21.31 -15.92 0.85
CA ASP C 153 21.71 -15.68 -0.52
C ASP C 153 20.46 -15.43 -1.36
N PRO C 154 20.50 -14.50 -2.30
CA PRO C 154 19.26 -14.12 -2.92
C PRO C 154 18.82 -15.09 -3.97
N VAL C 155 19.66 -16.08 -4.30
CA VAL C 155 19.27 -17.21 -5.13
C VAL C 155 18.79 -18.39 -4.31
N THR C 156 19.55 -18.80 -3.30
CA THR C 156 19.29 -20.06 -2.60
C THR C 156 18.42 -19.93 -1.35
N ASN C 157 18.25 -18.72 -0.83
CA ASN C 157 17.52 -18.49 0.44
C ASN C 157 18.15 -19.15 1.62
N ILE C 158 19.46 -19.28 1.57
CA ILE C 158 20.21 -19.81 2.70
C ILE C 158 21.44 -18.91 2.93
N GLN C 159 21.69 -18.60 4.20
CA GLN C 159 22.75 -17.72 4.58
C GLN C 159 24.04 -18.41 4.26
N ASP C 160 25.01 -17.66 3.75
CA ASP C 160 26.25 -18.23 3.23
C ASP C 160 27.49 -17.47 3.81
N PRO C 161 28.26 -18.11 4.70
CA PRO C 161 29.51 -17.49 5.23
C PRO C 161 30.43 -16.91 4.18
N ASP C 162 30.50 -17.55 3.02
CA ASP C 162 31.35 -17.03 1.97
C ASP C 162 30.96 -15.64 1.51
N ARG C 163 29.66 -15.34 1.55
CA ARG C 163 29.16 -14.00 1.20
C ARG C 163 29.50 -12.99 2.29
N TYR C 164 29.11 -13.25 3.53
CA TYR C 164 29.34 -12.20 4.53
C TYR C 164 30.79 -12.07 4.93
N TRP C 165 31.54 -13.17 4.87
CA TRP C 165 33.03 -13.07 5.07
C TRP C 165 33.76 -12.33 3.97
N ASP C 166 33.27 -12.41 2.73
CA ASP C 166 33.82 -11.53 1.63
C ASP C 166 33.61 -10.06 1.99
N PHE C 167 32.40 -9.70 2.38
CA PHE C 167 32.13 -8.29 2.75
C PHE C 167 32.93 -7.90 3.98
N MET C 168 32.90 -8.71 5.05
CA MET C 168 33.59 -8.33 6.27
C MET C 168 35.09 -8.19 6.12
N THR C 169 35.70 -9.14 5.43
CA THR C 169 37.16 -9.08 5.22
C THR C 169 37.58 -7.86 4.43
N LEU C 170 36.75 -7.41 3.49
CA LEU C 170 37.04 -6.19 2.69
C LEU C 170 36.62 -4.92 3.44
N THR C 171 36.16 -5.07 4.67
CA THR C 171 35.61 -3.97 5.47
C THR C 171 36.27 -4.14 6.85
N PRO C 172 37.57 -3.91 6.91
CA PRO C 172 38.33 -4.32 8.10
C PRO C 172 37.96 -3.58 9.38
N GLU C 173 37.24 -2.48 9.28
CA GLU C 173 36.66 -1.86 10.46
C GLU C 173 35.75 -2.82 11.23
N SER C 174 35.35 -3.93 10.60
CA SER C 174 34.49 -4.92 11.24
C SER C 174 35.21 -5.80 12.26
N THR C 175 36.52 -5.67 12.37
CA THR C 175 37.37 -6.68 13.02
C THR C 175 37.04 -6.73 14.53
N HIS C 176 36.85 -5.56 15.15
CA HIS C 176 36.46 -5.51 16.55
C HIS C 176 35.09 -6.17 16.83
N MET C 177 34.08 -5.82 16.05
CA MET C 177 32.80 -6.43 16.20
C MET C 177 32.83 -7.93 16.11
N LEU C 178 33.52 -8.45 15.11
CA LEU C 178 33.63 -9.91 14.93
C LEU C 178 34.31 -10.60 16.13
N THR C 179 35.25 -9.90 16.75
CA THR C 179 35.95 -10.41 17.90
C THR C 179 35.00 -10.53 19.11
N TRP C 180 33.91 -9.75 19.16
CA TRP C 180 32.86 -9.96 20.14
C TRP C 180 31.87 -11.04 19.69
N LEU C 181 31.43 -10.96 18.45
CA LEU C 181 30.25 -11.76 17.96
C LEU C 181 30.59 -13.23 17.86
N PHE C 182 31.88 -13.53 17.68
CA PHE C 182 32.33 -14.90 17.64
C PHE C 182 32.86 -15.44 18.98
N SER C 183 32.76 -14.64 20.04
CA SER C 183 32.71 -15.23 21.38
C SER C 183 31.38 -15.93 21.54
N ASP C 184 31.15 -16.58 22.67
CA ASP C 184 29.85 -17.19 22.87
C ASP C 184 28.75 -16.18 23.13
N GLU C 185 29.11 -14.92 23.35
CA GLU C 185 28.07 -13.93 23.50
C GLU C 185 27.35 -13.66 22.20
N GLY C 186 27.91 -14.14 21.10
CA GLY C 186 27.17 -14.22 19.82
C GLY C 186 25.83 -14.93 19.88
N ILE C 187 25.63 -15.79 20.89
CA ILE C 187 24.35 -16.50 21.07
C ILE C 187 23.94 -16.40 22.54
N PRO C 188 23.33 -15.26 22.94
CA PRO C 188 22.81 -15.13 24.28
C PRO C 188 21.83 -16.27 24.60
N ALA C 189 21.77 -16.65 25.89
CA ALA C 189 20.94 -17.80 26.25
C ALA C 189 19.47 -17.44 26.06
N ASN C 190 19.14 -16.20 26.34
CA ASN C 190 17.82 -15.73 26.19
C ASN C 190 17.91 -14.22 26.22
N TYR C 191 16.78 -13.51 26.23
CA TYR C 191 16.79 -12.03 26.18
C TYR C 191 17.02 -11.40 27.55
N ALA C 192 16.81 -12.14 28.62
CA ALA C 192 16.88 -11.63 29.99
C ALA C 192 18.32 -11.65 30.49
N GLU C 193 19.05 -12.71 30.13
CA GLU C 193 20.40 -12.92 30.63
C GLU C 193 21.40 -12.39 29.59
N MET C 194 21.31 -11.10 29.37
CA MET C 194 21.84 -10.47 28.21
C MET C 194 22.21 -9.04 28.53
N ARG C 195 23.29 -8.62 27.95
CA ARG C 195 23.77 -7.23 27.98
C ARG C 195 22.93 -6.30 27.10
N GLY C 196 22.98 -5.00 27.39
CA GLY C 196 22.45 -4.00 26.47
C GLY C 196 23.41 -2.79 26.34
N SER C 197 23.41 -2.16 25.17
CA SER C 197 24.33 -1.16 24.79
C SER C 197 23.69 -0.17 23.88
N GLY C 198 23.94 1.14 24.11
CA GLY C 198 23.48 2.14 23.18
C GLY C 198 24.23 2.14 21.89
N VAL C 199 25.45 1.65 21.98
CA VAL C 199 26.43 1.52 20.90
C VAL C 199 27.04 2.87 20.57
N HIS C 200 26.23 3.76 20.03
CA HIS C 200 26.72 5.07 19.64
C HIS C 200 27.04 5.91 20.80
N THR C 201 28.01 6.79 20.60
CA THR C 201 28.07 8.01 21.36
C THR C 201 26.95 8.91 21.03
N PHE C 202 26.31 9.46 22.06
CA PHE C 202 25.33 10.51 21.91
C PHE C 202 25.86 11.77 22.57
N ARG C 203 25.13 12.86 22.44
CA ARG C 203 25.42 14.14 23.10
C ARG C 203 24.40 14.41 24.18
N TRP C 204 24.89 14.61 25.38
CA TRP C 204 24.05 15.03 26.49
C TRP C 204 24.25 16.53 26.73
N VAL C 205 23.14 17.27 26.83
CA VAL C 205 23.20 18.74 26.96
C VAL C 205 22.46 19.16 28.21
N ASN C 206 23.14 19.89 29.09
CA ASN C 206 22.57 20.26 30.37
C ASN C 206 21.90 21.63 30.32
N LYS C 207 21.39 22.09 31.47
CA LYS C 207 20.57 23.31 31.53
C LYS C 207 21.36 24.56 31.20
N TYR C 208 22.70 24.48 31.28
CA TYR C 208 23.59 25.57 30.88
C TYR C 208 24.00 25.49 29.40
N GLY C 209 23.52 24.49 28.67
CA GLY C 209 23.91 24.28 27.30
C GLY C 209 25.25 23.64 27.13
N GLU C 210 25.82 23.09 28.17
CA GLU C 210 27.08 22.42 28.08
C GLU C 210 26.84 21.02 27.57
N THR C 211 27.74 20.57 26.71
CA THR C 211 27.59 19.25 26.09
C THR C 211 28.67 18.32 26.62
N LYS C 212 28.31 17.07 26.90
CA LYS C 212 29.24 15.92 26.97
C LYS C 212 28.82 14.77 26.07
N TYR C 213 29.81 14.01 25.65
CA TYR C 213 29.58 12.75 24.97
C TYR C 213 29.18 11.68 25.99
N VAL C 214 28.25 10.79 25.62
CA VAL C 214 27.73 9.78 26.55
C VAL C 214 27.63 8.48 25.80
N LYS C 215 27.85 7.43 26.54
CA LYS C 215 27.51 6.08 26.12
C LYS C 215 26.65 5.42 27.15
N TYR C 216 25.74 4.56 26.69
CA TYR C 216 24.81 3.84 27.56
C TYR C 216 25.12 2.33 27.66
N HIS C 217 24.94 1.78 28.89
CA HIS C 217 25.09 0.36 29.10
C HIS C 217 23.97 -0.14 29.96
N TRP C 218 23.47 -1.31 29.63
CA TRP C 218 22.45 -1.96 30.45
C TRP C 218 23.05 -3.23 31.02
N ARG C 219 22.93 -3.42 32.32
CA ARG C 219 23.45 -4.60 32.97
C ARG C 219 22.34 -5.46 33.58
N PRO C 220 22.23 -6.71 33.11
CA PRO C 220 21.15 -7.55 33.50
C PRO C 220 21.21 -7.94 34.97
N SER C 221 20.12 -7.80 35.72
CA SER C 221 20.06 -8.28 37.11
C SER C 221 20.22 -9.80 37.10
N GLU C 222 19.83 -10.43 35.99
CA GLU C 222 19.94 -11.87 35.83
C GLU C 222 21.35 -12.35 35.45
N GLY C 223 22.30 -11.42 35.25
CA GLY C 223 23.61 -11.80 34.79
C GLY C 223 23.60 -12.13 33.31
N ILE C 224 24.77 -12.15 32.70
CA ILE C 224 24.94 -12.48 31.28
C ILE C 224 25.15 -13.99 31.18
N ARG C 225 24.39 -14.68 30.32
CA ARG C 225 24.68 -16.09 30.01
C ARG C 225 24.55 -16.37 28.53
N ASN C 226 25.48 -17.19 28.01
CA ASN C 226 25.64 -17.41 26.61
C ASN C 226 25.53 -18.86 26.33
N LEU C 227 25.36 -19.21 25.06
CA LEU C 227 25.29 -20.60 24.59
C LEU C 227 26.45 -20.91 23.70
N SER C 228 27.10 -22.02 24.00
CA SER C 228 28.06 -22.60 23.07
C SER C 228 27.34 -23.02 21.80
N MET C 229 28.08 -23.25 20.72
CA MET C 229 27.45 -23.78 19.49
C MET C 229 26.70 -25.09 19.74
N GLU C 230 27.23 -25.95 20.57
CA GLU C 230 26.54 -27.19 20.87
C GLU C 230 25.34 -26.99 21.79
N GLU C 231 25.39 -26.08 22.74
CA GLU C 231 24.23 -25.82 23.55
C GLU C 231 23.09 -25.19 22.70
N ALA C 232 23.45 -24.29 21.77
CA ALA C 232 22.49 -23.68 20.86
C ALA C 232 21.77 -24.73 20.03
N ALA C 233 22.53 -25.64 19.44
CA ALA C 233 21.98 -26.75 18.64
C ALA C 233 20.98 -27.58 19.43
N GLU C 234 21.35 -27.93 20.64
CA GLU C 234 20.43 -28.69 21.49
C GLU C 234 19.14 -27.98 21.77
N ILE C 235 19.18 -26.68 22.05
CA ILE C 235 17.95 -25.94 22.27
C ILE C 235 17.16 -25.86 20.93
N GLN C 236 17.87 -25.62 19.83
CA GLN C 236 17.23 -25.49 18.52
C GLN C 236 16.41 -26.72 18.16
N ALA C 237 16.90 -27.89 18.52
CA ALA C 237 16.19 -29.16 18.30
C ALA C 237 14.75 -29.14 18.86
N ASN C 238 14.58 -28.49 20.00
CA ASN C 238 13.44 -28.63 20.89
C ASN C 238 12.56 -27.39 20.86
N ASP C 239 13.11 -26.24 20.49
CA ASP C 239 12.33 -25.02 20.53
C ASP C 239 12.99 -23.94 19.64
N PHE C 240 12.29 -23.48 18.62
CA PHE C 240 12.87 -22.44 17.75
C PHE C 240 12.54 -21.02 18.29
N GLN C 241 11.87 -20.96 19.44
CA GLN C 241 11.39 -19.71 19.95
C GLN C 241 11.60 -19.58 21.45
N HIS C 242 12.70 -20.17 21.92
CA HIS C 242 12.88 -20.30 23.36
C HIS C 242 13.04 -18.93 24.04
N ALA C 243 13.55 -17.92 23.36
CA ALA C 243 13.79 -16.65 24.02
C ALA C 243 12.51 -15.91 24.18
N THR C 244 11.65 -15.96 23.15
CA THR C 244 10.33 -15.37 23.19
C THR C 244 9.46 -16.07 24.31
N ARG C 245 9.53 -17.39 24.36
CA ARG C 245 8.86 -18.15 25.41
C ARG C 245 9.34 -17.69 26.80
N ASP C 246 10.67 -17.65 26.97
CA ASP C 246 11.30 -17.39 28.24
C ASP C 246 10.88 -16.03 28.79
N LEU C 247 10.96 -15.00 27.94
CA LEU C 247 10.60 -13.66 28.34
C LEU C 247 9.14 -13.59 28.83
N TYR C 248 8.23 -14.15 28.03
CA TYR C 248 6.79 -14.14 28.38
C TYR C 248 6.57 -14.84 29.73
N ASP C 249 7.22 -15.99 29.89
CA ASP C 249 6.98 -16.87 31.03
C ASP C 249 7.53 -16.30 32.32
N ARG C 250 8.73 -15.72 32.27
CA ARG C 250 9.26 -14.97 33.38
C ARG C 250 8.30 -13.99 33.88
N ILE C 251 7.81 -13.17 32.97
CA ILE C 251 6.88 -12.11 33.34
C ILE C 251 5.57 -12.69 33.88
N GLU C 252 5.07 -13.71 33.21
CA GLU C 252 3.81 -14.29 33.66
C GLU C 252 3.90 -14.84 35.04
N LYS C 253 5.05 -15.39 35.42
CA LYS C 253 5.17 -15.96 36.75
C LYS C 253 5.63 -15.00 37.83
N GLY C 254 5.81 -13.74 37.45
CA GLY C 254 6.16 -12.73 38.40
C GLY C 254 7.65 -12.64 38.62
N ASN C 255 8.44 -13.31 37.79
CA ASN C 255 9.90 -13.26 37.89
C ASN C 255 10.46 -12.18 36.93
N TYR C 256 10.26 -10.91 37.27
CA TYR C 256 10.47 -9.83 36.32
C TYR C 256 11.94 -9.60 36.06
N PRO C 257 12.38 -9.67 34.80
CA PRO C 257 13.79 -9.32 34.55
C PRO C 257 14.05 -7.80 34.65
N ALA C 258 15.29 -7.44 35.01
CA ALA C 258 15.66 -6.03 35.18
C ALA C 258 17.07 -5.80 34.74
N TRP C 259 17.34 -4.54 34.45
CA TRP C 259 18.66 -4.11 34.02
C TRP C 259 18.92 -2.80 34.70
N ASP C 260 20.14 -2.65 35.19
CA ASP C 260 20.59 -1.35 35.62
C ASP C 260 21.17 -0.60 34.44
N LEU C 261 20.84 0.67 34.36
CA LEU C 261 21.41 1.57 33.40
C LEU C 261 22.62 2.31 33.94
N TYR C 262 23.76 2.17 33.26
CA TYR C 262 24.99 2.94 33.50
C TYR C 262 25.34 3.81 32.30
N VAL C 263 25.96 4.95 32.55
CA VAL C 263 26.57 5.76 31.45
C VAL C 263 28.07 5.92 31.66
N GLN C 264 28.77 6.14 30.56
CA GLN C 264 30.09 6.76 30.60
C GLN C 264 29.97 8.15 30.01
N LEU C 265 30.76 9.10 30.54
CA LEU C 265 30.72 10.48 30.08
C LEU C 265 32.10 10.92 29.66
N MET C 266 32.20 11.63 28.57
CA MET C 266 33.49 12.10 28.04
C MET C 266 33.34 13.55 27.59
N PRO C 267 34.30 14.40 27.97
CA PRO C 267 34.33 15.76 27.45
C PRO C 267 34.53 15.76 25.95
N LEU C 268 33.88 16.67 25.23
CA LEU C 268 34.13 16.83 23.77
C LEU C 268 35.61 17.06 23.48
N SER C 269 36.29 17.77 24.37
CA SER C 269 37.67 18.11 24.14
C SER C 269 38.58 16.88 24.07
N ASP C 270 38.11 15.74 24.58
CA ASP C 270 38.97 14.55 24.64
C ASP C 270 39.17 13.97 23.25
N TYR C 271 38.38 14.39 22.26
CA TYR C 271 38.59 13.95 20.90
C TYR C 271 40.04 13.91 20.53
N ASP C 272 40.70 15.04 20.72
CA ASP C 272 41.85 15.33 19.91
C ASP C 272 43.08 14.65 20.45
N GLU C 273 43.00 14.23 21.70
CA GLU C 273 44.02 13.45 22.40
C GLU C 273 43.94 11.92 22.29
N LEU C 274 42.79 11.35 21.85
CA LEU C 274 42.63 9.89 21.76
C LEU C 274 43.23 9.41 20.46
N ASP C 275 43.57 8.13 20.38
CA ASP C 275 44.08 7.55 19.12
C ASP C 275 42.99 6.91 18.22
N TYR C 276 41.73 7.21 18.55
CA TYR C 276 40.59 6.76 17.81
C TYR C 276 39.59 7.89 17.89
N ASP C 277 38.65 7.87 16.97
CA ASP C 277 37.50 8.79 17.01
C ASP C 277 36.43 8.31 18.02
N PRO C 278 36.12 9.11 19.07
CA PRO C 278 35.18 8.65 20.07
C PRO C 278 33.76 8.52 19.52
N CYS C 279 33.50 9.03 18.33
CA CYS C 279 32.19 8.77 17.61
C CYS C 279 32.27 7.70 16.48
N ASP C 280 33.33 6.89 16.49
CA ASP C 280 33.45 5.72 15.61
C ASP C 280 32.76 4.58 16.36
N PRO C 281 31.59 4.15 15.88
CA PRO C 281 30.89 3.10 16.59
C PRO C 281 31.53 1.71 16.50
N THR C 282 32.71 1.57 15.89
CA THR C 282 33.49 0.33 15.98
C THR C 282 34.39 0.31 17.20
N LYS C 283 34.34 1.39 17.98
CA LYS C 283 35.10 1.58 19.17
C LYS C 283 34.26 1.61 20.44
N THR C 284 34.83 1.06 21.53
CA THR C 284 34.38 1.34 22.89
C THR C 284 35.27 2.37 23.57
N TRP C 285 34.82 2.87 24.71
CA TRP C 285 35.62 3.76 25.56
C TRP C 285 36.08 3.00 26.79
N SER C 286 37.34 3.20 27.19
CA SER C 286 37.91 2.44 28.33
C SER C 286 37.08 2.71 29.59
N GLU C 287 36.68 1.63 30.29
CA GLU C 287 35.96 1.76 31.58
C GLU C 287 36.88 2.18 32.70
N GLU C 288 38.19 1.99 32.52
CA GLU C 288 39.14 2.55 33.45
C GLU C 288 39.14 4.07 33.34
N ASP C 289 39.30 4.57 32.12
CA ASP C 289 39.42 6.01 31.87
C ASP C 289 38.09 6.76 31.95
N TYR C 290 36.99 6.07 31.64
CA TYR C 290 35.67 6.71 31.64
C TYR C 290 34.77 5.76 32.36
N PRO C 291 34.75 5.82 33.72
CA PRO C 291 34.08 4.80 34.50
C PRO C 291 32.56 4.81 34.33
N LEU C 292 31.97 3.64 34.58
CA LEU C 292 30.55 3.46 34.50
C LEU C 292 29.95 4.21 35.65
N GLN C 293 28.93 5.01 35.37
CA GLN C 293 28.19 5.70 36.38
C GLN C 293 26.72 5.26 36.40
N LYS C 294 26.20 4.85 37.57
CA LYS C 294 24.85 4.30 37.66
C LYS C 294 23.77 5.36 37.52
N VAL C 295 22.75 5.06 36.70
CA VAL C 295 21.68 5.98 36.52
C VAL C 295 20.40 5.52 37.19
N GLY C 296 20.04 4.26 36.92
CA GLY C 296 18.81 3.73 37.48
C GLY C 296 18.55 2.33 37.02
N ARG C 297 17.29 1.92 37.13
CA ARG C 297 16.90 0.52 36.89
C ARG C 297 15.59 0.40 36.10
N MET C 298 15.61 -0.53 35.12
CA MET C 298 14.47 -0.83 34.32
C MET C 298 14.00 -2.22 34.70
N THR C 299 12.73 -2.32 35.04
CA THR C 299 12.08 -3.59 35.32
C THR C 299 10.97 -3.83 34.34
N LEU C 300 10.99 -5.00 33.71
CA LEU C 300 9.91 -5.41 32.80
C LEU C 300 8.91 -6.34 33.47
N ASN C 301 7.63 -5.94 33.47
CA ASN C 301 6.68 -6.54 34.36
C ASN C 301 5.29 -6.79 33.78
N ARG C 302 5.13 -6.63 32.47
CA ARG C 302 3.79 -6.72 31.86
C ARG C 302 3.96 -7.19 30.41
N ASN C 303 3.36 -8.34 30.10
CA ASN C 303 3.27 -8.78 28.73
C ASN C 303 2.22 -7.99 27.98
N PRO C 304 2.38 -7.85 26.64
CA PRO C 304 1.37 -7.14 25.85
C PRO C 304 0.08 -7.94 25.80
N GLU C 305 -1.01 -7.26 25.52
CA GLU C 305 -2.30 -7.92 25.32
C GLU C 305 -2.40 -8.61 23.96
N ASN C 306 -1.69 -8.06 22.95
CA ASN C 306 -1.80 -8.61 21.58
C ASN C 306 -0.47 -8.45 20.88
N PHE C 307 0.09 -9.57 20.46
CA PHE C 307 1.45 -9.55 19.91
C PHE C 307 1.48 -8.69 18.65
N PHE C 308 0.54 -8.89 17.71
CA PHE C 308 0.58 -8.12 16.45
C PHE C 308 0.42 -6.62 16.66
N ALA C 309 -0.62 -6.26 17.43
CA ALA C 309 -0.96 -4.86 17.59
C ALA C 309 0.13 -4.09 18.31
N GLU C 310 0.84 -4.76 19.22
CA GLU C 310 1.75 -4.07 20.12
C GLU C 310 3.21 -4.36 19.85
N THR C 311 3.61 -5.62 19.72
CA THR C 311 5.01 -5.92 19.46
C THR C 311 5.28 -5.81 17.94
N GLU C 312 4.47 -6.44 17.11
CA GLU C 312 4.78 -6.43 15.69
C GLU C 312 4.71 -5.03 15.08
N GLN C 313 3.72 -4.24 15.49
CA GLN C 313 3.55 -2.88 15.03
C GLN C 313 4.39 -1.84 15.80
N ALA C 314 5.17 -2.21 16.81
CA ALA C 314 6.02 -1.27 17.53
C ALA C 314 7.05 -0.63 16.59
N ALA C 315 7.24 0.66 16.73
CA ALA C 315 8.17 1.43 15.89
C ALA C 315 9.11 2.22 16.80
N PHE C 316 10.41 1.96 16.68
CA PHE C 316 11.44 2.71 17.44
C PHE C 316 12.30 3.43 16.46
N THR C 317 12.84 4.62 16.84
CA THR C 317 13.84 5.30 16.03
C THR C 317 14.91 6.02 16.87
N PRO C 318 16.19 5.84 16.55
CA PRO C 318 17.20 6.61 17.23
C PRO C 318 16.97 8.10 17.14
N SER C 319 16.23 8.55 16.13
CA SER C 319 15.91 10.00 16.01
C SER C 319 14.74 10.43 16.91
N ALA C 320 14.15 9.53 17.69
CA ALA C 320 13.18 9.94 18.68
C ALA C 320 13.95 10.38 19.97
N LEU C 321 14.46 11.60 19.89
CA LEU C 321 15.28 12.16 20.90
C LEU C 321 14.43 13.12 21.74
N VAL C 322 14.86 13.39 22.97
CA VAL C 322 14.15 14.38 23.81
C VAL C 322 15.10 15.50 24.27
N PRO C 323 14.55 16.64 24.67
CA PRO C 323 15.42 17.73 25.02
C PRO C 323 16.44 17.28 26.06
N GLY C 324 17.70 17.62 25.82
CA GLY C 324 18.83 17.23 26.64
C GLY C 324 19.63 16.03 26.12
N ILE C 325 19.07 15.33 25.12
CA ILE C 325 19.67 14.15 24.53
C ILE C 325 19.66 14.29 23.02
N GLU C 326 20.85 14.33 22.42
CA GLU C 326 20.97 14.67 21.00
C GLU C 326 21.85 13.66 20.30
N ALA C 327 21.78 13.64 18.96
CA ALA C 327 22.65 12.75 18.17
C ALA C 327 24.10 13.22 18.29
N SER C 328 25.03 12.28 18.15
CA SER C 328 26.40 12.67 17.78
C SER C 328 26.59 12.65 16.27
N GLU C 329 27.78 13.08 15.88
CA GLU C 329 28.21 13.12 14.51
C GLU C 329 28.51 11.73 13.92
N ASP C 330 28.41 10.67 14.73
CA ASP C 330 28.59 9.29 14.29
C ASP C 330 27.82 9.04 12.99
N LYS C 331 28.53 8.70 11.91
CA LYS C 331 27.94 8.67 10.56
C LYS C 331 27.00 7.47 10.41
N LEU C 332 27.21 6.47 11.22
CA LEU C 332 26.31 5.33 11.26
C LEU C 332 25.00 5.78 11.84
N LEU C 333 25.06 6.39 13.03
CA LEU C 333 23.91 6.96 13.66
C LEU C 333 23.18 7.93 12.78
N GLN C 334 23.91 8.78 12.10
CA GLN C 334 23.25 9.78 11.25
C GLN C 334 22.27 9.15 10.25
N GLY C 335 22.70 8.10 9.57
CA GLY C 335 21.80 7.36 8.64
C GLY C 335 20.58 6.73 9.29
N ARG C 336 20.78 6.18 10.48
CA ARG C 336 19.67 5.61 11.26
C ARG C 336 18.58 6.63 11.55
N LEU C 337 18.95 7.90 11.75
CA LEU C 337 17.98 8.90 12.06
C LEU C 337 16.90 8.95 11.00
N PHE C 338 17.31 8.74 9.76
CA PHE C 338 16.45 8.75 8.62
C PHE C 338 15.74 7.40 8.41
N SER C 339 16.49 6.32 8.47
CA SER C 339 16.02 5.00 7.95
C SER C 339 14.87 4.45 8.76
N TYR C 340 14.82 4.70 10.09
CA TYR C 340 13.76 4.02 10.88
C TYR C 340 12.37 4.58 10.59
N PRO C 341 12.17 5.88 10.75
CA PRO C 341 10.83 6.38 10.38
C PRO C 341 10.50 6.21 8.93
N ASP C 342 11.53 6.18 8.07
CA ASP C 342 11.31 5.96 6.66
C ASP C 342 10.73 4.57 6.44
N THR C 343 11.42 3.56 6.96
CA THR C 343 10.94 2.15 6.81
C THR C 343 9.58 1.95 7.48
N GLN C 344 9.33 2.66 8.58
CA GLN C 344 8.11 2.51 9.36
C GLN C 344 6.87 3.07 8.65
N ARG C 345 7.05 4.17 7.96
CA ARG C 345 6.02 4.72 7.09
C ARG C 345 5.56 3.68 6.08
N HIS C 346 6.50 2.91 5.54
CA HIS C 346 6.16 1.83 4.58
C HIS C 346 5.63 0.60 5.28
N ARG C 347 6.30 0.16 6.33
CA ARG C 347 5.91 -1.08 7.02
C ARG C 347 4.51 -0.93 7.65
N LEU C 348 4.21 0.25 8.19
CA LEU C 348 3.08 0.42 9.14
C LEU C 348 2.04 1.46 8.70
N GLY C 349 2.43 2.37 7.80
CA GLY C 349 1.55 3.40 7.29
C GLY C 349 2.01 4.76 7.71
N ALA C 350 1.59 5.76 6.97
CA ALA C 350 1.98 7.15 7.19
C ALA C 350 1.59 7.57 8.59
N ASN C 351 0.50 7.00 9.12
CA ASN C 351 0.04 7.28 10.48
C ASN C 351 0.41 6.31 11.55
N TYR C 352 1.60 5.73 11.45
CA TYR C 352 2.02 4.69 12.36
C TYR C 352 2.15 5.22 13.77
N MET C 353 2.39 6.51 13.88
CA MET C 353 2.60 7.12 15.19
C MET C 353 1.32 7.18 16.04
N ARG C 354 0.16 6.87 15.43
CA ARG C 354 -1.09 6.80 16.08
C ARG C 354 -1.43 5.40 16.57
N ILE C 355 -0.62 4.42 16.18
CA ILE C 355 -0.82 3.09 16.69
C ILE C 355 -0.56 3.16 18.19
N PRO C 356 -1.46 2.63 19.03
CA PRO C 356 -1.37 2.88 20.51
C PRO C 356 0.01 2.69 21.13
N VAL C 357 0.70 1.61 20.86
CA VAL C 357 2.06 1.41 21.42
C VAL C 357 3.03 2.53 21.06
N ASN C 358 2.86 3.14 19.88
CA ASN C 358 3.79 4.15 19.42
C ASN C 358 3.43 5.53 19.90
N CYS C 359 2.23 5.67 20.46
CA CYS C 359 1.78 7.01 20.89
C CYS C 359 2.58 7.53 22.11
N PRO C 360 2.91 8.83 22.10
CA PRO C 360 3.46 9.49 23.31
C PRO C 360 2.45 9.63 24.41
N TYR C 361 2.91 9.68 25.66
CA TYR C 361 2.07 10.14 26.77
C TYR C 361 1.93 11.65 26.75
N ALA C 362 2.98 12.36 26.33
CA ALA C 362 2.96 13.83 26.16
C ALA C 362 2.00 14.24 25.04
N PRO C 363 1.40 15.43 25.15
CA PRO C 363 0.39 15.83 24.15
C PRO C 363 1.02 16.01 22.79
N VAL C 364 0.25 15.75 21.75
CA VAL C 364 0.68 15.92 20.36
C VAL C 364 -0.25 16.95 19.76
N HIS C 365 0.30 18.07 19.28
CA HIS C 365 -0.52 19.05 18.56
C HIS C 365 0.31 19.56 17.42
N ASN C 366 -0.14 19.39 16.18
CA ASN C 366 0.58 19.99 15.05
C ASN C 366 -0.29 20.09 13.84
N ASN C 367 0.28 20.50 12.71
CA ASN C 367 -0.54 20.87 11.57
C ASN C 367 -0.49 19.83 10.47
N GLN C 368 0.01 18.65 10.80
CA GLN C 368 0.02 17.54 9.86
C GLN C 368 -1.43 17.06 9.69
N GLN C 369 -1.74 16.39 8.59
CA GLN C 369 -3.08 15.88 8.40
C GLN C 369 -3.17 14.71 7.46
N ASP C 370 -4.32 14.05 7.50
CA ASP C 370 -4.71 13.05 6.49
C ASP C 370 -3.76 11.85 6.50
N GLY C 371 -3.58 11.19 5.37
CA GLY C 371 -2.85 9.96 5.31
C GLY C 371 -3.79 8.75 5.47
N PHE C 372 -3.37 7.62 4.92
N PHE C 372 -3.36 7.61 4.92
CA PHE C 372 -4.11 6.35 5.04
CA PHE C 372 -3.94 6.26 5.13
C PHE C 372 -4.49 6.09 6.50
C PHE C 372 -4.46 6.07 6.52
N MET C 373 -5.75 5.70 6.68
CA MET C 373 -6.26 5.29 7.98
C MET C 373 -6.18 6.39 9.01
N THR C 374 -6.85 7.50 8.69
CA THR C 374 -7.02 8.59 9.65
C THR C 374 -8.16 8.27 10.63
N THR C 375 -7.82 8.00 11.88
CA THR C 375 -8.79 7.45 12.85
C THR C 375 -8.98 8.38 14.03
N THR C 376 -8.31 9.52 14.02
CA THR C 376 -8.22 10.37 15.19
C THR C 376 -9.26 11.49 15.33
N ARG C 377 -10.34 11.49 14.55
CA ARG C 377 -11.33 12.57 14.61
C ARG C 377 -10.83 13.99 14.54
N PRO C 378 -10.09 14.33 13.50
CA PRO C 378 -9.60 15.71 13.40
C PRO C 378 -10.73 16.73 13.23
N SER C 379 -10.48 17.97 13.62
CA SER C 379 -11.45 19.05 13.49
C SER C 379 -10.68 20.33 13.35
N GLY C 380 -11.36 21.40 12.96
CA GLY C 380 -10.76 22.73 12.96
C GLY C 380 -10.36 23.14 11.54
N HIS C 381 -10.23 24.45 11.35
CA HIS C 381 -10.00 25.02 10.01
C HIS C 381 -8.53 25.35 9.77
N ILE C 382 -7.73 25.34 10.83
CA ILE C 382 -6.40 25.91 10.79
C ILE C 382 -5.36 24.82 10.84
N ASN C 383 -4.66 24.61 9.73
CA ASN C 383 -3.71 23.53 9.61
C ASN C 383 -2.39 24.04 9.04
N TYR C 384 -2.10 25.31 9.36
CA TYR C 384 -0.96 26.06 8.78
C TYR C 384 -0.48 27.01 9.88
N GLU C 385 0.83 27.30 9.86
CA GLU C 385 1.49 28.22 10.79
C GLU C 385 2.62 28.89 9.98
N PRO C 386 2.82 30.21 10.13
CA PRO C 386 2.15 31.14 11.05
C PRO C 386 0.69 31.40 10.71
N ASN C 387 -0.06 31.67 11.74
CA ASN C 387 -1.47 32.03 11.64
C ASN C 387 -1.80 33.09 12.66
N ARG C 388 -2.97 33.66 12.57
CA ARG C 388 -3.28 34.78 13.41
C ARG C 388 -3.86 34.39 14.75
N TYR C 389 -3.92 33.10 15.10
CA TYR C 389 -4.72 32.66 16.23
C TYR C 389 -3.82 32.24 17.38
N ASP C 390 -4.00 32.92 18.50
CA ASP C 390 -3.09 32.79 19.63
C ASP C 390 -3.18 31.46 20.34
N ASP C 391 -4.33 30.84 20.23
CA ASP C 391 -4.65 29.56 20.87
C ASP C 391 -4.19 28.36 20.03
N GLN C 392 -3.79 28.57 18.77
CA GLN C 392 -3.35 27.46 17.95
C GLN C 392 -1.92 27.15 18.39
N PRO C 393 -1.45 25.96 18.12
CA PRO C 393 -0.08 25.57 18.50
C PRO C 393 1.03 26.43 17.90
N LYS C 394 1.98 26.83 18.75
CA LYS C 394 3.10 27.67 18.37
C LYS C 394 4.36 26.98 18.69
N GLU C 395 5.42 27.31 17.96
CA GLU C 395 6.79 26.93 18.38
C GLU C 395 7.10 27.43 19.81
N ASN C 396 8.03 26.76 20.46
CA ASN C 396 8.41 27.09 21.81
C ASN C 396 9.92 27.11 21.95
N PRO C 397 10.51 28.32 21.96
CA PRO C 397 11.96 28.34 21.80
C PRO C 397 12.70 27.79 23.02
N HIS C 398 12.03 27.69 24.16
CA HIS C 398 12.59 26.96 25.29
C HIS C 398 13.07 25.55 24.89
N TYR C 399 12.51 25.00 23.82
CA TYR C 399 12.85 23.63 23.46
C TYR C 399 13.80 23.52 22.27
N LYS C 400 14.60 24.55 22.01
CA LYS C 400 15.60 24.43 20.93
C LYS C 400 16.69 23.45 21.28
N GLU C 401 17.22 22.80 20.27
CA GLU C 401 18.36 21.91 20.43
C GLU C 401 19.66 22.75 20.43
N SER C 402 20.75 22.12 20.85
CA SER C 402 22.07 22.70 20.78
C SER C 402 22.53 22.96 19.34
N GLU C 403 23.63 23.68 19.21
CA GLU C 403 24.19 24.07 17.94
C GLU C 403 25.62 23.56 17.83
N PRO C 404 25.79 22.26 17.57
CA PRO C 404 27.13 21.64 17.63
C PRO C 404 28.13 22.29 16.69
N VAL C 405 29.36 22.41 17.17
CA VAL C 405 30.42 23.04 16.39
C VAL C 405 30.85 22.08 15.26
N LEU C 406 31.08 22.64 14.09
CA LEU C 406 31.55 21.89 12.93
C LEU C 406 33.04 22.13 12.78
N HIS C 407 33.79 21.06 12.61
CA HIS C 407 35.20 21.19 12.40
C HIS C 407 35.57 21.15 10.90
N GLY C 408 34.73 20.58 10.05
CA GLY C 408 34.95 20.66 8.59
C GLY C 408 34.66 21.99 7.89
N ASP C 409 35.42 22.21 6.82
CA ASP C 409 35.47 23.35 5.90
C ASP C 409 34.47 23.22 4.69
N ARG C 410 34.13 21.96 4.39
CA ARG C 410 33.62 21.53 3.08
C ARG C 410 32.65 20.30 3.23
N MET C 411 31.70 20.18 2.30
CA MET C 411 30.92 18.95 2.13
C MET C 411 31.77 17.88 1.48
N VAL C 412 32.02 16.80 2.20
CA VAL C 412 32.96 15.80 1.76
C VAL C 412 32.40 14.39 1.91
N ARG C 413 32.88 13.51 1.05
CA ARG C 413 32.78 12.07 1.30
C ARG C 413 34.16 11.53 1.53
N GLN C 414 34.46 11.27 2.79
CA GLN C 414 35.79 10.95 3.20
C GLN C 414 35.73 10.22 4.56
N LYS C 415 36.41 9.08 4.66
CA LYS C 415 36.48 8.36 5.91
C LYS C 415 36.96 9.28 7.05
N ILE C 416 36.54 8.98 8.26
CA ILE C 416 37.13 9.59 9.46
C ILE C 416 38.65 9.37 9.57
N GLU C 417 39.29 10.35 10.17
CA GLU C 417 40.67 10.19 10.60
C GLU C 417 40.70 9.24 11.75
N LYS C 418 41.91 8.76 12.02
CA LYS C 418 42.16 7.72 13.00
C LYS C 418 41.19 6.53 12.99
N PRO C 419 41.05 5.89 11.84
CA PRO C 419 40.11 4.73 11.83
C PRO C 419 40.61 3.63 12.77
N ASN C 420 41.92 3.39 12.81
CA ASN C 420 42.47 2.47 13.81
C ASN C 420 41.72 1.13 13.92
N ASP C 421 41.69 0.38 12.82
CA ASP C 421 40.73 -0.70 12.66
C ASP C 421 41.02 -1.94 13.54
N PHE C 422 42.25 -2.06 14.08
CA PHE C 422 42.68 -3.33 14.64
C PHE C 422 43.01 -3.33 16.12
N LYS C 423 43.23 -2.16 16.68
CA LYS C 423 43.86 -2.06 18.00
C LYS C 423 42.92 -2.57 19.08
N GLN C 424 41.68 -2.10 19.07
CA GLN C 424 40.77 -2.46 20.12
C GLN C 424 40.40 -3.95 19.99
N ALA C 425 40.28 -4.44 18.77
CA ALA C 425 40.09 -5.85 18.56
C ALA C 425 41.18 -6.68 19.27
N GLY C 426 42.43 -6.27 19.11
CA GLY C 426 43.49 -6.88 19.89
C GLY C 426 43.29 -6.76 21.39
N GLU C 427 42.92 -5.57 21.87
CA GLU C 427 42.74 -5.41 23.29
C GLU C 427 41.68 -6.34 23.76
N LYS C 428 40.61 -6.48 22.99
CA LYS C 428 39.51 -7.32 23.43
C LYS C 428 39.91 -8.78 23.47
N TYR C 429 40.60 -9.23 22.44
CA TYR C 429 41.15 -10.58 22.42
C TYR C 429 41.97 -10.86 23.68
N ARG C 430 42.85 -9.93 24.03
CA ARG C 430 43.75 -10.17 25.16
C ARG C 430 43.02 -10.19 26.49
N SER C 431 41.87 -9.51 26.54
CA SER C 431 41.05 -9.45 27.75
C SER C 431 40.28 -10.76 28.00
N TYR C 432 40.13 -11.59 26.97
CA TYR C 432 39.46 -12.88 27.10
C TYR C 432 40.29 -13.85 27.98
N SER C 433 39.59 -14.61 28.83
CA SER C 433 40.17 -15.79 29.46
C SER C 433 40.63 -16.77 28.39
N GLU C 434 41.44 -17.74 28.77
CA GLU C 434 41.89 -18.76 27.83
C GLU C 434 40.72 -19.56 27.28
N GLU C 435 39.75 -19.88 28.14
CA GLU C 435 38.55 -20.59 27.74
C GLU C 435 37.85 -19.78 26.64
N GLU C 436 37.67 -18.48 26.89
CA GLU C 436 36.95 -17.62 25.98
C GLU C 436 37.69 -17.48 24.66
N LYS C 437 39.00 -17.34 24.75
CA LYS C 437 39.83 -17.33 23.56
C LYS C 437 39.63 -18.62 22.77
N GLN C 438 39.56 -19.75 23.45
CA GLN C 438 39.36 -21.03 22.73
C GLN C 438 38.00 -21.08 22.07
N ALA C 439 36.99 -20.59 22.76
CA ALA C 439 35.66 -20.59 22.19
C ALA C 439 35.63 -19.71 20.94
N LEU C 440 36.25 -18.55 21.05
CA LEU C 440 36.35 -17.61 19.94
C LEU C 440 36.93 -18.32 18.69
N ILE C 441 38.09 -18.91 18.88
CA ILE C 441 38.81 -19.51 17.78
C ILE C 441 37.97 -20.65 17.19
N LYS C 442 37.43 -21.49 18.06
CA LYS C 442 36.56 -22.59 17.66
C LYS C 442 35.37 -22.07 16.82
N ASN C 443 34.74 -20.99 17.31
CA ASN C 443 33.54 -20.45 16.62
C ASN C 443 33.92 -19.83 15.28
N LEU C 444 35.06 -19.14 15.25
CA LEU C 444 35.58 -18.57 13.99
C LEU C 444 35.94 -19.64 12.95
N THR C 445 36.57 -20.70 13.43
CA THR C 445 37.04 -21.77 12.60
C THR C 445 35.87 -22.49 11.93
N ALA C 446 34.85 -22.81 12.71
CA ALA C 446 33.62 -23.46 12.11
C ALA C 446 32.97 -22.59 11.05
N ASP C 447 33.05 -21.27 11.19
CA ASP C 447 32.48 -20.36 10.22
C ASP C 447 33.27 -20.17 8.97
N LEU C 448 34.62 -20.19 9.13
CA LEU C 448 35.50 -19.81 8.04
C LEU C 448 35.96 -21.03 7.22
N LYS C 449 35.83 -22.23 7.78
CA LYS C 449 36.55 -23.37 7.22
C LYS C 449 36.17 -23.65 5.74
N GLY C 450 34.94 -23.32 5.36
CA GLY C 450 34.47 -23.60 4.00
C GLY C 450 34.51 -22.40 3.09
N VAL C 451 35.03 -21.25 3.53
CA VAL C 451 34.91 -20.00 2.83
C VAL C 451 36.08 -20.01 1.84
N ASN C 452 35.90 -19.30 0.73
CA ASN C 452 36.93 -19.14 -0.29
C ASN C 452 38.32 -18.88 0.30
N GLU C 453 39.37 -19.52 -0.25
CA GLU C 453 40.69 -19.47 0.37
C GLU C 453 41.21 -18.06 0.51
N LYS C 454 41.04 -17.25 -0.53
CA LYS C 454 41.60 -15.87 -0.51
C LYS C 454 40.95 -15.00 0.58
N THR C 455 39.64 -15.11 0.67
CA THR C 455 38.85 -14.49 1.71
C THR C 455 39.25 -15.01 3.06
N LYS C 456 39.44 -16.32 3.16
CA LYS C 456 39.92 -16.95 4.40
C LYS C 456 41.24 -16.38 4.89
N LEU C 457 42.14 -16.17 3.97
CA LEU C 457 43.47 -15.68 4.31
C LEU C 457 43.41 -14.22 4.78
N LEU C 458 42.59 -13.43 4.12
CA LEU C 458 42.38 -12.05 4.48
C LEU C 458 41.75 -11.88 5.86
N ALA C 459 40.82 -12.75 6.22
CA ALA C 459 40.26 -12.77 7.55
C ALA C 459 41.37 -13.03 8.57
N ILE C 460 42.16 -14.07 8.31
CA ILE C 460 43.31 -14.40 9.22
C ILE C 460 44.24 -13.17 9.40
N CYS C 461 44.59 -12.57 8.28
CA CYS C 461 45.45 -11.38 8.27
CA CYS C 461 45.43 -11.35 8.29
C CYS C 461 44.83 -10.24 9.12
N ASN C 462 43.51 -10.04 9.03
CA ASN C 462 42.90 -8.97 9.78
C ASN C 462 42.96 -9.26 11.28
N PHE C 463 42.69 -10.47 11.68
CA PHE C 463 42.75 -10.80 13.09
C PHE C 463 44.25 -10.85 13.57
N TYR C 464 45.16 -11.21 12.68
CA TYR C 464 46.63 -11.13 12.97
C TYR C 464 47.10 -9.71 13.27
N ARG C 465 46.64 -8.76 12.46
CA ARG C 465 46.85 -7.34 12.77
C ARG C 465 46.24 -6.89 14.08
N ALA C 466 45.12 -7.46 14.47
CA ALA C 466 44.58 -7.18 15.78
C ALA C 466 45.55 -7.70 16.88
N ASP C 467 45.89 -8.96 16.77
CA ASP C 467 46.84 -9.55 17.71
C ASP C 467 47.49 -10.78 17.08
N GLU C 468 48.81 -10.87 17.18
CA GLU C 468 49.53 -11.89 16.42
C GLU C 468 49.20 -13.31 16.89
N ASP C 469 49.00 -13.49 18.19
CA ASP C 469 48.56 -14.75 18.78
C ASP C 469 47.14 -15.12 18.28
N TYR C 470 46.24 -14.15 18.35
CA TYR C 470 44.87 -14.28 17.78
C TYR C 470 44.94 -14.84 16.36
N GLY C 471 45.66 -14.15 15.50
CA GLY C 471 45.81 -14.51 14.11
C GLY C 471 46.47 -15.83 13.88
N GLN C 472 47.56 -16.07 14.59
CA GLN C 472 48.26 -17.34 14.43
C GLN C 472 47.37 -18.53 14.88
N ARG C 473 46.73 -18.42 16.04
CA ARG C 473 45.87 -19.49 16.57
C ARG C 473 44.78 -19.84 15.56
N LEU C 474 44.23 -18.80 14.95
CA LEU C 474 43.14 -18.99 13.98
C LEU C 474 43.71 -19.75 12.78
N ALA C 475 44.89 -19.33 12.32
CA ALA C 475 45.51 -19.92 11.15
C ALA C 475 45.81 -21.39 11.44
N ASP C 476 46.36 -21.69 12.62
CA ASP C 476 46.65 -23.09 13.03
C ASP C 476 45.38 -23.95 13.01
N SER C 477 44.33 -23.42 13.59
CA SER C 477 43.05 -24.11 13.67
C SER C 477 42.42 -24.30 12.28
N LEU C 478 42.58 -23.31 11.40
CA LEU C 478 42.16 -23.51 10.00
C LEU C 478 43.16 -24.31 9.13
N GLY C 479 44.35 -24.62 9.66
CA GLY C 479 45.33 -25.37 8.91
C GLY C 479 45.95 -24.54 7.84
N VAL C 480 45.99 -23.23 8.03
CA VAL C 480 46.57 -22.34 7.06
C VAL C 480 47.98 -21.98 7.57
N ASP C 481 49.01 -22.23 6.77
CA ASP C 481 50.39 -21.85 7.12
C ASP C 481 50.56 -20.41 6.65
N ILE C 482 50.87 -19.52 7.57
CA ILE C 482 51.05 -18.11 7.23
C ILE C 482 52.48 -17.64 7.41
N ARG C 483 53.40 -18.59 7.60
CA ARG C 483 54.82 -18.23 7.73
C ARG C 483 55.34 -17.36 6.61
N SER C 484 55.00 -17.69 5.36
CA SER C 484 55.54 -16.91 4.23
C SER C 484 55.22 -15.37 4.28
N TYR C 485 54.17 -14.99 5.02
CA TYR C 485 53.85 -13.57 5.33
C TYR C 485 54.08 -13.17 6.78
N HIS D 6 -7.40 -9.49 -35.66
CA HIS D 6 -8.47 -10.08 -34.77
C HIS D 6 -7.87 -10.81 -33.56
N LYS D 7 -8.37 -10.51 -32.35
CA LYS D 7 -7.80 -11.03 -31.10
C LYS D 7 -8.90 -11.52 -30.16
N ASN D 8 -8.61 -12.54 -29.33
CA ASN D 8 -9.49 -12.88 -28.24
C ASN D 8 -9.34 -11.93 -27.11
N LEU D 9 -10.47 -11.56 -26.56
CA LEU D 9 -10.54 -11.13 -25.16
C LEU D 9 -10.14 -12.29 -24.22
N THR D 10 -9.20 -12.04 -23.29
CA THR D 10 -8.76 -13.04 -22.34
C THR D 10 -8.86 -12.58 -20.90
N THR D 11 -8.81 -13.52 -19.96
CA THR D 11 -8.44 -13.17 -18.57
C THR D 11 -6.94 -12.87 -18.50
N ASN D 12 -6.49 -12.45 -17.32
CA ASN D 12 -5.06 -12.16 -17.14
C ASN D 12 -4.25 -13.45 -17.04
N GLN D 13 -4.95 -14.58 -16.85
CA GLN D 13 -4.35 -15.89 -16.95
C GLN D 13 -4.15 -16.31 -18.40
N GLY D 14 -4.64 -15.52 -19.36
CA GLY D 14 -4.49 -15.83 -20.80
C GLY D 14 -5.51 -16.84 -21.32
N VAL D 15 -6.54 -17.10 -20.55
CA VAL D 15 -7.69 -17.93 -20.99
C VAL D 15 -8.72 -17.07 -21.80
N PRO D 16 -9.09 -17.51 -23.03
CA PRO D 16 -10.08 -16.69 -23.78
C PRO D 16 -11.40 -16.66 -23.09
N VAL D 17 -12.09 -15.52 -23.19
CA VAL D 17 -13.31 -15.23 -22.47
C VAL D 17 -14.50 -15.57 -23.37
N GLY D 18 -15.29 -16.52 -22.93
CA GLY D 18 -16.40 -17.03 -23.72
C GLY D 18 -17.55 -16.08 -23.76
N ASP D 19 -17.73 -15.28 -22.70
CA ASP D 19 -18.86 -14.38 -22.59
C ASP D 19 -18.45 -13.18 -21.76
N ASN D 20 -18.29 -12.03 -22.43
CA ASN D 20 -17.95 -10.79 -21.74
C ASN D 20 -19.18 -9.92 -21.47
N GLN D 21 -20.38 -10.52 -21.56
CA GLN D 21 -21.65 -9.79 -21.37
C GLN D 21 -22.40 -10.21 -20.13
N ASN D 22 -22.49 -11.52 -19.88
CA ASN D 22 -23.28 -12.01 -18.75
C ASN D 22 -22.43 -12.55 -17.61
N SER D 23 -22.82 -12.17 -16.39
CA SER D 23 -22.40 -12.85 -15.15
C SER D 23 -22.91 -14.26 -15.15
N ARG D 24 -22.31 -15.07 -14.31
CA ARG D 24 -22.75 -16.47 -14.12
C ARG D 24 -23.76 -16.60 -12.96
N THR D 25 -24.94 -17.15 -13.27
CA THR D 25 -26.14 -17.00 -12.40
C THR D 25 -26.90 -18.31 -12.29
N ALA D 26 -27.77 -18.37 -11.30
CA ALA D 26 -28.68 -19.47 -11.13
C ALA D 26 -29.87 -19.28 -12.09
N GLY D 27 -29.74 -19.84 -13.28
CA GLY D 27 -30.63 -19.56 -14.37
C GLY D 27 -30.47 -18.15 -14.91
N HIS D 28 -31.27 -17.83 -15.92
CA HIS D 28 -31.11 -16.59 -16.63
C HIS D 28 -31.53 -15.36 -15.76
N ARG D 29 -32.23 -15.58 -14.66
CA ARG D 29 -32.64 -14.47 -13.86
C ARG D 29 -32.32 -14.56 -12.39
N GLY D 30 -31.39 -15.42 -12.00
CA GLY D 30 -31.22 -15.73 -10.57
C GLY D 30 -29.99 -14.95 -10.07
N PRO D 31 -29.70 -15.08 -8.78
CA PRO D 31 -28.51 -14.47 -8.23
C PRO D 31 -27.19 -15.06 -8.78
N SER D 32 -26.09 -14.36 -8.49
CA SER D 32 -24.80 -14.60 -9.13
C SER D 32 -23.92 -15.54 -8.31
N PHE D 33 -23.10 -16.31 -9.03
CA PHE D 33 -22.28 -17.29 -8.44
C PHE D 33 -20.91 -16.74 -8.15
N LEU D 34 -20.32 -17.23 -7.06
CA LEU D 34 -18.97 -16.87 -6.72
C LEU D 34 -17.95 -17.39 -7.76
N ASP D 35 -18.20 -18.58 -8.30
CA ASP D 35 -17.35 -19.15 -9.30
C ASP D 35 -17.57 -18.44 -10.67
N ASP D 36 -17.09 -17.22 -10.77
CA ASP D 36 -17.06 -16.47 -12.00
C ASP D 36 -15.75 -15.67 -12.01
N TYR D 37 -14.68 -16.36 -12.42
CA TYR D 37 -13.34 -15.80 -12.26
C TYR D 37 -13.22 -14.56 -13.12
N HIS D 38 -13.78 -14.58 -14.31
CA HIS D 38 -13.72 -13.40 -15.22
C HIS D 38 -14.37 -12.19 -14.61
N LEU D 39 -15.53 -12.35 -13.99
CA LEU D 39 -16.24 -11.24 -13.37
C LEU D 39 -15.40 -10.67 -12.21
N ILE D 40 -14.99 -11.57 -11.30
CA ILE D 40 -14.27 -11.14 -10.11
C ILE D 40 -12.92 -10.54 -10.47
N GLU D 41 -12.17 -11.16 -11.38
CA GLU D 41 -10.92 -10.58 -11.83
C GLU D 41 -11.09 -9.18 -12.47
N LYS D 42 -12.11 -9.02 -13.31
CA LYS D 42 -12.35 -7.82 -14.05
C LYS D 42 -12.85 -6.68 -13.16
N LEU D 43 -13.79 -6.99 -12.24
CA LEU D 43 -14.19 -6.03 -11.24
C LEU D 43 -13.02 -5.67 -10.29
N ALA D 44 -12.28 -6.69 -9.86
CA ALA D 44 -11.24 -6.47 -8.84
C ALA D 44 -10.16 -5.56 -9.40
N HIS D 45 -9.83 -5.71 -10.67
CA HIS D 45 -8.85 -4.80 -11.25
C HIS D 45 -9.37 -3.40 -11.46
N PHE D 46 -10.59 -3.28 -11.98
CA PHE D 46 -11.30 -2.04 -12.02
C PHE D 46 -11.30 -1.31 -10.67
N ASP D 47 -11.58 -2.03 -9.62
CA ASP D 47 -11.64 -1.52 -8.25
C ASP D 47 -10.30 -1.00 -7.73
N ARG D 48 -9.22 -1.41 -8.37
CA ARG D 48 -7.83 -0.99 -7.99
C ARG D 48 -7.13 -0.08 -9.02
N GLU D 49 -7.88 0.50 -9.96
CA GLU D 49 -7.26 1.35 -10.99
C GLU D 49 -6.53 2.55 -10.45
N ARG D 50 -7.10 3.17 -9.43
CA ARG D 50 -6.66 4.50 -9.02
C ARG D 50 -5.48 4.43 -8.05
N ILE D 51 -4.55 5.40 -8.18
CA ILE D 51 -3.47 5.59 -7.26
C ILE D 51 -3.61 7.02 -6.68
N PRO D 52 -2.96 7.33 -5.55
CA PRO D 52 -3.01 8.71 -5.05
C PRO D 52 -2.55 9.71 -6.09
N GLU D 53 -3.19 10.89 -6.12
CA GLU D 53 -2.80 11.93 -7.01
C GLU D 53 -1.61 12.59 -6.35
N ARG D 54 -0.87 13.38 -7.14
CA ARG D 54 0.24 14.21 -6.59
C ARG D 54 -0.29 15.19 -5.50
N VAL D 55 0.44 15.32 -4.40
CA VAL D 55 -0.03 16.10 -3.25
C VAL D 55 -0.17 17.58 -3.60
N VAL D 56 0.68 18.05 -4.53
CA VAL D 56 0.49 19.24 -5.33
C VAL D 56 0.82 18.99 -6.81
N HIS D 57 0.35 19.90 -7.65
CA HIS D 57 0.40 19.75 -9.14
C HIS D 57 -0.30 18.50 -9.64
N ALA D 58 -1.42 18.16 -9.00
CA ALA D 58 -2.19 16.98 -9.37
C ALA D 58 -2.79 17.04 -10.76
N ARG D 59 -3.18 18.23 -11.16
CA ARG D 59 -3.71 18.44 -12.53
C ARG D 59 -2.58 18.80 -13.49
N GLY D 60 -2.47 18.05 -14.57
CA GLY D 60 -1.41 18.31 -15.52
C GLY D 60 -1.47 17.51 -16.80
N ALA D 61 -0.51 17.80 -17.69
CA ALA D 61 -0.44 17.17 -19.01
C ALA D 61 1.00 17.03 -19.49
N GLY D 62 1.27 15.95 -20.20
CA GLY D 62 2.59 15.61 -20.59
C GLY D 62 2.82 15.43 -22.10
N ALA D 63 4.10 15.53 -22.48
CA ALA D 63 4.52 15.31 -23.90
C ALA D 63 6.00 15.07 -23.99
N TYR D 64 6.42 14.34 -25.02
CA TYR D 64 7.80 14.05 -25.26
C TYR D 64 8.32 14.98 -26.29
N GLY D 65 9.63 15.14 -26.31
CA GLY D 65 10.28 15.86 -27.39
C GLY D 65 11.77 15.72 -27.40
N VAL D 66 12.44 16.74 -27.96
CA VAL D 66 13.87 16.72 -28.09
C VAL D 66 14.42 18.07 -27.61
N PHE D 67 15.55 18.03 -26.91
CA PHE D 67 16.38 19.22 -26.62
C PHE D 67 17.65 19.19 -27.45
N GLU D 68 17.95 20.29 -28.12
CA GLU D 68 19.15 20.35 -28.98
C GLU D 68 20.03 21.53 -28.59
N VAL D 69 21.31 21.23 -28.35
CA VAL D 69 22.28 22.26 -27.94
C VAL D 69 22.59 23.16 -29.15
N GLU D 70 22.47 24.46 -28.98
CA GLU D 70 23.04 25.47 -29.89
C GLU D 70 24.46 25.89 -29.50
N ASN D 71 24.67 26.23 -28.23
CA ASN D 71 25.99 26.63 -27.71
C ASN D 71 26.48 25.68 -26.61
N SER D 72 27.61 25.02 -26.85
CA SER D 72 28.07 24.06 -25.90
CA SER D 72 28.21 24.07 -25.91
C SER D 72 28.47 24.82 -24.61
N MET D 73 28.24 24.20 -23.44
CA MET D 73 28.45 24.89 -22.19
C MET D 73 29.64 24.32 -21.42
N GLU D 74 30.49 23.54 -22.07
CA GLU D 74 31.61 22.83 -21.38
C GLU D 74 32.58 23.74 -20.60
N LYS D 75 32.69 25.00 -20.99
CA LYS D 75 33.51 25.96 -20.25
C LYS D 75 32.96 26.17 -18.82
N HIS D 76 31.65 25.97 -18.62
CA HIS D 76 31.02 26.20 -17.32
C HIS D 76 30.48 24.95 -16.58
N THR D 77 30.17 23.89 -17.35
CA THR D 77 29.65 22.64 -16.79
C THR D 77 30.10 21.45 -17.61
N ARG D 78 30.47 20.39 -16.90
CA ARG D 78 30.85 19.13 -17.55
C ARG D 78 29.61 18.29 -17.95
N ALA D 79 28.41 18.86 -17.87
CA ALA D 79 27.22 18.10 -18.12
C ALA D 79 27.28 17.54 -19.52
N ALA D 80 27.13 16.21 -19.62
CA ALA D 80 27.33 15.54 -20.93
C ALA D 80 26.34 16.03 -21.99
N PHE D 81 25.07 16.12 -21.60
CA PHE D 81 24.07 16.56 -22.57
C PHE D 81 24.29 17.98 -23.14
N LEU D 82 25.13 18.78 -22.50
CA LEU D 82 25.38 20.16 -22.95
C LEU D 82 26.77 20.33 -23.62
N SER D 83 27.45 19.23 -23.93
CA SER D 83 28.86 19.27 -24.23
C SER D 83 29.18 19.69 -25.66
N GLU D 84 28.23 19.57 -26.58
CA GLU D 84 28.53 19.80 -28.01
C GLU D 84 27.39 20.48 -28.70
N GLU D 85 27.71 21.46 -29.54
CA GLU D 85 26.75 22.01 -30.52
C GLU D 85 26.04 20.91 -31.28
N GLY D 86 24.72 21.02 -31.40
CA GLY D 86 23.95 20.04 -32.14
C GLY D 86 23.52 18.78 -31.38
N LYS D 87 24.07 18.59 -30.18
CA LYS D 87 23.76 17.39 -29.42
C LYS D 87 22.28 17.38 -28.99
N GLN D 88 21.60 16.28 -29.30
CA GLN D 88 20.18 16.15 -29.04
C GLN D 88 19.95 15.16 -27.90
N THR D 89 19.02 15.51 -27.02
CA THR D 89 18.64 14.64 -25.90
C THR D 89 17.14 14.55 -25.86
N ASP D 90 16.61 13.34 -25.76
CA ASP D 90 15.14 13.16 -25.58
C ASP D 90 14.70 13.77 -24.25
N VAL D 91 13.48 14.31 -24.24
CA VAL D 91 12.90 14.82 -23.01
C VAL D 91 11.51 14.22 -22.82
N PHE D 92 11.09 14.11 -21.58
CA PHE D 92 9.65 14.14 -21.23
C PHE D 92 9.30 15.34 -20.37
N VAL D 93 8.17 15.99 -20.64
CA VAL D 93 7.80 17.21 -19.96
C VAL D 93 6.39 17.09 -19.44
N ARG D 94 6.17 17.42 -18.16
CA ARG D 94 4.87 17.64 -17.68
C ARG D 94 4.65 19.07 -17.25
N PHE D 95 3.50 19.59 -17.65
CA PHE D 95 2.97 20.88 -17.20
C PHE D 95 1.78 20.68 -16.31
N SER D 96 1.48 21.67 -15.48
CA SER D 96 0.49 21.48 -14.43
C SER D 96 0.06 22.78 -13.83
N THR D 97 -1.09 22.77 -13.15
CA THR D 97 -1.41 23.74 -12.10
C THR D 97 -0.83 23.24 -10.77
N VAL D 98 -1.29 23.79 -9.63
CA VAL D 98 -0.66 23.46 -8.36
C VAL D 98 -1.61 22.93 -7.30
N ILE D 99 -2.65 23.72 -6.98
CA ILE D 99 -3.33 23.56 -5.69
C ILE D 99 -4.47 22.53 -5.79
N HIS D 100 -5.32 22.63 -6.79
CA HIS D 100 -6.57 21.86 -6.75
C HIS D 100 -6.33 20.44 -7.30
N PRO D 101 -7.29 19.53 -7.04
CA PRO D 101 -7.00 18.12 -7.41
C PRO D 101 -6.99 17.86 -8.94
N LYS D 102 -6.79 16.59 -9.28
N LYS D 102 -6.70 16.63 -9.33
CA LYS D 102 -6.75 16.08 -10.65
CA LYS D 102 -7.11 16.11 -10.63
C LYS D 102 -7.69 16.60 -11.71
C LYS D 102 -8.56 16.46 -10.92
N GLY D 103 -8.97 16.71 -11.39
N GLY D 103 -8.85 16.61 -12.20
CA GLY D 103 -10.02 17.06 -12.38
CA GLY D 103 -10.14 17.10 -12.63
C GLY D 103 -10.34 18.54 -12.45
C GLY D 103 -10.40 18.59 -12.46
N SER D 104 -9.50 19.36 -11.79
CA SER D 104 -9.81 20.73 -11.49
C SER D 104 -9.54 21.62 -12.73
N PRO D 105 -10.19 22.80 -12.79
CA PRO D 105 -10.08 23.55 -14.06
C PRO D 105 -8.67 24.09 -14.32
N GLU D 106 -8.25 24.20 -15.58
CA GLU D 106 -6.98 24.83 -15.93
C GLU D 106 -7.04 26.39 -16.12
N THR D 107 -8.14 26.98 -15.66
CA THR D 107 -8.43 28.39 -15.77
C THR D 107 -8.21 29.15 -14.42
N LEU D 108 -7.75 28.43 -13.39
CA LEU D 108 -7.63 29.01 -12.08
C LEU D 108 -6.30 29.74 -11.99
N ARG D 109 -6.22 30.69 -11.07
CA ARG D 109 -4.96 31.32 -10.73
C ARG D 109 -4.04 30.34 -10.02
N ASP D 110 -2.78 30.30 -10.41
CA ASP D 110 -1.78 29.38 -9.82
C ASP D 110 -0.50 29.62 -10.62
N PRO D 111 0.67 29.40 -10.02
CA PRO D 111 1.83 29.04 -10.83
C PRO D 111 1.55 27.84 -11.66
N ARG D 112 2.28 27.70 -12.75
CA ARG D 112 2.18 26.48 -13.53
C ARG D 112 3.47 25.74 -13.43
N GLY D 113 3.38 24.43 -13.26
CA GLY D 113 4.52 23.57 -13.28
C GLY D 113 5.10 23.35 -14.65
N PHE D 114 6.39 23.14 -14.72
CA PHE D 114 7.12 23.12 -15.99
C PHE D 114 8.29 22.18 -15.70
N ALA D 115 8.03 20.89 -15.76
CA ALA D 115 8.95 19.85 -15.31
C ALA D 115 9.54 19.13 -16.51
N VAL D 116 10.86 19.14 -16.63
CA VAL D 116 11.51 18.57 -17.77
C VAL D 116 12.45 17.47 -17.37
N LYS D 117 12.25 16.30 -17.95
CA LYS D 117 13.14 15.18 -17.72
C LYS D 117 13.99 14.96 -18.96
N PHE D 118 15.31 15.07 -18.80
CA PHE D 118 16.27 14.89 -19.89
C PHE D 118 16.95 13.51 -19.77
N TYR D 119 16.81 12.70 -20.81
CA TYR D 119 17.32 11.35 -20.77
C TYR D 119 18.78 11.31 -21.25
N THR D 120 19.73 11.66 -20.38
CA THR D 120 21.09 11.91 -20.82
C THR D 120 21.95 10.67 -20.75
N GLU D 121 23.09 10.72 -21.41
CA GLU D 121 23.95 9.56 -21.45
C GLU D 121 24.62 9.30 -20.12
N GLU D 122 24.57 10.26 -19.19
CA GLU D 122 25.14 10.10 -17.85
C GLU D 122 24.05 10.08 -16.77
N GLY D 123 22.81 9.78 -17.17
CA GLY D 123 21.67 9.61 -16.25
C GLY D 123 20.57 10.61 -16.59
N ASN D 124 19.42 10.42 -15.94
CA ASN D 124 18.30 11.30 -16.14
C ASN D 124 18.49 12.58 -15.33
N TYR D 125 18.28 13.72 -15.97
CA TYR D 125 18.39 15.02 -15.33
C TYR D 125 17.00 15.57 -15.31
N ASP D 126 16.46 15.87 -14.11
CA ASP D 126 15.17 16.50 -14.01
C ASP D 126 15.39 17.96 -13.68
N LEU D 127 14.83 18.82 -14.48
CA LEU D 127 14.72 20.21 -14.10
C LEU D 127 13.27 20.53 -13.80
N VAL D 128 12.96 20.63 -12.53
CA VAL D 128 11.60 20.70 -12.05
C VAL D 128 11.27 22.14 -11.79
N GLY D 129 10.81 22.83 -12.82
CA GLY D 129 10.55 24.25 -12.79
C GLY D 129 9.08 24.63 -12.69
N ASN D 130 8.86 25.94 -12.59
CA ASN D 130 7.52 26.55 -12.70
C ASN D 130 7.61 27.64 -13.74
N ASN D 131 6.49 28.22 -14.17
CA ASN D 131 6.54 29.32 -15.11
C ASN D 131 7.17 30.56 -14.48
N LEU D 132 6.70 30.91 -13.28
CA LEU D 132 7.20 32.08 -12.54
C LEU D 132 8.56 31.82 -11.92
N PRO D 133 9.44 32.85 -11.91
CA PRO D 133 10.86 32.59 -11.65
C PRO D 133 11.29 32.58 -10.16
N ILE D 134 10.35 32.83 -9.25
CA ILE D 134 10.61 32.96 -7.82
CA ILE D 134 10.64 32.91 -7.82
C ILE D 134 9.56 32.18 -7.05
N PHE D 135 9.67 32.16 -5.75
CA PHE D 135 8.71 31.41 -4.96
C PHE D 135 8.29 32.24 -3.79
N PHE D 136 7.28 31.76 -3.08
CA PHE D 136 6.65 32.45 -1.96
C PHE D 136 7.52 32.44 -0.70
N ILE D 137 8.33 31.38 -0.55
CA ILE D 137 8.97 31.07 0.71
C ILE D 137 10.37 30.70 0.32
N ARG D 138 11.27 30.61 1.31
CA ARG D 138 12.72 30.34 1.04
C ARG D 138 13.28 29.20 1.93
N ASP D 139 12.41 28.51 2.69
CA ASP D 139 12.79 27.36 3.50
C ASP D 139 11.70 26.25 3.43
N ALA D 140 12.13 25.04 3.11
CA ALA D 140 11.22 23.95 2.89
C ALA D 140 10.38 23.61 4.10
N LEU D 141 10.84 23.97 5.31
CA LEU D 141 10.10 23.67 6.51
C LEU D 141 8.70 24.30 6.45
N LYS D 142 8.55 25.38 5.67
CA LYS D 142 7.29 26.09 5.62
C LYS D 142 6.37 25.54 4.53
N PHE D 143 6.83 24.63 3.72
CA PHE D 143 6.03 24.24 2.55
C PHE D 143 4.69 23.63 2.90
N PRO D 144 4.67 22.67 3.83
CA PRO D 144 3.34 22.14 4.16
C PRO D 144 2.35 23.19 4.74
N ASP D 145 2.87 24.15 5.48
CA ASP D 145 2.07 25.27 5.97
C ASP D 145 1.47 26.08 4.82
N MET D 146 2.33 26.43 3.86
CA MET D 146 1.90 27.24 2.75
C MET D 146 0.82 26.52 1.98
N VAL D 147 1.09 25.26 1.67
CA VAL D 147 0.20 24.47 0.89
C VAL D 147 -1.13 24.30 1.60
N HIS D 148 -1.10 23.99 2.90
CA HIS D 148 -2.31 23.83 3.68
C HIS D 148 -3.17 25.09 3.69
N SER D 149 -2.51 26.25 3.72
CA SER D 149 -3.22 27.52 3.70
C SER D 149 -3.91 27.77 2.37
N LEU D 150 -3.27 27.37 1.28
CA LEU D 150 -3.81 27.56 -0.09
C LEU D 150 -4.85 26.55 -0.48
N LYS D 151 -4.64 25.33 0.00
CA LYS D 151 -5.53 24.23 -0.34
C LYS D 151 -6.94 24.51 0.17
N PRO D 152 -7.94 23.90 -0.45
CA PRO D 152 -9.29 23.96 0.11
C PRO D 152 -9.28 23.73 1.63
N ASP D 153 -10.06 24.53 2.31
CA ASP D 153 -10.27 24.46 3.74
C ASP D 153 -10.57 23.01 4.15
N PRO D 154 -9.98 22.52 5.24
CA PRO D 154 -10.11 21.12 5.55
C PRO D 154 -11.45 20.73 6.10
N VAL D 155 -12.29 21.71 6.42
CA VAL D 155 -13.72 21.47 6.75
C VAL D 155 -14.62 21.55 5.53
N THR D 156 -14.47 22.59 4.72
CA THR D 156 -15.46 22.91 3.67
C THR D 156 -15.13 22.39 2.27
N ASN D 157 -13.87 22.02 2.05
CA ASN D 157 -13.38 21.66 0.74
C ASN D 157 -13.51 22.73 -0.29
N ILE D 158 -13.39 23.95 0.14
CA ILE D 158 -13.34 25.08 -0.75
C ILE D 158 -12.16 25.98 -0.33
N GLN D 159 -11.45 26.48 -1.33
CA GLN D 159 -10.30 27.31 -1.08
C GLN D 159 -10.80 28.61 -0.49
N ASP D 160 -10.06 29.18 0.46
CA ASP D 160 -10.49 30.37 1.20
C ASP D 160 -9.38 31.42 1.25
N PRO D 161 -9.56 32.59 0.62
CA PRO D 161 -8.53 33.64 0.62
C PRO D 161 -8.12 34.09 2.02
N ASP D 162 -9.05 34.07 2.94
CA ASP D 162 -8.75 34.43 4.29
C ASP D 162 -7.67 33.54 4.91
N ARG D 163 -7.66 32.26 4.53
CA ARG D 163 -6.65 31.32 4.99
C ARG D 163 -5.27 31.59 4.39
N TYR D 164 -5.17 31.62 3.07
CA TYR D 164 -3.86 31.77 2.52
C TYR D 164 -3.32 33.18 2.69
N TRP D 165 -4.19 34.18 2.70
CA TRP D 165 -3.75 35.53 3.02
C TRP D 165 -3.27 35.72 4.46
N ASP D 166 -3.86 35.03 5.43
CA ASP D 166 -3.33 34.99 6.79
C ASP D 166 -1.87 34.47 6.76
N PHE D 167 -1.62 33.34 6.09
CA PHE D 167 -0.27 32.80 6.01
C PHE D 167 0.67 33.71 5.25
N MET D 168 0.26 34.18 4.07
CA MET D 168 1.14 35.00 3.23
C MET D 168 1.51 36.32 3.90
N THR D 169 0.53 36.98 4.53
CA THR D 169 0.80 38.28 5.21
C THR D 169 1.79 38.12 6.35
N LEU D 170 1.72 36.99 7.08
CA LEU D 170 2.63 36.70 8.15
C LEU D 170 3.98 36.11 7.65
N THR D 171 4.16 36.06 6.34
CA THR D 171 5.30 35.46 5.69
C THR D 171 5.71 36.43 4.60
N PRO D 172 6.23 37.58 5.01
CA PRO D 172 6.38 38.69 4.06
C PRO D 172 7.40 38.45 2.98
N GLU D 173 8.30 37.48 3.14
CA GLU D 173 9.14 37.05 2.03
C GLU D 173 8.33 36.69 0.79
N SER D 174 7.03 36.47 0.96
CA SER D 174 6.10 36.15 -0.15
C SER D 174 5.73 37.28 -1.05
N THR D 175 6.18 38.50 -0.74
CA THR D 175 5.64 39.72 -1.30
C THR D 175 6.02 39.82 -2.79
N HIS D 176 7.25 39.49 -3.12
CA HIS D 176 7.69 39.42 -4.54
C HIS D 176 6.90 38.43 -5.38
N MET D 177 6.76 37.21 -4.87
CA MET D 177 5.95 36.20 -5.58
C MET D 177 4.54 36.65 -5.85
N LEU D 178 3.86 37.17 -4.85
CA LEU D 178 2.50 37.62 -5.04
C LEU D 178 2.39 38.72 -6.10
N THR D 179 3.41 39.57 -6.18
CA THR D 179 3.43 40.65 -7.12
C THR D 179 3.52 40.15 -8.56
N TRP D 180 4.05 38.94 -8.76
CA TRP D 180 3.98 38.26 -10.06
C TRP D 180 2.65 37.51 -10.24
N LEU D 181 2.23 36.76 -9.21
CA LEU D 181 1.12 35.81 -9.34
C LEU D 181 -0.22 36.54 -9.50
N PHE D 182 -0.30 37.79 -9.01
CA PHE D 182 -1.51 38.57 -9.17
C PHE D 182 -1.50 39.57 -10.34
N SER D 183 -0.45 39.52 -11.14
CA SER D 183 -0.55 39.98 -12.50
C SER D 183 -1.38 38.96 -13.27
N ASP D 184 -1.66 39.23 -14.54
CA ASP D 184 -2.43 38.26 -15.29
C ASP D 184 -1.60 37.04 -15.66
N GLU D 185 -0.29 37.07 -15.42
CA GLU D 185 0.50 35.87 -15.65
C GLU D 185 0.19 34.80 -14.59
N GLY D 186 -0.57 35.16 -13.57
CA GLY D 186 -1.19 34.17 -12.68
C GLY D 186 -2.11 33.18 -13.36
N ILE D 187 -2.60 33.51 -14.57
CA ILE D 187 -3.43 32.59 -15.36
C ILE D 187 -2.89 32.58 -16.79
N PRO D 188 -1.86 31.76 -17.04
CA PRO D 188 -1.41 31.58 -18.43
C PRO D 188 -2.53 31.15 -19.36
N ALA D 189 -2.45 31.53 -20.64
CA ALA D 189 -3.56 31.21 -21.55
C ALA D 189 -3.64 29.70 -21.79
N ASN D 190 -2.47 29.09 -21.80
CA ASN D 190 -2.35 27.70 -21.98
C ASN D 190 -0.90 27.33 -21.63
N TYR D 191 -0.49 26.06 -21.84
CA TYR D 191 0.83 25.60 -21.39
C TYR D 191 1.92 25.94 -22.42
N ALA D 192 1.53 26.21 -23.67
CA ALA D 192 2.46 26.53 -24.76
C ALA D 192 2.92 28.03 -24.75
N GLU D 193 1.99 28.92 -24.42
CA GLU D 193 2.25 30.33 -24.45
C GLU D 193 2.60 30.84 -23.05
N MET D 194 3.71 30.31 -22.57
CA MET D 194 4.02 30.31 -21.14
C MET D 194 5.52 30.29 -20.94
N ARG D 195 5.95 31.03 -19.95
CA ARG D 195 7.33 31.08 -19.51
C ARG D 195 7.71 29.77 -18.81
N GLY D 196 9.01 29.50 -18.72
CA GLY D 196 9.52 28.48 -17.78
C GLY D 196 10.77 28.97 -17.06
N SER D 197 10.95 28.50 -15.82
CA SER D 197 11.98 28.99 -14.90
C SER D 197 12.49 27.86 -14.05
N GLY D 198 13.82 27.79 -13.85
CA GLY D 198 14.35 26.83 -12.88
C GLY D 198 14.03 27.25 -11.45
N VAL D 199 13.87 28.57 -11.26
CA VAL D 199 13.58 29.24 -9.98
C VAL D 199 14.80 29.31 -9.11
N HIS D 200 15.28 28.17 -8.63
CA HIS D 200 16.51 28.11 -7.83
C HIS D 200 17.75 28.43 -8.58
N THR D 201 18.68 29.06 -7.85
CA THR D 201 20.06 28.94 -8.24
C THR D 201 20.56 27.55 -8.07
N PHE D 202 21.26 27.06 -9.09
CA PHE D 202 21.98 25.78 -9.01
C PHE D 202 23.46 26.05 -9.09
N ARG D 203 24.27 24.99 -8.95
CA ARG D 203 25.73 25.08 -9.14
C ARG D 203 26.13 24.32 -10.38
N TRP D 204 26.80 24.99 -11.27
CA TRP D 204 27.38 24.33 -12.43
C TRP D 204 28.88 24.13 -12.16
N VAL D 205 29.40 22.94 -12.44
CA VAL D 205 30.80 22.58 -12.14
C VAL D 205 31.45 22.03 -13.40
N ASN D 206 32.55 22.66 -13.83
CA ASN D 206 33.19 22.27 -15.08
C ASN D 206 34.27 21.20 -14.81
N LYS D 207 35.01 20.78 -15.84
CA LYS D 207 35.92 19.65 -15.68
C LYS D 207 37.13 19.98 -14.81
N TYR D 208 37.39 21.26 -14.60
CA TYR D 208 38.45 21.70 -13.69
C TYR D 208 37.96 21.83 -12.28
N GLY D 209 36.70 21.59 -12.05
CA GLY D 209 36.16 21.73 -10.70
C GLY D 209 35.81 23.13 -10.35
N GLU D 210 35.77 24.03 -11.33
CA GLU D 210 35.35 25.41 -11.07
C GLU D 210 33.82 25.47 -11.05
N THR D 211 33.28 26.23 -10.08
CA THR D 211 31.89 26.34 -9.85
C THR D 211 31.41 27.72 -10.17
N LYS D 212 30.27 27.79 -10.88
CA LYS D 212 29.44 28.98 -10.96
C LYS D 212 28.03 28.72 -10.51
N TYR D 213 27.40 29.77 -10.00
CA TYR D 213 25.95 29.77 -9.80
C TYR D 213 25.24 29.96 -11.15
N VAL D 214 24.13 29.23 -11.34
CA VAL D 214 23.39 29.28 -12.61
C VAL D 214 21.91 29.38 -12.35
N LYS D 215 21.22 30.11 -13.25
CA LYS D 215 19.76 30.13 -13.27
C LYS D 215 19.30 29.77 -14.66
N TYR D 216 18.16 29.09 -14.75
CA TYR D 216 17.60 28.64 -16.04
C TYR D 216 16.34 29.40 -16.40
N HIS D 217 16.18 29.66 -17.68
CA HIS D 217 14.95 30.31 -18.20
C HIS D 217 14.53 29.68 -19.52
N TRP D 218 13.22 29.45 -19.67
CA TRP D 218 12.69 28.85 -20.89
C TRP D 218 11.83 29.91 -21.54
N ARG D 219 12.09 30.22 -22.81
CA ARG D 219 11.35 31.25 -23.51
C ARG D 219 10.52 30.64 -24.64
N PRO D 220 9.19 30.84 -24.60
CA PRO D 220 8.29 30.13 -25.51
C PRO D 220 8.37 30.67 -26.93
N SER D 221 8.53 29.79 -27.92
CA SER D 221 8.51 30.20 -29.32
C SER D 221 7.13 30.75 -29.65
N GLU D 222 6.13 30.32 -28.89
CA GLU D 222 4.79 30.83 -29.10
C GLU D 222 4.51 32.17 -28.41
N GLY D 223 5.49 32.74 -27.67
CA GLY D 223 5.26 33.98 -26.92
C GLY D 223 4.48 33.71 -25.64
N ILE D 224 4.51 34.65 -24.70
CA ILE D 224 3.81 34.56 -23.45
C ILE D 224 2.45 35.18 -23.66
N ARG D 225 1.37 34.47 -23.34
CA ARG D 225 0.06 35.08 -23.29
C ARG D 225 -0.71 34.67 -22.03
N ASN D 226 -1.42 35.64 -21.44
CA ASN D 226 -2.11 35.49 -20.18
C ASN D 226 -3.58 35.80 -20.32
N LEU D 227 -4.36 35.41 -19.32
CA LEU D 227 -5.79 35.63 -19.30
C LEU D 227 -6.12 36.56 -18.17
N SER D 228 -6.97 37.53 -18.46
CA SER D 228 -7.62 38.31 -17.42
C SER D 228 -8.55 37.42 -16.61
N MET D 229 -9.00 37.88 -15.46
CA MET D 229 -10.02 37.15 -14.73
C MET D 229 -11.25 36.89 -15.58
N GLU D 230 -11.71 37.88 -16.32
CA GLU D 230 -12.94 37.66 -17.11
C GLU D 230 -12.70 36.75 -18.33
N GLU D 231 -11.54 36.80 -18.96
CA GLU D 231 -11.23 35.84 -20.01
C GLU D 231 -11.14 34.39 -19.47
N ALA D 232 -10.51 34.21 -18.31
CA ALA D 232 -10.48 32.90 -17.65
C ALA D 232 -11.87 32.32 -17.37
N ALA D 233 -12.73 33.14 -16.79
CA ALA D 233 -14.12 32.71 -16.50
C ALA D 233 -14.82 32.26 -17.77
N GLU D 234 -14.68 33.04 -18.83
CA GLU D 234 -15.35 32.73 -20.09
C GLU D 234 -14.86 31.36 -20.65
N ILE D 235 -13.57 31.07 -20.53
CA ILE D 235 -13.06 29.76 -20.98
C ILE D 235 -13.59 28.70 -20.03
N GLN D 236 -13.57 29.01 -18.74
CA GLN D 236 -13.98 28.01 -17.74
C GLN D 236 -15.41 27.52 -17.99
N ALA D 237 -16.28 28.43 -18.44
CA ALA D 237 -17.67 28.10 -18.74
C ALA D 237 -17.81 26.87 -19.63
N ASN D 238 -16.91 26.71 -20.59
CA ASN D 238 -17.02 25.80 -21.69
C ASN D 238 -15.96 24.71 -21.68
N ASP D 239 -14.87 24.87 -20.93
CA ASP D 239 -13.90 23.84 -20.92
C ASP D 239 -13.04 23.92 -19.64
N PHE D 240 -13.07 22.87 -18.82
CA PHE D 240 -12.28 22.85 -17.59
C PHE D 240 -10.93 22.16 -17.81
N GLN D 241 -10.61 21.81 -19.05
CA GLN D 241 -9.32 21.20 -19.34
C GLN D 241 -8.72 21.79 -20.65
N HIS D 242 -8.89 23.09 -20.86
CA HIS D 242 -8.50 23.73 -22.14
C HIS D 242 -6.99 23.68 -22.40
N ALA D 243 -6.17 23.71 -21.36
CA ALA D 243 -4.74 23.69 -21.57
C ALA D 243 -4.24 22.31 -21.94
N THR D 244 -4.81 21.29 -21.30
CA THR D 244 -4.52 19.90 -21.61
C THR D 244 -4.94 19.62 -23.11
N ARG D 245 -6.14 20.06 -23.46
CA ARG D 245 -6.65 19.93 -24.82
C ARG D 245 -5.69 20.60 -25.82
N ASP D 246 -5.33 21.84 -25.53
CA ASP D 246 -4.52 22.69 -26.43
C ASP D 246 -3.13 22.08 -26.71
N LEU D 247 -2.47 21.60 -25.66
CA LEU D 247 -1.22 20.91 -25.80
C LEU D 247 -1.32 19.68 -26.73
N TYR D 248 -2.28 18.78 -26.43
CA TYR D 248 -2.43 17.55 -27.20
C TYR D 248 -2.68 17.89 -28.68
N ASP D 249 -3.56 18.88 -28.90
CA ASP D 249 -4.04 19.21 -30.25
C ASP D 249 -2.97 19.87 -31.09
N ARG D 250 -2.21 20.79 -30.48
CA ARG D 250 -1.03 21.32 -31.14
C ARG D 250 -0.15 20.23 -31.70
N ILE D 251 0.20 19.30 -30.84
CA ILE D 251 1.14 18.26 -31.19
C ILE D 251 0.52 17.35 -32.23
N GLU D 252 -0.75 17.03 -32.05
CA GLU D 252 -1.47 16.16 -33.04
C GLU D 252 -1.50 16.77 -34.41
N LYS D 253 -1.59 18.08 -34.48
CA LYS D 253 -1.61 18.78 -35.76
C LYS D 253 -0.24 18.99 -36.40
N GLY D 254 0.82 18.74 -35.67
CA GLY D 254 2.16 19.00 -36.14
C GLY D 254 2.62 20.41 -35.80
N ASN D 255 1.85 21.15 -35.01
CA ASN D 255 2.22 22.51 -34.61
C ASN D 255 2.98 22.47 -33.29
N TYR D 256 4.21 21.98 -33.34
CA TYR D 256 4.96 21.62 -32.15
C TYR D 256 5.39 22.85 -31.34
N PRO D 257 5.00 22.94 -30.05
CA PRO D 257 5.52 24.10 -29.27
C PRO D 257 6.98 23.92 -28.87
N ALA D 258 7.68 25.04 -28.69
CA ALA D 258 9.13 24.99 -28.38
C ALA D 258 9.47 26.10 -27.44
N TRP D 259 10.62 25.93 -26.79
CA TRP D 259 11.14 26.92 -25.90
C TRP D 259 12.63 26.95 -26.07
N ASP D 260 13.18 28.14 -26.06
CA ASP D 260 14.61 28.27 -26.03
C ASP D 260 15.07 28.35 -24.57
N LEU D 261 16.12 27.60 -24.29
CA LEU D 261 16.76 27.59 -23.01
C LEU D 261 17.89 28.64 -22.93
N TYR D 262 17.77 29.55 -21.97
CA TYR D 262 18.81 30.51 -21.59
C TYR D 262 19.28 30.29 -20.16
N VAL D 263 20.57 30.54 -19.89
CA VAL D 263 21.04 30.61 -18.52
C VAL D 263 21.59 31.97 -18.17
N GLN D 264 21.58 32.30 -16.88
CA GLN D 264 22.42 33.35 -16.34
C GLN D 264 23.49 32.66 -15.50
N LEU D 265 24.71 33.20 -15.49
CA LEU D 265 25.83 32.64 -14.71
C LEU D 265 26.40 33.71 -13.81
N MET D 266 26.67 33.37 -12.55
CA MET D 266 27.17 34.30 -11.55
C MET D 266 28.32 33.64 -10.78
N PRO D 267 29.44 34.35 -10.63
CA PRO D 267 30.54 33.88 -9.78
C PRO D 267 30.06 33.74 -8.34
N LEU D 268 30.50 32.70 -7.64
CA LEU D 268 30.20 32.54 -6.18
C LEU D 268 30.65 33.77 -5.37
N SER D 269 31.75 34.38 -5.81
CA SER D 269 32.31 35.52 -5.12
C SER D 269 31.42 36.79 -5.19
N ASP D 270 30.38 36.79 -6.02
CA ASP D 270 29.45 37.92 -6.10
C ASP D 270 28.54 38.01 -4.90
N TYR D 271 28.51 36.98 -4.08
CA TYR D 271 27.65 37.02 -2.90
C TYR D 271 27.72 38.35 -2.21
N ASP D 272 28.94 38.86 -2.00
CA ASP D 272 29.14 40.04 -1.16
C ASP D 272 28.84 41.31 -1.92
N GLU D 273 28.86 41.19 -3.24
CA GLU D 273 28.60 42.33 -4.14
C GLU D 273 27.11 42.67 -4.16
N LEU D 274 26.22 41.81 -3.61
CA LEU D 274 24.76 42.02 -3.69
C LEU D 274 24.05 42.41 -2.41
N ASP D 275 22.88 43.04 -2.57
CA ASP D 275 22.03 43.36 -1.38
C ASP D 275 20.94 42.32 -1.06
N TYR D 276 21.08 41.16 -1.66
CA TYR D 276 20.25 40.02 -1.38
C TYR D 276 21.13 38.78 -1.47
N ASP D 277 20.63 37.68 -0.93
CA ASP D 277 21.29 36.37 -1.09
C ASP D 277 20.98 35.77 -2.47
N PRO D 278 22.01 35.55 -3.32
CA PRO D 278 21.73 35.01 -4.64
C PRO D 278 21.07 33.62 -4.59
N CYS D 279 21.07 32.96 -3.44
CA CYS D 279 20.38 31.63 -3.32
C CYS D 279 19.05 31.71 -2.58
N ASP D 280 18.54 32.92 -2.44
CA ASP D 280 17.22 33.15 -1.89
C ASP D 280 16.25 33.02 -3.06
N PRO D 281 15.40 31.97 -3.05
CA PRO D 281 14.51 31.79 -4.20
C PRO D 281 13.31 32.77 -4.28
N THR D 282 13.21 33.73 -3.36
CA THR D 282 12.28 34.85 -3.50
C THR D 282 12.83 35.97 -4.37
N LYS D 283 14.07 35.79 -4.87
CA LYS D 283 14.83 36.76 -5.64
C LYS D 283 15.12 36.30 -7.06
N THR D 284 15.06 37.23 -8.00
CA THR D 284 15.68 37.12 -9.32
C THR D 284 17.01 37.84 -9.42
N TRP D 285 17.78 37.51 -10.47
CA TRP D 285 19.05 38.18 -10.76
C TRP D 285 18.83 39.12 -11.91
N SER D 286 19.44 40.30 -11.85
CA SER D 286 19.29 41.29 -12.93
C SER D 286 19.76 40.72 -14.25
N GLU D 287 18.96 40.88 -15.31
CA GLU D 287 19.36 40.50 -16.66
C GLU D 287 20.34 41.49 -17.30
N GLU D 288 20.40 42.70 -16.76
CA GLU D 288 21.44 43.66 -17.15
C GLU D 288 22.78 43.19 -16.62
N ASP D 289 22.84 42.89 -15.32
CA ASP D 289 24.10 42.49 -14.69
C ASP D 289 24.51 41.05 -14.97
N TYR D 290 23.53 40.17 -15.24
CA TYR D 290 23.82 38.78 -15.51
C TYR D 290 23.00 38.39 -16.70
N PRO D 291 23.54 38.62 -17.91
CA PRO D 291 22.71 38.53 -19.10
C PRO D 291 22.35 37.10 -19.44
N LEU D 292 21.25 36.97 -20.16
CA LEU D 292 20.76 35.68 -20.60
C LEU D 292 21.69 35.19 -21.66
N GLN D 293 22.12 33.95 -21.53
CA GLN D 293 22.96 33.32 -22.50
C GLN D 293 22.25 32.12 -23.10
N LYS D 294 22.16 32.07 -24.42
CA LYS D 294 21.41 31.01 -25.07
C LYS D 294 22.13 29.68 -25.01
N VAL D 295 21.39 28.61 -24.73
CA VAL D 295 21.98 27.29 -24.67
C VAL D 295 21.47 26.41 -25.80
N GLY D 296 20.17 26.39 -25.99
CA GLY D 296 19.58 25.56 -27.05
C GLY D 296 18.07 25.64 -27.05
N ARG D 297 17.46 24.66 -27.70
CA ARG D 297 16.02 24.65 -27.92
C ARG D 297 15.39 23.28 -27.61
N MET D 298 14.25 23.32 -26.95
CA MET D 298 13.46 22.16 -26.69
C MET D 298 12.20 22.22 -27.57
N THR D 299 11.93 21.14 -28.29
CA THR D 299 10.70 21.01 -29.08
C THR D 299 9.90 19.81 -28.62
N LEU D 300 8.63 20.04 -28.28
CA LEU D 300 7.70 18.97 -27.94
C LEU D 300 6.86 18.48 -29.15
N ASN D 301 7.01 17.20 -29.49
CA ASN D 301 6.57 16.71 -30.76
C ASN D 301 5.86 15.38 -30.72
N ARG D 302 5.55 14.86 -29.53
CA ARG D 302 4.97 13.51 -29.43
C ARG D 302 4.09 13.42 -28.17
N ASN D 303 2.81 13.11 -28.35
CA ASN D 303 1.93 12.81 -27.27
C ASN D 303 2.24 11.41 -26.73
N PRO D 304 1.95 11.16 -25.45
CA PRO D 304 2.17 9.85 -24.88
C PRO D 304 1.17 8.86 -25.49
N GLU D 305 1.51 7.59 -25.44
CA GLU D 305 0.58 6.53 -25.81
C GLU D 305 -0.51 6.32 -24.77
N ASN D 306 -0.19 6.52 -23.46
CA ASN D 306 -1.19 6.22 -22.37
C ASN D 306 -1.00 7.23 -21.25
N PHE D 307 -2.05 7.99 -21.00
CA PHE D 307 -1.96 9.11 -20.08
C PHE D 307 -1.63 8.60 -18.66
N PHE D 308 -2.29 7.54 -18.18
CA PHE D 308 -1.95 7.05 -16.83
C PHE D 308 -0.54 6.54 -16.72
N ALA D 309 -0.18 5.65 -17.66
CA ALA D 309 1.10 4.95 -17.54
C ALA D 309 2.27 5.92 -17.62
N GLU D 310 2.12 6.98 -18.38
CA GLU D 310 3.23 7.85 -18.71
C GLU D 310 3.13 9.21 -18.03
N THR D 311 2.03 9.92 -18.16
CA THR D 311 1.94 11.27 -17.58
C THR D 311 1.60 11.14 -16.08
N GLU D 312 0.60 10.36 -15.74
CA GLU D 312 0.22 10.27 -14.32
C GLU D 312 1.27 9.63 -13.46
N GLN D 313 1.92 8.58 -13.97
CA GLN D 313 3.00 7.91 -13.21
C GLN D 313 4.36 8.55 -13.35
N ALA D 314 4.50 9.63 -14.12
CA ALA D 314 5.81 10.36 -14.23
C ALA D 314 6.28 10.88 -12.89
N ALA D 315 7.57 10.73 -12.61
CA ALA D 315 8.18 11.14 -11.38
C ALA D 315 9.39 12.01 -11.68
N PHE D 316 9.36 13.25 -11.23
CA PHE D 316 10.48 14.14 -11.41
C PHE D 316 11.00 14.50 -10.05
N THR D 317 12.34 14.78 -9.96
CA THR D 317 12.90 15.28 -8.71
C THR D 317 14.02 16.27 -8.97
N PRO D 318 13.99 17.43 -8.27
CA PRO D 318 15.15 18.28 -8.34
C PRO D 318 16.50 17.61 -7.98
N SER D 319 16.44 16.53 -7.20
CA SER D 319 17.65 15.78 -6.82
C SER D 319 18.11 14.81 -7.93
N ALA D 320 17.42 14.73 -9.07
CA ALA D 320 17.92 13.96 -10.20
C ALA D 320 18.88 14.83 -10.98
N LEU D 321 20.08 14.94 -10.42
CA LEU D 321 21.13 15.80 -10.93
C LEU D 321 22.11 14.92 -11.70
N VAL D 322 22.85 15.51 -12.62
CA VAL D 322 23.84 14.76 -13.41
C VAL D 322 25.21 15.40 -13.24
N PRO D 323 26.29 14.65 -13.53
CA PRO D 323 27.60 15.21 -13.19
C PRO D 323 27.76 16.53 -13.91
N GLY D 324 28.20 17.52 -13.15
CA GLY D 324 28.40 18.90 -13.64
C GLY D 324 27.27 19.86 -13.23
N ILE D 325 26.17 19.31 -12.73
CA ILE D 325 25.02 20.09 -12.30
C ILE D 325 24.69 19.66 -10.90
N GLU D 326 24.75 20.60 -9.95
CA GLU D 326 24.59 20.29 -8.55
C GLU D 326 23.58 21.24 -7.90
N ALA D 327 23.12 20.87 -6.72
CA ALA D 327 22.23 21.74 -5.93
C ALA D 327 23.01 22.98 -5.49
N SER D 328 22.31 24.09 -5.27
CA SER D 328 22.85 25.11 -4.38
C SER D 328 22.40 24.89 -2.95
N GLU D 329 22.92 25.75 -2.10
CA GLU D 329 22.57 25.82 -0.70
C GLU D 329 21.17 26.37 -0.40
N ASP D 330 20.44 26.80 -1.42
CA ASP D 330 19.05 27.28 -1.29
C ASP D 330 18.23 26.32 -0.41
N LYS D 331 17.67 26.80 0.68
CA LYS D 331 17.10 25.94 1.71
C LYS D 331 15.76 25.40 1.28
N LEU D 332 15.13 26.08 0.35
CA LEU D 332 13.92 25.59 -0.28
C LEU D 332 14.27 24.40 -1.13
N LEU D 333 15.24 24.57 -2.00
CA LEU D 333 15.70 23.50 -2.83
C LEU D 333 16.16 22.33 -2.02
N GLN D 334 16.88 22.60 -0.95
CA GLN D 334 17.40 21.47 -0.17
C GLN D 334 16.28 20.50 0.25
N GLY D 335 15.16 21.03 0.77
CA GLY D 335 14.02 20.18 1.19
C GLY D 335 13.42 19.40 0.06
N ARG D 336 13.35 20.03 -1.11
CA ARG D 336 12.85 19.37 -2.30
C ARG D 336 13.64 18.11 -2.69
N LEU D 337 14.97 18.15 -2.47
CA LEU D 337 15.83 17.05 -2.84
C LEU D 337 15.30 15.77 -2.19
N PHE D 338 14.78 15.92 -0.99
CA PHE D 338 14.24 14.81 -0.25
C PHE D 338 12.78 14.50 -0.62
N SER D 339 11.96 15.53 -0.68
CA SER D 339 10.47 15.37 -0.65
C SER D 339 9.94 14.72 -1.93
N TYR D 340 10.59 14.94 -3.07
CA TYR D 340 10.04 14.32 -4.33
C TYR D 340 10.17 12.80 -4.36
N PRO D 341 11.42 12.26 -4.29
CA PRO D 341 11.48 10.79 -4.24
C PRO D 341 10.72 10.15 -3.05
N ASP D 342 10.63 10.87 -1.94
CA ASP D 342 9.93 10.38 -0.77
C ASP D 342 8.45 10.24 -1.10
N THR D 343 7.85 11.28 -1.64
CA THR D 343 6.41 11.24 -2.00
C THR D 343 6.17 10.20 -3.07
N GLN D 344 7.14 10.05 -3.98
CA GLN D 344 6.99 9.13 -5.14
C GLN D 344 7.01 7.67 -4.75
N ARG D 345 7.86 7.33 -3.79
CA ARG D 345 7.84 6.02 -3.22
C ARG D 345 6.47 5.68 -2.73
N HIS D 346 5.79 6.62 -2.09
CA HIS D 346 4.41 6.38 -1.60
C HIS D 346 3.39 6.39 -2.73
N ARG D 347 3.48 7.38 -3.62
CA ARG D 347 2.49 7.57 -4.71
C ARG D 347 2.56 6.41 -5.74
N LEU D 348 3.75 5.86 -5.98
CA LEU D 348 3.98 5.02 -7.13
C LEU D 348 4.52 3.64 -6.80
N GLY D 349 5.11 3.50 -5.59
CA GLY D 349 5.76 2.30 -5.18
C GLY D 349 7.26 2.44 -5.06
N ALA D 350 7.82 1.56 -4.23
CA ALA D 350 9.25 1.54 -4.01
C ALA D 350 10.03 1.46 -5.34
N ASN D 351 9.48 0.73 -6.32
CA ASN D 351 10.17 0.51 -7.60
C ASN D 351 9.72 1.43 -8.74
N TYR D 352 9.37 2.67 -8.42
CA TYR D 352 8.74 3.58 -9.38
C TYR D 352 9.75 3.97 -10.46
N MET D 353 11.04 3.86 -10.16
CA MET D 353 12.06 4.16 -11.15
C MET D 353 12.13 3.15 -12.29
N ARG D 354 11.38 2.07 -12.17
CA ARG D 354 11.29 1.07 -13.23
C ARG D 354 10.09 1.29 -14.10
N ILE D 355 9.21 2.23 -13.73
CA ILE D 355 8.10 2.55 -14.61
C ILE D 355 8.74 3.15 -15.88
N PRO D 356 8.39 2.63 -17.09
CA PRO D 356 9.08 3.06 -18.33
C PRO D 356 9.38 4.54 -18.48
N VAL D 357 8.43 5.41 -18.31
CA VAL D 357 8.72 6.83 -18.44
C VAL D 357 9.83 7.31 -17.50
N ASN D 358 9.96 6.69 -16.35
CA ASN D 358 10.96 7.15 -15.36
C ASN D 358 12.32 6.54 -15.56
N CYS D 359 12.40 5.53 -16.43
CA CYS D 359 13.64 4.82 -16.62
C CYS D 359 14.70 5.68 -17.35
N PRO D 360 15.96 5.62 -16.90
CA PRO D 360 17.06 6.24 -17.65
C PRO D 360 17.32 5.54 -18.97
N TYR D 361 17.90 6.27 -19.93
CA TYR D 361 18.56 5.64 -21.08
C TYR D 361 19.94 5.07 -20.75
N ALA D 362 20.65 5.71 -19.83
CA ALA D 362 21.92 5.19 -19.29
C ALA D 362 21.74 3.88 -18.51
N PRO D 363 22.76 3.01 -18.49
CA PRO D 363 22.65 1.74 -17.79
C PRO D 363 22.49 1.94 -16.30
N VAL D 364 21.74 1.04 -15.68
CA VAL D 364 21.52 1.02 -14.25
C VAL D 364 22.07 -0.27 -13.71
N HIS D 365 23.01 -0.17 -12.76
CA HIS D 365 23.57 -1.38 -12.15
C HIS D 365 23.86 -1.05 -10.70
N ASN D 366 23.22 -1.73 -9.77
CA ASN D 366 23.51 -1.49 -8.37
C ASN D 366 23.02 -2.62 -7.54
N ASN D 367 23.12 -2.49 -6.24
CA ASN D 367 22.90 -3.66 -5.38
C ASN D 367 21.58 -3.62 -4.66
N GLN D 368 20.67 -2.77 -5.12
CA GLN D 368 19.32 -2.64 -4.54
C GLN D 368 18.55 -3.85 -4.96
N GLN D 369 17.55 -4.26 -4.20
CA GLN D 369 16.76 -5.42 -4.62
C GLN D 369 15.32 -5.40 -4.03
N ASP D 370 14.48 -6.23 -4.64
CA ASP D 370 13.12 -6.58 -4.10
C ASP D 370 12.21 -5.35 -4.11
N GLY D 371 11.32 -5.25 -3.14
CA GLY D 371 10.31 -4.22 -3.19
C GLY D 371 9.07 -4.66 -3.95
N PHE D 372 7.92 -4.08 -3.60
N PHE D 372 7.95 -4.02 -3.63
CA PHE D 372 6.67 -4.37 -4.25
CA PHE D 372 6.72 -4.07 -4.37
C PHE D 372 6.84 -4.30 -5.79
C PHE D 372 6.94 -4.28 -5.87
N MET D 373 6.31 -5.29 -6.46
CA MET D 373 6.20 -5.32 -7.93
C MET D 373 7.55 -5.34 -8.61
N THR D 374 8.34 -6.32 -8.25
CA THR D 374 9.68 -6.54 -8.85
C THR D 374 9.48 -7.30 -10.18
N THR D 375 9.68 -6.60 -11.30
CA THR D 375 9.29 -7.08 -12.62
C THR D 375 10.50 -7.22 -13.52
N THR D 376 11.69 -6.93 -13.00
CA THR D 376 12.88 -6.78 -13.84
C THR D 376 13.76 -8.05 -14.00
N ARG D 377 13.29 -9.23 -13.63
CA ARG D 377 14.07 -10.44 -13.76
C ARG D 377 15.50 -10.44 -13.17
N PRO D 378 15.62 -10.19 -11.86
CA PRO D 378 16.95 -10.10 -11.30
C PRO D 378 17.62 -11.46 -11.26
N SER D 379 18.96 -11.47 -11.16
CA SER D 379 19.73 -12.68 -11.10
C SER D 379 21.02 -12.39 -10.38
N GLY D 380 21.72 -13.47 -10.01
CA GLY D 380 23.09 -13.33 -9.48
C GLY D 380 23.09 -13.42 -7.94
N HIS D 381 24.26 -13.78 -7.40
CA HIS D 381 24.43 -14.07 -6.01
C HIS D 381 24.94 -12.86 -5.22
N ILE D 382 25.41 -11.85 -5.92
CA ILE D 382 26.15 -10.77 -5.30
C ILE D 382 25.36 -9.50 -5.30
N ASN D 383 24.92 -9.08 -4.12
CA ASN D 383 24.09 -7.88 -3.97
C ASN D 383 24.64 -6.95 -2.93
N TYR D 384 25.96 -6.95 -2.81
CA TYR D 384 26.69 -6.26 -1.71
C TYR D 384 28.04 -5.80 -2.29
N GLU D 385 28.53 -4.66 -1.81
CA GLU D 385 29.83 -4.12 -2.19
C GLU D 385 30.41 -3.45 -0.93
N PRO D 386 31.70 -3.65 -0.66
CA PRO D 386 32.73 -4.33 -1.46
C PRO D 386 32.58 -5.84 -1.58
N ASN D 387 33.04 -6.35 -2.71
CA ASN D 387 33.05 -7.77 -2.95
C ASN D 387 34.29 -8.12 -3.74
N ARG D 388 34.57 -9.41 -3.87
CA ARG D 388 35.84 -9.80 -4.44
C ARG D 388 35.79 -9.92 -5.95
N TYR D 389 34.72 -9.53 -6.60
CA TYR D 389 34.51 -9.86 -8.03
C TYR D 389 34.69 -8.62 -8.86
N ASP D 390 35.67 -8.69 -9.76
CA ASP D 390 36.10 -7.53 -10.55
C ASP D 390 35.08 -7.04 -11.59
N ASP D 391 34.23 -7.96 -12.03
CA ASP D 391 33.18 -7.74 -13.01
C ASP D 391 31.87 -7.21 -12.38
N GLN D 392 31.77 -7.21 -11.06
CA GLN D 392 30.57 -6.63 -10.41
C GLN D 392 30.73 -5.09 -10.42
N PRO D 393 29.61 -4.37 -10.37
CA PRO D 393 29.67 -2.90 -10.39
C PRO D 393 30.46 -2.24 -9.24
N LYS D 394 31.30 -1.28 -9.62
CA LYS D 394 32.18 -0.60 -8.69
C LYS D 394 31.87 0.85 -8.78
N GLU D 395 32.10 1.55 -7.68
CA GLU D 395 32.17 3.00 -7.72
C GLU D 395 33.21 3.50 -8.77
N ASN D 396 33.01 4.73 -9.20
CA ASN D 396 33.86 5.31 -10.20
C ASN D 396 34.20 6.74 -9.78
N PRO D 397 35.42 6.94 -9.26
CA PRO D 397 35.68 8.24 -8.64
C PRO D 397 35.73 9.38 -9.63
N HIS D 398 35.87 9.07 -10.92
CA HIS D 398 35.71 10.11 -11.95
C HIS D 398 34.34 10.84 -11.81
N TYR D 399 33.37 10.22 -11.16
CA TYR D 399 32.05 10.83 -11.10
C TYR D 399 31.75 11.41 -9.74
N LYS D 400 32.77 11.77 -8.97
CA LYS D 400 32.50 12.48 -7.69
C LYS D 400 31.92 13.85 -7.92
N GLU D 401 31.09 14.26 -6.98
CA GLU D 401 30.54 15.63 -6.99
C GLU D 401 31.59 16.59 -6.37
N SER D 402 31.38 17.88 -6.56
CA SER D 402 32.18 18.91 -5.91
C SER D 402 32.06 18.88 -4.38
N GLU D 403 32.91 19.65 -3.73
CA GLU D 403 32.95 19.76 -2.28
C GLU D 403 32.74 21.23 -1.89
N PRO D 404 31.48 21.74 -1.94
CA PRO D 404 31.21 23.13 -1.69
C PRO D 404 31.76 23.59 -0.37
N VAL D 405 32.28 24.79 -0.35
CA VAL D 405 32.79 25.37 0.88
C VAL D 405 31.65 25.75 1.79
N LEU D 406 31.82 25.42 3.07
CA LEU D 406 30.85 25.80 4.11
C LEU D 406 31.35 27.05 4.87
N HIS D 407 30.50 28.05 5.04
CA HIS D 407 30.88 29.27 5.72
C HIS D 407 30.44 29.25 7.18
N GLY D 408 29.41 28.50 7.49
CA GLY D 408 29.04 28.32 8.91
C GLY D 408 29.95 27.38 9.70
N ASP D 409 30.09 27.66 10.98
CA ASP D 409 30.88 26.79 11.87
C ASP D 409 30.00 25.99 12.88
N ARG D 410 28.67 26.13 12.77
CA ARG D 410 27.72 25.50 13.70
C ARG D 410 26.49 25.00 12.93
N MET D 411 25.89 23.94 13.42
CA MET D 411 24.52 23.55 12.97
C MET D 411 23.51 24.51 13.61
N VAL D 412 22.77 25.24 12.79
CA VAL D 412 21.90 26.29 13.27
C VAL D 412 20.54 26.19 12.62
N ARG D 413 19.54 26.69 13.30
CA ARG D 413 18.30 27.11 12.65
C ARG D 413 18.12 28.58 12.71
N GLN D 414 18.32 29.24 11.57
CA GLN D 414 18.44 30.68 11.56
C GLN D 414 18.20 31.17 10.17
N LYS D 415 17.37 32.20 10.01
CA LYS D 415 17.15 32.79 8.69
C LYS D 415 18.45 33.27 8.05
N ILE D 416 18.48 33.26 6.74
CA ILE D 416 19.55 33.94 5.99
C ILE D 416 19.67 35.41 6.37
N GLU D 417 20.90 35.88 6.26
CA GLU D 417 21.16 37.31 6.21
CA GLU D 417 21.18 37.32 6.21
C GLU D 417 20.59 37.91 4.93
N LYS D 418 20.44 39.23 4.94
CA LYS D 418 19.86 40.04 3.85
C LYS D 418 18.58 39.43 3.23
N PRO D 419 17.59 39.14 4.07
CA PRO D 419 16.34 38.61 3.50
C PRO D 419 15.70 39.62 2.53
N ASN D 420 15.79 40.91 2.85
CA ASN D 420 15.40 41.95 1.87
C ASN D 420 14.04 41.66 1.20
N ASP D 421 12.99 41.59 2.01
CA ASP D 421 11.73 40.99 1.60
C ASP D 421 10.91 41.84 0.63
N PHE D 422 11.19 43.15 0.53
CA PHE D 422 10.28 44.04 -0.21
C PHE D 422 10.82 44.66 -1.49
N LYS D 423 12.16 44.69 -1.62
CA LYS D 423 12.78 45.57 -2.59
C LYS D 423 12.44 45.15 -4.00
N GLN D 424 12.65 43.86 -4.29
CA GLN D 424 12.48 43.38 -5.65
C GLN D 424 11.01 43.43 -6.02
N ALA D 425 10.14 43.21 -5.05
CA ALA D 425 8.71 43.36 -5.28
C ALA D 425 8.38 44.77 -5.78
N GLY D 426 8.99 45.77 -5.14
CA GLY D 426 8.85 47.13 -5.63
C GLY D 426 9.42 47.30 -7.04
N GLU D 427 10.58 46.71 -7.32
CA GLU D 427 11.16 46.85 -8.64
C GLU D 427 10.22 46.24 -9.68
N LYS D 428 9.63 45.08 -9.35
CA LYS D 428 8.78 44.39 -10.31
C LYS D 428 7.50 45.18 -10.54
N TYR D 429 6.89 45.69 -9.46
CA TYR D 429 5.76 46.61 -9.61
C TYR D 429 6.06 47.75 -10.60
N ARG D 430 7.19 48.41 -10.41
CA ARG D 430 7.49 49.60 -11.22
C ARG D 430 7.74 49.20 -12.66
N SER D 431 8.13 47.95 -12.89
CA SER D 431 8.45 47.46 -14.27
C SER D 431 7.20 47.16 -15.06
N TYR D 432 6.06 47.05 -14.38
CA TYR D 432 4.79 46.84 -15.03
C TYR D 432 4.33 48.09 -15.79
N SER D 433 3.75 47.89 -16.99
CA SER D 433 2.98 48.92 -17.69
C SER D 433 1.84 49.37 -16.84
N GLU D 434 1.22 50.50 -17.19
CA GLU D 434 0.06 50.97 -16.43
C GLU D 434 -1.12 49.99 -16.51
N GLU D 435 -1.32 49.37 -17.66
CA GLU D 435 -2.33 48.35 -17.83
C GLU D 435 -2.09 47.18 -16.88
N GLU D 436 -0.86 46.72 -16.81
CA GLU D 436 -0.50 45.58 -15.99
C GLU D 436 -0.66 45.91 -14.52
N LYS D 437 -0.26 47.12 -14.14
CA LYS D 437 -0.48 47.60 -12.79
C LYS D 437 -1.94 47.62 -12.44
N GLN D 438 -2.78 48.04 -13.37
CA GLN D 438 -4.22 48.05 -13.13
C GLN D 438 -4.77 46.64 -12.96
N ALA D 439 -4.28 45.74 -13.78
CA ALA D 439 -4.73 44.35 -13.68
C ALA D 439 -4.30 43.75 -12.34
N LEU D 440 -3.05 44.01 -11.94
CA LEU D 440 -2.54 43.59 -10.65
C LEU D 440 -3.45 44.03 -9.51
N ILE D 441 -3.75 45.33 -9.49
CA ILE D 441 -4.53 45.88 -8.39
C ILE D 441 -5.91 45.29 -8.38
N LYS D 442 -6.50 45.20 -9.57
CA LYS D 442 -7.82 44.61 -9.76
C LYS D 442 -7.87 43.17 -9.26
N ASN D 443 -6.87 42.38 -9.64
CA ASN D 443 -6.80 40.98 -9.23
C ASN D 443 -6.60 40.85 -7.74
N LEU D 444 -5.72 41.67 -7.19
CA LEU D 444 -5.51 41.66 -5.73
C LEU D 444 -6.77 42.01 -4.94
N THR D 445 -7.49 43.01 -5.44
CA THR D 445 -8.63 43.57 -4.74
C THR D 445 -9.75 42.52 -4.70
N ALA D 446 -10.02 41.87 -5.83
CA ALA D 446 -10.99 40.78 -5.84
C ALA D 446 -10.65 39.66 -4.85
N ASP D 447 -9.35 39.41 -4.62
CA ASP D 447 -8.91 38.37 -3.71
C ASP D 447 -8.97 38.76 -2.25
N LEU D 448 -8.71 40.03 -1.98
CA LEU D 448 -8.56 40.50 -0.61
C LEU D 448 -9.84 41.03 -0.02
N LYS D 449 -10.81 41.37 -0.86
CA LYS D 449 -11.90 42.22 -0.37
C LYS D 449 -12.71 41.56 0.76
N GLY D 450 -12.79 40.23 0.78
CA GLY D 450 -13.54 39.55 1.83
C GLY D 450 -12.70 39.06 3.01
N VAL D 451 -11.40 39.32 3.07
CA VAL D 451 -10.58 38.69 4.09
C VAL D 451 -10.62 39.53 5.35
N ASN D 452 -10.32 38.90 6.48
CA ASN D 452 -10.22 39.54 7.77
C ASN D 452 -9.52 40.89 7.72
N GLU D 453 -10.08 41.91 8.39
CA GLU D 453 -9.60 43.28 8.21
C GLU D 453 -8.15 43.46 8.62
N LYS D 454 -7.76 42.86 9.73
CA LYS D 454 -6.38 42.98 10.20
C LYS D 454 -5.39 42.37 9.21
N THR D 455 -5.72 41.18 8.71
CA THR D 455 -4.96 40.53 7.65
C THR D 455 -4.91 41.39 6.38
N LYS D 456 -6.04 41.95 6.04
CA LYS D 456 -6.13 42.83 4.88
C LYS D 456 -5.18 44.00 5.02
N LEU D 457 -5.13 44.59 6.21
CA LEU D 457 -4.31 45.77 6.42
C LEU D 457 -2.82 45.40 6.31
N LEU D 458 -2.44 44.27 6.90
CA LEU D 458 -1.07 43.77 6.87
C LEU D 458 -0.62 43.49 5.43
N ALA D 459 -1.51 42.99 4.58
CA ALA D 459 -1.19 42.81 3.17
C ALA D 459 -0.87 44.15 2.51
N ILE D 460 -1.76 45.12 2.72
CA ILE D 460 -1.58 46.48 2.19
C ILE D 460 -0.23 47.04 2.64
N CYS D 461 0.04 46.93 3.93
CA CYS D 461 1.34 47.35 4.47
C CYS D 461 2.55 46.67 3.80
N ASN D 462 2.44 45.37 3.52
CA ASN D 462 3.54 44.68 2.88
C ASN D 462 3.74 45.19 1.48
N PHE D 463 2.66 45.39 0.73
CA PHE D 463 2.84 45.89 -0.62
C PHE D 463 3.24 47.39 -0.62
N TYR D 464 2.80 48.11 0.39
CA TYR D 464 3.28 49.51 0.60
C TYR D 464 4.81 49.57 0.80
N ARG D 465 5.34 48.70 1.63
CA ARG D 465 6.77 48.57 1.79
C ARG D 465 7.49 48.20 0.51
N ALA D 466 6.85 47.43 -0.35
CA ALA D 466 7.41 47.20 -1.65
C ALA D 466 7.46 48.54 -2.44
N ASP D 467 6.32 49.22 -2.50
CA ASP D 467 6.24 50.47 -3.23
C ASP D 467 5.03 51.25 -2.78
N GLU D 468 5.21 52.54 -2.50
CA GLU D 468 4.19 53.31 -1.81
C GLU D 468 2.95 53.51 -2.68
N ASP D 469 3.17 53.69 -3.97
CA ASP D 469 2.10 53.79 -4.94
C ASP D 469 1.34 52.46 -4.96
N TYR D 470 2.08 51.37 -5.10
CA TYR D 470 1.51 50.00 -5.10
C TYR D 470 0.55 49.89 -3.93
N GLY D 471 1.07 50.15 -2.75
CA GLY D 471 0.30 50.03 -1.52
C GLY D 471 -0.90 50.97 -1.46
N GLN D 472 -0.71 52.23 -1.82
CA GLN D 472 -1.79 53.20 -1.73
C GLN D 472 -2.93 52.85 -2.69
N ARG D 473 -2.57 52.50 -3.93
CA ARG D 473 -3.55 52.13 -4.95
C ARG D 473 -4.39 50.95 -4.48
N LEU D 474 -3.72 49.99 -3.83
CA LEU D 474 -4.43 48.82 -3.35
C LEU D 474 -5.37 49.21 -2.24
N ALA D 475 -4.88 50.05 -1.33
CA ALA D 475 -5.71 50.51 -0.20
C ALA D 475 -6.97 51.27 -0.69
N ASP D 476 -6.78 52.19 -1.65
CA ASP D 476 -7.90 52.94 -2.26
C ASP D 476 -8.94 52.00 -2.83
N SER D 477 -8.46 51.02 -3.59
CA SER D 477 -9.32 50.07 -4.30
C SER D 477 -10.06 49.18 -3.29
N LEU D 478 -9.41 48.81 -2.19
CA LEU D 478 -10.10 48.11 -1.13
C LEU D 478 -10.94 49.01 -0.20
N GLY D 479 -10.86 50.32 -0.36
CA GLY D 479 -11.58 51.21 0.53
C GLY D 479 -11.02 51.21 1.94
N VAL D 480 -9.72 50.98 2.08
CA VAL D 480 -9.05 51.03 3.37
C VAL D 480 -8.30 52.36 3.44
N ASP D 481 -8.60 53.12 4.47
CA ASP D 481 -7.93 54.38 4.72
C ASP D 481 -6.67 54.07 5.51
N ILE D 482 -5.52 54.41 4.96
CA ILE D 482 -4.23 54.13 5.63
C ILE D 482 -3.48 55.40 6.02
N ARG D 483 -4.16 56.55 5.93
CA ARG D 483 -3.63 57.80 6.47
C ARG D 483 -3.52 57.50 7.94
N SER D 484 -2.44 57.84 8.61
CA SER D 484 -2.37 57.61 10.06
C SER D 484 -1.44 56.46 10.38
N TYR D 485 -1.23 55.58 9.39
CA TYR D 485 0.09 55.00 9.21
C TYR D 485 0.80 55.56 7.98
CHA HEM E . -19.40 4.70 -6.00
CHB HEM E . -19.04 0.42 -8.31
CHC HEM E . -23.62 1.08 -10.01
CHD HEM E . -24.19 4.68 -6.83
C1A HEM E . -18.91 3.52 -6.51
C2A HEM E . -17.60 3.03 -6.26
C3A HEM E . -17.52 1.84 -6.91
C4A HEM E . -18.76 1.55 -7.55
CMA HEM E . -16.34 0.91 -6.94
CAA HEM E . -16.52 3.69 -5.42
CBA HEM E . -16.94 3.51 -3.95
CGA HEM E . -15.91 3.87 -2.89
O1A HEM E . -16.21 3.95 -1.65
O2A HEM E . -14.75 4.05 -3.26
C1B HEM E . -20.28 0.24 -8.99
C2B HEM E . -20.58 -0.88 -9.85
C3B HEM E . -21.83 -0.68 -10.33
C4B HEM E . -22.32 0.58 -9.74
CMB HEM E . -19.74 -2.07 -10.24
CAB HEM E . -22.59 -1.55 -11.23
CBB HEM E . -22.08 -2.74 -11.48
C1C HEM E . -24.15 2.09 -9.27
C2C HEM E . -25.52 2.23 -9.06
C3C HEM E . -25.70 3.25 -8.15
C4C HEM E . -24.43 3.71 -7.76
CMC HEM E . -26.56 1.40 -9.78
CAC HEM E . -26.95 3.74 -7.59
CBC HEM E . -28.02 2.98 -7.73
C1D HEM E . -22.90 4.93 -6.37
C2D HEM E . -22.66 6.04 -5.45
C3D HEM E . -21.33 6.06 -5.23
C4D HEM E . -20.77 4.97 -6.03
CMD HEM E . -23.74 6.93 -4.89
CAD HEM E . -20.61 7.02 -4.35
CBD HEM E . -20.67 6.43 -2.93
CGD HEM E . -19.85 7.30 -2.04
O1D HEM E . -20.42 8.30 -1.60
O2D HEM E . -18.62 7.03 -1.78
NA HEM E . -19.62 2.60 -7.30
NB HEM E . -21.37 1.06 -8.97
NC HEM E . -23.52 2.93 -8.43
ND HEM E . -21.75 4.33 -6.69
FE HEM E . -21.55 2.82 -7.80
CHA HEM F . -19.33 4.12 -6.21
CHB HEM F . -24.06 4.34 -7.24
CHC HEM F . -23.56 0.41 -10.18
CHD HEM F . -18.96 -0.04 -8.64
C1A HEM F . -20.65 4.52 -6.29
C2A HEM F . -21.21 5.54 -5.48
C3A HEM F . -22.54 5.59 -5.77
C4A HEM F . -22.81 4.61 -6.74
CMA HEM F . -23.56 6.56 -5.21
CAA HEM F . -20.52 6.48 -4.53
CBA HEM F . -20.70 6.15 -3.03
CGA HEM F . -20.16 7.33 -2.25
O1A HEM F . -19.24 7.19 -1.38
O2A HEM F . -20.55 8.49 -2.53
C1B HEM F . -24.28 3.28 -8.16
C2B HEM F . -25.54 3.03 -8.70
C3B HEM F . -25.43 1.95 -9.58
C4B HEM F . -24.03 1.52 -9.48
CMB HEM F . -26.73 3.87 -8.36
CAB HEM F . -26.41 1.18 -10.33
CBB HEM F . -27.67 1.25 -9.90
C1C HEM F . -22.27 -0.09 -9.99
C2C HEM F . -21.82 -1.37 -10.39
C3C HEM F . -20.51 -1.51 -9.94
C4C HEM F . -20.17 -0.29 -9.25
CMC HEM F . -22.65 -2.37 -11.14
CAC HEM F . -19.65 -2.68 -10.05
CBC HEM F . -20.16 -3.83 -10.33
C1D HEM F . -18.75 1.08 -7.85
C2D HEM F . -17.41 1.32 -7.25
C3D HEM F . -17.50 2.49 -6.59
C4D HEM F . -18.90 2.94 -6.81
CMD HEM F . -16.22 0.41 -7.39
CAD HEM F . -16.44 3.21 -5.75
CBD HEM F . -16.74 2.87 -4.26
CGD HEM F . -15.67 3.26 -3.24
O1D HEM F . -15.91 3.32 -2.00
O2D HEM F . -14.52 3.56 -3.61
NA HEM F . -21.66 3.91 -6.99
NB HEM F . -23.44 2.37 -8.64
NC HEM F . -21.29 0.52 -9.25
ND HEM F . -19.60 2.07 -7.58
FE HEM F . -21.47 2.20 -8.04
C1 2CH G . -23.09 10.05 -19.09
C2 2CH G . -22.52 11.01 -18.28
C3 2CH G . -22.27 12.24 -18.88
C4 2CH G . -22.55 12.52 -20.22
C5 2CH G . -23.12 11.57 -21.05
C6 2CH G . -23.39 10.34 -20.49
O 2CH G . -23.41 8.80 -18.68
CL8 2CH G . -24.09 8.93 -21.37
CL CL H . 6.35 4.89 1.76
CL CL I . -15.26 -13.94 12.41
NA NA J . -47.64 1.42 12.30
CHA HEM K . -2.06 -20.64 0.50
CHB HEM K . -6.65 -19.77 1.66
CHC HEM K . -7.42 -24.63 1.83
CHD HEM K . -3.09 -25.34 -0.21
C1A HEM K . -3.22 -20.01 0.82
C2A HEM K . -3.34 -18.61 0.88
C3A HEM K . -4.65 -18.31 1.19
C4A HEM K . -5.33 -19.58 1.32
CMA HEM K . -5.30 -16.94 1.37
CAA HEM K . -2.17 -17.70 0.60
CBA HEM K . -2.14 -17.31 -0.88
CGA HEM K . -1.17 -16.20 -1.24
O1A HEM K . -0.79 -16.12 -2.43
O2A HEM K . -0.76 -15.38 -0.38
C1B HEM K . -7.21 -21.06 1.80
C2B HEM K . -8.55 -21.19 2.16
C3B HEM K . -8.79 -22.55 2.25
C4B HEM K . -7.54 -23.24 1.91
CMB HEM K . -9.49 -20.05 2.43
CAB HEM K . -10.02 -23.25 2.56
CBB HEM K . -11.14 -22.55 2.64
C1C HEM K . -6.34 -25.24 1.24
C2C HEM K . -6.36 -26.50 0.62
C3C HEM K . -5.13 -26.68 0.02
C4C HEM K . -4.34 -25.51 0.27
CMC HEM K . -7.54 -27.48 0.61
CAC HEM K . -4.71 -27.84 -0.75
CBC HEM K . -5.64 -28.69 -1.19
C1D HEM K . -2.49 -24.07 -0.15
C2D HEM K . -1.13 -23.85 -0.66
C3D HEM K . -0.82 -22.57 -0.48
C4D HEM K . -2.01 -22.01 0.20
CMD HEM K . -0.25 -24.88 -1.28
CAD HEM K . 0.54 -21.94 -0.84
CBD HEM K . 0.69 -21.70 -2.37
CGD HEM K . 2.14 -21.28 -2.65
O1D HEM K . 3.06 -22.16 -2.50
O2D HEM K . 2.43 -20.08 -2.97
NA HEM K . -4.44 -20.61 1.10
NB HEM K . -6.68 -22.29 1.67
NC HEM K . -5.13 -24.64 0.97
ND HEM K . -2.98 -22.96 0.38
FE HEM K . -4.72 -22.60 1.06
CHA HEM L . -1.88 -20.69 0.08
CHB HEM L . -3.12 -25.39 -0.45
CHC HEM L . -7.49 -24.34 1.45
CHD HEM L . -6.44 -19.61 1.36
C1A HEM L . -1.84 -22.06 -0.19
C2A HEM L . -0.76 -22.69 -0.84
C3A HEM L . -1.11 -23.99 -0.98
C4A HEM L . -2.41 -24.18 -0.45
CMA HEM L . -0.28 -25.06 -1.59
CAA HEM L . 0.57 -22.07 -1.25
CBA HEM L . 0.65 -21.73 -2.76
CGA HEM L . 1.95 -21.01 -3.04
O1A HEM L . 2.05 -19.76 -3.08
O2A HEM L . 2.99 -21.70 -3.15
C1B HEM L . -4.42 -25.49 0.03
C2B HEM L . -5.16 -26.71 0.10
C3B HEM L . -6.40 -26.44 0.68
C4B HEM L . -6.38 -24.99 0.92
CMB HEM L . -4.61 -28.03 -0.34
CAB HEM L . -7.64 -27.22 0.99
CBB HEM L . -7.95 -28.44 0.54
C1C HEM L . -7.60 -22.96 1.58
C2C HEM L . -8.80 -22.27 1.79
C3C HEM L . -8.48 -20.92 1.76
C4C HEM L . -7.10 -20.80 1.53
CMC HEM L . -10.14 -22.89 2.06
CAC HEM L . -9.41 -19.79 1.87
CBC HEM L . -10.70 -19.98 1.63
C1D HEM L . -5.10 -19.58 1.00
C2D HEM L . -4.37 -18.28 0.95
C3D HEM L . -3.10 -18.60 0.62
C4D HEM L . -3.06 -20.07 0.47
CMD HEM L . -5.02 -16.95 1.24
CAD HEM L . -1.90 -17.72 0.37
CBD HEM L . -1.66 -17.68 -1.15
CGD HEM L . -0.84 -16.49 -1.61
O1D HEM L . -0.34 -16.55 -2.77
O2D HEM L . -0.65 -15.49 -0.84
NA HEM L . -2.87 -22.97 -0.03
NB HEM L . -5.19 -24.50 0.50
NC HEM L . -6.64 -22.07 1.30
ND HEM L . -4.29 -20.61 0.65
FE HEM L . -4.70 -22.47 0.61
C1 2CH M . -1.82 -29.10 12.28
C2 2CH M . -0.53 -28.77 11.92
C3 2CH M . 0.48 -29.14 12.81
C4 2CH M . 0.22 -29.82 14.00
C5 2CH M . -1.10 -30.19 14.35
C6 2CH M . -2.14 -29.83 13.52
O 2CH M . -2.89 -28.83 11.51
CL8 2CH M . -3.91 -30.20 13.78
C1 2CH N . -16.71 -41.02 25.17
C2 2CH N . -15.40 -40.64 25.33
C3 2CH N . -14.40 -41.45 24.83
C4 2CH N . -14.68 -42.65 24.17
C5 2CH N . -15.98 -43.08 23.98
C6 2CH N . -16.98 -42.29 24.48
O 2CH N . -17.70 -40.22 25.66
CL8 2CH N . -18.65 -42.82 24.24
CL CL O . -11.85 -6.88 -19.81
NA NA P . -4.09 -41.23 -26.99
CHA HEM Q . 15.72 -2.43 13.15
CHB HEM Q . 18.34 0.01 9.88
CHC HEM Q . 22.31 -0.16 12.79
CHD HEM Q . 19.50 -2.13 16.19
C1A HEM Q . 16.08 -1.75 12.00
C2A HEM Q . 15.25 -1.43 10.88
C3A HEM Q . 16.01 -0.76 9.99
C4A HEM Q . 17.31 -0.66 10.53
CMA HEM Q . 15.63 -0.18 8.65
CAA HEM Q . 13.78 -1.77 10.70
CBA HEM Q . 13.04 -0.79 11.59
CGA HEM Q . 11.56 -1.09 11.59
O1A HEM Q . 10.91 -0.64 12.54
O2A HEM Q . 11.01 -1.78 10.69
C1B HEM Q . 19.63 0.17 10.45
C2B HEM Q . 20.70 0.90 9.79
C3B HEM Q . 21.77 0.81 10.57
C4B HEM Q . 21.39 0.06 11.78
CMB HEM Q . 20.70 1.58 8.47
CAB HEM Q . 23.09 1.42 10.38
CBB HEM Q . 23.20 2.29 9.39
C1C HEM Q . 21.87 -0.70 13.98
C2C HEM Q . 22.55 -0.56 15.20
C3C HEM Q . 21.73 -1.13 16.15
C4C HEM Q . 20.55 -1.60 15.53
CMC HEM Q . 23.90 0.07 15.47
CAC HEM Q . 22.04 -1.15 17.58
CBC HEM Q . 23.03 -0.38 17.98
C1D HEM Q . 18.26 -2.34 15.62
C2D HEM Q . 17.15 -2.88 16.40
C3D HEM Q . 16.11 -2.97 15.57
C4D HEM Q . 16.58 -2.49 14.26
CMD HEM Q . 17.16 -3.29 17.83
CAD HEM Q . 14.76 -3.52 15.95
CBD HEM Q . 13.79 -2.49 16.52
CGD HEM Q . 12.54 -3.21 16.84
O1D HEM Q . 12.68 -4.20 17.60
O2D HEM Q . 11.41 -2.88 16.37
NA HEM Q . 17.37 -1.32 11.73
NB HEM Q . 20.10 -0.31 11.60
NC HEM Q . 20.65 -1.32 14.19
ND HEM Q . 17.92 -2.16 14.35
FE HEM Q . 18.93 -1.31 13.01
CHA HEM R . 15.87 -2.21 13.28
CHB HEM R . 19.70 -1.59 16.21
CHC HEM R . 22.36 0.17 12.48
CHD HEM R . 18.20 0.45 9.94
C1A HEM R . 16.71 -2.24 14.38
C2A HEM R . 16.32 -2.68 15.66
C3A HEM R . 17.38 -2.49 16.49
C4A HEM R . 18.45 -1.93 15.73
CMA HEM R . 17.36 -2.87 17.95
CAA HEM R . 15.00 -3.27 16.05
CBA HEM R . 13.99 -2.26 16.58
CGA HEM R . 12.71 -2.95 16.93
O1A HEM R . 11.66 -2.84 16.23
O2A HEM R . 12.71 -3.67 17.96
C1B HEM R . 20.76 -1.08 15.43
C2B HEM R . 22.09 -0.88 15.93
C3B HEM R . 22.84 -0.42 14.89
C4B HEM R . 21.95 -0.32 13.73
CMB HEM R . 22.58 -1.13 17.35
CAB HEM R . 24.23 0.06 14.90
CBB HEM R . 24.80 0.54 15.99
C1C HEM R . 21.43 0.42 11.48
C2C HEM R . 21.64 1.25 10.39
C3C HEM R . 20.49 1.35 9.68
C4C HEM R . 19.51 0.58 10.34
CMC HEM R . 22.97 1.91 10.10
CAC HEM R . 20.24 2.15 8.48
CBC HEM R . 21.07 3.13 8.16
C1D HEM R . 17.27 -0.27 10.67
C2D HEM R . 15.94 -0.52 10.11
C3D HEM R . 15.30 -1.24 11.03
C4D HEM R . 16.24 -1.47 12.15
CMD HEM R . 15.44 0.00 8.79
CAD HEM R . 13.88 -1.75 10.95
CBD HEM R . 13.08 -0.69 11.68
CGD HEM R . 11.59 -0.97 11.60
O1D HEM R . 10.88 -0.45 12.46
O2D HEM R . 11.09 -1.70 10.70
NA HEM R . 18.01 -1.75 14.44
NB HEM R . 20.74 -0.75 14.12
NC HEM R . 20.09 0.08 11.47
ND HEM R . 17.43 -0.88 11.87
FE HEM R . 19.01 -0.78 12.97
C1 2CH S . 26.77 -12.08 11.78
C2 2CH S . 25.68 -12.76 12.28
C3 2CH S . 25.75 -14.14 12.31
C4 2CH S . 26.88 -14.84 11.87
C5 2CH S . 27.99 -14.19 11.39
C6 2CH S . 27.95 -12.80 11.33
O 2CH S . 26.75 -10.73 11.69
CL8 2CH S . 29.38 -11.87 10.75
CL CL T . -6.35 -4.93 -1.72
CL CL U . 3.34 20.70 11.80
CHA HEM V . 5.15 18.81 -7.19
CHB HEM V . 7.08 19.58 -2.83
CHC HEM V . 8.42 24.08 -4.26
CHD HEM V . 7.36 22.84 -8.80
C1A HEM V . 5.53 18.67 -5.88
C2A HEM V . 5.39 17.48 -5.12
C3A HEM V . 5.93 17.71 -3.90
C4A HEM V . 6.43 19.02 -3.91
CMA HEM V . 6.02 16.77 -2.71
CAA HEM V . 4.73 16.18 -5.53
CBA HEM V . 5.20 15.72 -6.92
CGA HEM V . 5.00 14.25 -7.08
O1A HEM V . 5.88 13.62 -7.71
O2A HEM V . 3.99 13.69 -6.60
C1B HEM V . 7.59 20.87 -2.88
C2B HEM V . 8.22 21.47 -1.77
C3B HEM V . 8.57 22.74 -2.15
C4B HEM V . 8.16 22.91 -3.54
CMB HEM V . 8.40 20.80 -0.45
CAB HEM V . 9.28 23.77 -1.42
CBB HEM V . 9.87 23.39 -0.30
C1C HEM V . 8.30 24.12 -5.64
C2C HEM V . 9.05 24.95 -6.47
C3C HEM V . 8.72 24.61 -7.77
C4C HEM V . 7.82 23.52 -7.71
CMC HEM V . 9.95 26.07 -6.03
CAC HEM V . 9.30 25.15 -8.99
CBC HEM V . 10.49 25.72 -8.86
C1D HEM V . 6.67 21.63 -8.66
C2D HEM V . 6.16 20.93 -9.84
C3D HEM V . 5.51 19.83 -9.41
C4D HEM V . 5.67 19.85 -7.95
CMD HEM V . 6.30 21.40 -11.24
CAD HEM V . 4.80 18.80 -10.23
CBD HEM V . 5.77 17.92 -11.03
CGD HEM V . 4.99 17.07 -11.96
O1D HEM V . 4.45 17.66 -12.91
O2D HEM V . 4.89 15.84 -11.82
NA HEM V . 6.16 19.63 -5.12
NB HEM V . 7.59 21.73 -3.89
NC HEM V . 7.60 23.23 -6.40
ND HEM V . 6.33 20.94 -7.55
FE HEM V . 6.90 21.39 -5.81
CHA HEM W . 5.56 18.52 -7.46
CHB HEM W . 7.74 22.65 -8.85
CHC HEM W . 8.81 23.59 -4.18
CHD HEM W . 7.14 19.24 -2.89
C1A HEM W . 6.01 19.56 -8.21
C2A HEM W . 5.89 19.66 -9.64
C3A HEM W . 6.51 20.81 -9.99
C4A HEM W . 7.01 21.46 -8.83
CMA HEM W . 6.65 21.35 -11.36
CAA HEM W . 5.17 18.67 -10.60
CBA HEM W . 6.11 17.60 -11.18
CGA HEM W . 5.41 16.59 -12.04
O1A HEM W . 5.21 15.40 -11.69
O2A HEM W . 5.08 16.96 -13.16
C1B HEM W . 8.22 23.27 -7.67
C2B HEM W . 8.91 24.52 -7.64
C3B HEM W . 9.18 24.79 -6.34
C4B HEM W . 8.67 23.65 -5.57
CMB HEM W . 9.22 25.40 -8.83
CAB HEM W . 9.93 25.90 -5.75
CBB HEM W . 10.81 26.62 -6.44
C1C HEM W . 8.45 22.49 -3.44
C2C HEM W . 8.90 22.24 -2.12
C3C HEM W . 8.42 21.00 -1.76
C4C HEM W . 7.70 20.47 -2.87
CMC HEM W . 9.71 23.20 -1.32
CAC HEM W . 8.69 20.29 -0.51
CBC HEM W . 9.75 20.68 0.22
C1D HEM W . 6.59 18.75 -4.08
C2D HEM W . 5.94 17.43 -4.07
C3D HEM W . 5.48 17.23 -5.32
C4D HEM W . 5.86 18.43 -6.10
CMD HEM W . 5.79 16.51 -2.87
CAD HEM W . 4.75 15.99 -5.82
CBD HEM W . 5.78 15.10 -6.54
CGD HEM W . 5.19 13.80 -7.00
O1D HEM W . 5.73 13.24 -7.97
O2D HEM W . 4.21 13.30 -6.43
NA HEM W . 6.74 20.65 -7.75
NB HEM W . 8.09 22.80 -6.43
NC HEM W . 7.80 21.36 -3.90
ND HEM W . 6.51 19.33 -5.31
FE HEM W . 7.31 20.98 -5.86
C1 2CH X . -2.07 31.17 -4.90
C2 2CH X . -2.87 30.44 -5.78
C3 2CH X . -4.14 30.94 -6.10
C4 2CH X . -4.64 32.16 -5.57
C5 2CH X . -3.88 32.92 -4.66
C6 2CH X . -2.61 32.43 -4.33
O 2CH X . -0.79 30.76 -4.52
CL8 2CH X . -1.48 33.27 -3.19
C1 2CH Y . 1.35 50.68 7.72
C2 2CH Y . 0.20 49.97 7.39
C3 2CH Y . -0.35 50.11 6.12
C4 2CH Y . 0.25 50.94 5.16
C5 2CH Y . 1.41 51.67 5.45
C6 2CH Y . 1.99 51.57 6.71
O 2CH Y . 1.90 50.54 8.95
CL8 2CH Y . 3.49 52.47 7.13
CL CL Z . 23.67 0.00 -4.25
#